data_9GC3
#
_entry.id   9GC3
#
_cell.length_a   1.00
_cell.length_b   1.00
_cell.length_c   1.00
_cell.angle_alpha   90.00
_cell.angle_beta   90.00
_cell.angle_gamma   90.00
#
_symmetry.space_group_name_H-M   'P 1'
#
loop_
_entity.id
_entity.type
_entity.pdbx_description
1 polymer 'Transcription factor tau 138 kDa subunit'
2 polymer 'Transcription factor tau 91 kDa subunit'
3 polymer 'Transcription factor tau 60 kDa subunit'
4 polymer 'DNA (40-MER)'
5 polymer 'DNA (40-MER)'
#
loop_
_entity_poly.entity_id
_entity_poly.type
_entity_poly.pdbx_seq_one_letter_code
_entity_poly.pdbx_strand_id
1 'polypeptide(L)'
;MVLTIYPDELVQIVSDKIASNKGKITLNQLWDISGKYFDLSDKKVKQFVLSCVILKKDIEVYCDGAITTKNVTDIIGDAN
HSYSVGITEDSLWTLLTGYTKKESTIGNSAFELLLEVAKSGEKGINTMDLAQVTGQDPRSVTGRIKKINHLLTSSQLIYK
GHVVKQLKLKKFSHDGVDSNPYINIRDHLATIVEVVKRSKNGIRQIIDLKRELKFDKEKRLSKAFIAAIAWLDEKEYLKK
VLVVSPKNPAIKIRCVKYVKDIPDSKGSPSFEYDSNSADEDSVSDSKAAFEDEDLVEGLDNFNATDLLQNQGLVMEEKED
AVKNEVLLNRFYPLQNQTYDIADKSGLKGISTMDVVNRITGKEFQRAFTKSSEYYLESVDKQKENTGGYRLFRIYDFEGK
KKFFRLFTAQNFQKLTNAEDEISVPKGFDELGKSRTDLKTLNEDNFVALNNTVRFTTDSDGQDIFFWHGELKIPPNSKKT
PNKNKRKRQVKNSTNASVAGNISNPKRIKLEQHVSTAQEPKSAEDSPSSNGGTVVKGKVVNFGGFSARSLRSLQRQRAIL
KVMNTIGGVAYLREQFYESVSKYMGSTTTLDKKTVRGDVDLMVESEKLGARTEPVSGRKIIFLPTVGEDAIQRYILKEKD
SKKATFTDVIHDTEIYFFDQTEKNRFHRGKKSVERIRKFQNRQKNAKIKASDDAISKKSTSVNVSDGKIKRRDKKVSAGR
TTVVVENTKEDKTVYHAGTKDGVQALIRAVVVTKSIKNEIMWDKITKLFPNNSLDNLKKKWTARRVRMGHSGWRAYVDKW
KKMLVLAIKSEKISLRDVEELDLIKLLDIWTSFDEKEIKRPLFLYKNYEENRKKFTLVRDDTLTHSGNDLAMSSMIQREI
SSLKKTYTRKISASTKDLSKSQSDDYIRTVIRSILIESPSTTRNEIEALKNVGNESIDNVIMDMAKEKQIYLHGSKLECT
DTLPDILENRGNYKDFGVAFQYRCKVNELLEAGNAIVINQEPSDISSWVLIDLISGELLNMDVIPMVRNVRPLTYTSRRF
EIRTLTPPLIIYANSQTKLNTARKSAVKVPLGKPFSRLWVNGSGSIRPNIWKQVVTMVVNEIIFHPGITLSRLQSRCREV
LSLHEISEICKWLLERQVLITTDFDGYWVNHNWYSIYESTENLYFQSMSASAWSHPQFEKGGGSGGGSGGSAWSHPQFEK
S
;
A
2 'polypeptide(L)'
;HHHHHHENLYFQGMAVIPAKKRGRPRKSVVAEVPYDSLASPVSENSGSKRPRRNASKKAVANFAQLVHAGRDDVINTTQV
NNVDDTDDDDFVLNDEGDGEESDNVEIEFENELESTKNEVADLNSSGSGASVRPSGRRNTVQKLRLKKNSTKNMKSSSPG
SSLGQKGRPIRLLKDLSSARDKIERIYGLNKEKLLLLAKVKEGFETSVFDFPFKNIQPDSPYFVCLDPPCKKESAYNKVI
GDKNRTVYHEINKTEFENMIKLRTKRLKLLIGEVDAEVSTGDKIEFPVLANGKRRGFIYNVGGLVTDIAWLNIEENTDIG
KDIQYLAVAVSQYMDEPLNEHLEMFDKEKHSSCIQIFKMNTSTLHCVKVQTIVHSFGEVWDLKWHEGCHAPHLVGCLSFV
SQEGTINFLEIIDNATDVHVFKMCEKPSLTLSLADSLITTFDFLSPTTVVCGFKNGFVAEFDLTDPEVPSFYDQVHDSYI
LSVSTAYSDFEDTVVSTVAVDGYFYIFNPKDIATTKTTVSRFRGSNLVPVVYCPQIYSYIYSDGASSLRAVPSRAAFAVH
PLVSRETTITAIGVSRLHPMVLAGSADGSLIITNAARRLLHGIKNSSATQKSLRLWKWDYSIKDDKYRIDSSYEVYPLTV
NDVSKAKIDAHGINITCTKWNETSAGGKCYAFSNSAGLLTLEYLS
;
B
3 'polypeptide(L)'
;MKLLKDLLVDRKEFEDWKNNLTWARDGTLYLTTFPDISIGQPKYAKDINCNSKNLFHVKEFPLEFENKLDFELAQQNGLL
NSQPVCYPRVCKPSPIDDWMAVLSNNGNVSVFKDNKMLTNLDSKGNLSSRTYHCFEWNPIESSIVVGNEDGELQFFSIRK
NSENTPEFYFESSIRLSDAGSKDWVTHIVWYEDVLVAALSNNSVFSMTVSASSHQPVSRMIQNASRRKITDLKIVDYKVV
LTCPGYVHKIDLKNYSISSLKTGSLENFHIIPLNHEKESTILLMSNKTSYKVLLEDELHVTADNIIAPYLEKKFKKWSTI
WNEFNNYETTLVIHGISLSPDGYSIAIVYDMERVAFKYKIASEQSFNIMFAPLYHTWTISERAVGLAWYQTYQIYNQSLP
KLPENFSMNKKLLNGNYPISLDFQSYLNALMKSEEMRIIMFLNMTIDKPSILSFLEALYEYAINKKSELTNSFDLACVLS
IAAILKREAPIYNGTLLMKNSFLEETFNLESFTADPETVTSTTNNTWKRCGVTLLPILTTHVKICPVSKQRVIDIKRDDL
NDYGWFTRGLLERFNEISVYCGTTLEVM
;
C
4 'polydeoxyribonucleotide'
;(DG)(DC)(DC)(DG)(DA)(DT)(DG)(DA)(DA)(DA)(DC)(DC)(DC)(DT)(DG)(DG)(DT)(DT)(DC)(DG)
(DA)(DT)(DT)(DC)(DT)(DA)(DG)(DG)(DA)(DG)(DA)(DT)(DG)(DG)(DC)(DA)(DT)(DT)(DT)(DT)
;
D
5 'polydeoxyribonucleotide'
;(DA)(DA)(DA)(DA)(DT)(DG)(DC)(DC)(DA)(DT)(DC)(DT)(DC)(DC)(DT)(DA)(DG)(DA)(DA)(DT)
(DC)(DG)(DA)(DA)(DC)(DC)(DA)(DG)(DG)(DG)(DT)(DT)(DT)(DC)(DA)(DT)(DC)(DG)(DG)(DC)
;
E
#
# COMPACT_ATOMS: atom_id res chain seq x y z
N MET A 1 22.76 45.39 26.48
CA MET A 1 23.94 44.76 25.83
C MET A 1 23.52 44.08 24.53
N VAL A 2 24.40 44.08 23.54
CA VAL A 2 24.19 43.33 22.27
C VAL A 2 24.43 41.85 22.57
N LEU A 3 23.41 41.03 22.34
CA LEU A 3 23.49 39.57 22.62
C LEU A 3 24.43 38.92 21.60
N THR A 4 25.13 37.87 22.00
CA THR A 4 26.03 37.12 21.10
C THR A 4 25.38 35.80 20.74
N ILE A 5 25.18 35.57 19.44
CA ILE A 5 24.68 34.28 18.89
C ILE A 5 25.59 33.87 17.74
N TYR A 6 25.46 32.62 17.31
CA TYR A 6 26.16 32.17 16.09
C TYR A 6 25.53 32.85 14.88
N PRO A 7 26.30 33.15 13.81
CA PRO A 7 25.71 33.67 12.58
C PRO A 7 24.62 32.76 11.98
N ASP A 8 24.76 31.44 12.07
CA ASP A 8 23.72 30.52 11.54
C ASP A 8 22.47 30.54 12.44
N GLU A 9 22.63 30.83 13.72
CA GLU A 9 21.49 30.99 14.66
C GLU A 9 20.72 32.26 14.25
N LEU A 10 21.36 33.33 13.83
CA LEU A 10 20.66 34.53 13.29
C LEU A 10 19.84 34.15 12.04
N VAL A 11 20.39 33.38 11.13
CA VAL A 11 19.71 33.01 9.86
C VAL A 11 18.48 32.16 10.17
N GLN A 12 18.54 31.30 11.18
CA GLN A 12 17.37 30.52 11.63
C GLN A 12 16.35 31.47 12.25
N ILE A 13 16.76 32.40 13.10
CA ILE A 13 15.85 33.36 13.79
C ILE A 13 15.12 34.20 12.75
N VAL A 14 15.81 34.67 11.72
CA VAL A 14 15.21 35.45 10.60
C VAL A 14 14.25 34.55 9.82
N SER A 15 14.63 33.31 9.50
CA SER A 15 13.75 32.34 8.79
C SER A 15 12.46 32.10 9.56
N ASP A 16 12.55 31.90 10.87
CA ASP A 16 11.41 31.66 11.80
C ASP A 16 10.59 32.95 12.02
N LYS A 17 10.96 34.07 11.40
CA LYS A 17 10.17 35.33 11.37
C LYS A 17 9.67 35.62 9.94
N ILE A 18 10.20 34.95 8.92
CA ILE A 18 9.63 34.96 7.55
C ILE A 18 8.45 33.98 7.56
N ALA A 19 8.64 32.73 7.98
CA ALA A 19 7.54 31.94 8.56
C ALA A 19 7.00 32.75 9.76
N SER A 20 5.72 32.68 10.10
CA SER A 20 5.13 33.56 11.17
C SER A 20 5.05 35.03 10.69
N ASN A 21 5.29 35.31 9.40
CA ASN A 21 4.81 36.56 8.75
C ASN A 21 4.34 36.24 7.33
N LYS A 22 3.81 35.02 7.12
CA LYS A 22 3.16 34.55 5.86
C LYS A 22 4.14 34.59 4.68
N GLY A 23 5.43 34.29 4.93
CA GLY A 23 6.45 33.92 3.92
C GLY A 23 7.28 35.10 3.42
N LYS A 24 7.18 36.29 4.01
CA LYS A 24 7.93 37.50 3.55
C LYS A 24 8.06 38.53 4.68
N ILE A 25 9.18 39.27 4.72
CA ILE A 25 9.39 40.42 5.66
C ILE A 25 10.05 41.58 4.91
N THR A 26 9.88 42.81 5.38
CA THR A 26 10.64 43.94 4.81
C THR A 26 12.08 43.88 5.31
N LEU A 27 12.99 44.50 4.57
CA LEU A 27 14.43 44.55 4.91
C LEU A 27 14.62 45.27 6.26
N ASN A 28 13.77 46.25 6.57
CA ASN A 28 13.84 46.97 7.88
C ASN A 28 13.51 46.04 9.05
N GLN A 29 12.66 45.03 8.85
CA GLN A 29 12.36 44.03 9.90
C GLN A 29 13.59 43.17 10.13
N LEU A 30 14.37 42.88 9.09
CA LEU A 30 15.64 42.13 9.24
C LEU A 30 16.63 42.96 10.05
N TRP A 31 16.74 44.28 9.84
CA TRP A 31 17.59 45.13 10.72
C TRP A 31 17.07 45.14 12.17
N ASP A 32 15.75 45.06 12.40
CA ASP A 32 15.18 45.03 13.77
C ASP A 32 15.50 43.70 14.45
N ILE A 33 15.50 42.61 13.72
CA ILE A 33 15.88 41.28 14.30
C ILE A 33 17.38 41.29 14.58
N SER A 34 18.20 41.55 13.57
CA SER A 34 19.67 41.39 13.62
C SER A 34 20.33 42.47 14.48
N GLY A 35 19.77 43.67 14.55
CA GLY A 35 20.27 44.74 15.44
C GLY A 35 20.28 44.34 16.92
N LYS A 36 19.49 43.35 17.31
CA LYS A 36 19.52 42.82 18.70
C LYS A 36 20.83 42.08 18.97
N TYR A 37 21.48 41.55 17.93
CA TYR A 37 22.54 40.54 18.06
C TYR A 37 23.88 41.00 17.46
N PHE A 38 23.89 41.96 16.54
CA PHE A 38 25.11 42.45 15.87
C PHE A 38 25.11 43.97 15.84
N ASP A 39 26.28 44.58 15.93
CA ASP A 39 26.40 46.07 15.88
C ASP A 39 26.31 46.51 14.41
N LEU A 40 25.12 46.88 13.96
CA LEU A 40 24.87 47.27 12.56
C LEU A 40 25.44 48.68 12.26
N SER A 41 26.05 49.38 13.22
CA SER A 41 26.70 50.69 12.96
C SER A 41 27.95 50.54 12.09
N ASP A 42 28.65 49.40 12.18
CA ASP A 42 29.79 49.07 11.30
C ASP A 42 29.24 48.55 9.96
N LYS A 43 29.53 49.27 8.88
CA LYS A 43 29.12 48.92 7.49
C LYS A 43 29.55 47.48 7.15
N LYS A 44 30.72 47.04 7.60
CA LYS A 44 31.25 45.69 7.28
C LYS A 44 30.42 44.62 8.00
N VAL A 45 29.99 44.90 9.23
CA VAL A 45 29.11 43.98 10.00
C VAL A 45 27.74 43.96 9.35
N LYS A 46 27.21 45.11 8.92
CA LYS A 46 25.88 45.18 8.26
C LYS A 46 25.90 44.37 6.96
N GLN A 47 26.94 44.50 6.15
CA GLN A 47 27.16 43.67 4.93
C GLN A 47 27.25 42.17 5.31
N PHE A 48 28.02 41.83 6.34
CA PHE A 48 28.17 40.43 6.82
C PHE A 48 26.80 39.86 7.24
N VAL A 49 26.04 40.60 8.05
CA VAL A 49 24.70 40.18 8.57
C VAL A 49 23.77 39.92 7.38
N LEU A 50 23.69 40.84 6.41
CA LEU A 50 22.80 40.65 5.25
C LEU A 50 23.28 39.45 4.42
N SER A 51 24.58 39.31 4.22
CA SER A 51 25.19 38.16 3.50
C SER A 51 24.83 36.83 4.16
N CYS A 52 24.90 36.73 5.49
CA CYS A 52 24.49 35.50 6.21
C CYS A 52 23.07 35.09 5.80
N VAL A 53 22.16 36.06 5.70
CA VAL A 53 20.72 35.79 5.44
C VAL A 53 20.50 35.51 3.95
N ILE A 54 20.87 36.42 3.06
CA ILE A 54 20.40 36.34 1.63
C ILE A 54 21.24 35.40 0.77
N LEU A 55 22.46 35.00 1.17
CA LEU A 55 23.26 34.02 0.38
C LEU A 55 22.84 32.57 0.70
N LYS A 56 21.95 32.35 1.67
CA LYS A 56 21.31 31.03 1.91
C LYS A 56 20.45 30.67 0.70
N LYS A 57 20.50 29.41 0.26
CA LYS A 57 19.93 28.94 -1.04
C LYS A 57 18.44 29.22 -1.14
N ASP A 58 17.69 29.07 -0.04
CA ASP A 58 16.20 29.10 -0.03
C ASP A 58 15.65 30.48 0.29
N ILE A 59 16.49 31.50 0.48
CA ILE A 59 16.02 32.89 0.73
C ILE A 59 16.01 33.67 -0.58
N GLU A 60 14.93 34.42 -0.82
CA GLU A 60 14.75 35.28 -2.01
C GLU A 60 14.72 36.76 -1.58
N VAL A 61 15.34 37.65 -2.34
CA VAL A 61 15.15 39.12 -2.12
C VAL A 61 14.39 39.73 -3.30
N TYR A 62 13.42 40.58 -2.97
CA TYR A 62 12.58 41.29 -3.96
C TYR A 62 12.84 42.79 -3.86
N CYS A 63 13.04 43.44 -5.00
CA CYS A 63 13.01 44.91 -5.13
C CYS A 63 11.65 45.31 -5.74
N ASP A 64 10.84 46.05 -4.98
CA ASP A 64 9.44 46.43 -5.33
C ASP A 64 8.64 45.19 -5.77
N GLY A 65 8.91 44.03 -5.19
CA GLY A 65 8.19 42.77 -5.46
C GLY A 65 8.83 41.92 -6.55
N ALA A 66 9.83 42.43 -7.28
CA ALA A 66 10.52 41.69 -8.36
C ALA A 66 11.82 41.07 -7.83
N ILE A 67 12.04 39.77 -8.05
CA ILE A 67 13.26 39.06 -7.56
C ILE A 67 14.51 39.75 -8.14
N THR A 68 15.54 39.96 -7.31
CA THR A 68 16.73 40.79 -7.66
C THR A 68 18.04 40.06 -7.31
N THR A 69 19.16 40.57 -7.80
CA THR A 69 20.42 39.80 -8.05
C THR A 69 21.33 39.71 -6.81
N LYS A 70 20.82 39.94 -5.59
CA LYS A 70 21.52 39.67 -4.28
C LYS A 70 22.88 40.40 -4.19
N ASN A 71 23.03 41.58 -4.80
CA ASN A 71 24.25 42.42 -4.63
C ASN A 71 24.18 43.10 -3.26
N VAL A 72 24.81 42.50 -2.24
CA VAL A 72 24.74 42.96 -0.82
C VAL A 72 25.17 44.42 -0.70
N THR A 73 26.25 44.82 -1.36
CA THR A 73 26.81 46.19 -1.26
C THR A 73 25.87 47.19 -1.96
N ASP A 74 25.10 46.75 -2.94
CA ASP A 74 24.06 47.58 -3.62
C ASP A 74 22.86 47.74 -2.68
N ILE A 75 22.30 46.62 -2.20
CA ILE A 75 21.06 46.59 -1.36
C ILE A 75 21.22 47.52 -0.15
N ILE A 76 22.40 47.53 0.50
CA ILE A 76 22.64 48.34 1.73
C ILE A 76 22.80 49.82 1.38
N GLY A 77 23.32 50.15 0.18
CA GLY A 77 23.54 51.55 -0.27
C GLY A 77 22.32 52.16 -0.95
N ASP A 78 21.51 51.33 -1.60
CA ASP A 78 20.39 51.76 -2.48
C ASP A 78 19.20 52.25 -1.65
N ALA A 79 19.03 53.56 -1.55
CA ALA A 79 17.91 54.22 -0.85
C ALA A 79 16.70 54.39 -1.79
N ASN A 80 16.85 54.11 -3.08
CA ASN A 80 15.86 54.50 -4.12
C ASN A 80 14.68 53.53 -4.15
N HIS A 81 14.81 52.34 -3.57
CA HIS A 81 13.81 51.27 -3.71
C HIS A 81 13.55 50.61 -2.36
N SER A 82 12.44 49.90 -2.27
CA SER A 82 12.04 49.12 -1.09
C SER A 82 12.44 47.65 -1.31
N TYR A 83 13.09 47.07 -0.31
CA TYR A 83 13.56 45.66 -0.39
C TYR A 83 12.81 44.83 0.63
N SER A 84 12.61 43.56 0.28
CA SER A 84 11.92 42.59 1.15
C SER A 84 12.51 41.20 0.94
N VAL A 85 12.40 40.36 1.95
CA VAL A 85 13.08 39.05 2.05
C VAL A 85 11.98 38.01 2.21
N GLY A 86 11.98 36.97 1.39
CA GLY A 86 11.06 35.83 1.54
C GLY A 86 11.79 34.53 1.45
N ILE A 87 11.07 33.43 1.41
CA ILE A 87 11.68 32.08 1.26
C ILE A 87 10.92 31.27 0.23
N THR A 88 11.58 30.24 -0.29
CA THR A 88 10.94 29.25 -1.17
C THR A 88 9.81 28.56 -0.41
N GLU A 89 8.81 28.13 -1.18
CA GLU A 89 7.60 27.48 -0.62
C GLU A 89 7.99 26.24 0.16
N ASP A 90 8.91 25.42 -0.35
CA ASP A 90 9.35 24.20 0.35
C ASP A 90 10.09 24.55 1.64
N SER A 91 10.78 25.68 1.70
CA SER A 91 11.41 26.15 2.96
C SER A 91 10.32 26.56 3.96
N LEU A 92 9.31 27.28 3.47
CA LEU A 92 8.15 27.72 4.30
C LEU A 92 7.42 26.49 4.83
N TRP A 93 7.20 25.49 3.99
CA TRP A 93 6.57 24.22 4.44
C TRP A 93 7.46 23.49 5.44
N THR A 94 8.78 23.52 5.22
CA THR A 94 9.72 22.77 6.09
C THR A 94 9.80 23.45 7.47
N LEU A 95 9.87 24.78 7.51
CA LEU A 95 9.94 25.52 8.81
C LEU A 95 8.69 25.24 9.64
N LEU A 96 7.52 25.30 9.00
CA LEU A 96 6.22 25.20 9.72
C LEU A 96 5.84 23.73 9.96
N THR A 97 6.12 22.79 9.05
CA THR A 97 5.58 21.40 9.19
C THR A 97 6.67 20.37 9.41
N GLY A 98 7.94 20.67 9.09
CA GLY A 98 9.02 19.67 9.15
C GLY A 98 9.14 18.87 7.88
N TYR A 99 8.31 19.14 6.88
CA TYR A 99 8.32 18.40 5.60
C TYR A 99 8.11 19.39 4.47
N THR A 100 8.52 19.02 3.27
CA THR A 100 8.25 19.82 2.06
C THR A 100 6.77 19.71 1.70
N LYS A 101 6.32 20.57 0.80
CA LYS A 101 4.91 20.60 0.35
C LYS A 101 4.53 19.25 -0.25
N LYS A 102 5.40 18.68 -1.08
CA LYS A 102 5.16 17.38 -1.73
C LYS A 102 5.03 16.29 -0.67
N GLU A 103 5.94 16.26 0.29
CA GLU A 103 6.01 15.11 1.23
C GLU A 103 4.98 15.27 2.35
N SER A 104 4.68 16.49 2.76
CA SER A 104 3.76 16.76 3.89
C SER A 104 2.35 16.25 3.57
N THR A 105 1.73 15.58 4.52
CA THR A 105 0.37 15.01 4.39
C THR A 105 -0.70 16.02 4.81
N ILE A 106 -0.37 17.31 4.92
CA ILE A 106 -1.24 18.28 5.62
C ILE A 106 -2.32 18.79 4.67
N GLY A 107 -1.99 19.16 3.46
CA GLY A 107 -3.04 19.69 2.57
C GLY A 107 -3.05 21.21 2.57
N ASN A 108 -3.31 21.81 1.40
CA ASN A 108 -3.20 23.27 1.21
C ASN A 108 -4.10 24.03 2.19
N SER A 109 -5.31 23.58 2.37
CA SER A 109 -6.28 24.28 3.22
C SER A 109 -5.82 24.26 4.69
N ALA A 110 -5.32 23.16 5.21
CA ALA A 110 -4.82 23.10 6.60
C ALA A 110 -3.53 23.93 6.71
N PHE A 111 -2.76 24.08 5.64
CA PHE A 111 -1.55 24.93 5.67
C PHE A 111 -1.91 26.41 5.66
N GLU A 112 -2.97 26.82 4.97
CA GLU A 112 -3.46 28.22 5.09
C GLU A 112 -3.84 28.53 6.54
N LEU A 113 -4.40 27.57 7.29
CA LEU A 113 -4.74 27.77 8.72
C LEU A 113 -3.46 27.89 9.53
N LEU A 114 -2.49 27.01 9.29
CA LEU A 114 -1.20 27.02 10.03
C LEU A 114 -0.44 28.33 9.79
N LEU A 115 -0.51 28.89 8.59
CA LEU A 115 0.12 30.20 8.31
C LEU A 115 -0.53 31.29 9.16
N GLU A 116 -1.86 31.30 9.31
CA GLU A 116 -2.56 32.30 10.15
C GLU A 116 -2.30 32.02 11.63
N VAL A 117 -2.28 30.76 12.05
CA VAL A 117 -1.91 30.44 13.44
C VAL A 117 -0.47 30.90 13.71
N ALA A 118 0.44 30.70 12.77
CA ALA A 118 1.87 31.10 12.90
C ALA A 118 1.96 32.63 12.94
N LYS A 119 1.23 33.35 12.09
CA LYS A 119 1.24 34.84 12.09
C LYS A 119 0.67 35.39 13.40
N SER A 120 -0.21 34.67 14.09
CA SER A 120 -0.85 35.18 15.33
C SER A 120 0.16 35.24 16.48
N GLY A 121 1.25 34.47 16.42
CA GLY A 121 2.31 34.45 17.45
C GLY A 121 1.80 33.99 18.80
N GLU A 122 2.36 34.54 19.88
CA GLU A 122 2.06 34.09 21.28
C GLU A 122 0.63 34.44 21.68
N LYS A 123 0.03 35.45 21.03
CA LYS A 123 -1.37 35.84 21.29
C LYS A 123 -2.29 34.70 20.89
N GLY A 124 -1.97 34.02 19.77
CA GLY A 124 -2.82 32.98 19.19
C GLY A 124 -4.03 33.55 18.47
N ILE A 125 -4.81 32.66 17.89
CA ILE A 125 -6.06 32.99 17.17
C ILE A 125 -7.14 31.99 17.55
N ASN A 126 -8.38 32.45 17.68
CA ASN A 126 -9.51 31.55 17.97
C ASN A 126 -10.02 30.95 16.66
N THR A 127 -10.65 29.80 16.75
CA THR A 127 -11.15 29.00 15.60
C THR A 127 -12.22 29.77 14.82
N MET A 128 -12.96 30.66 15.45
CA MET A 128 -13.99 31.46 14.76
C MET A 128 -13.33 32.59 13.95
N ASP A 129 -12.42 33.35 14.55
CA ASP A 129 -11.64 34.39 13.81
C ASP A 129 -10.73 33.74 12.76
N LEU A 130 -10.20 32.55 13.05
CA LEU A 130 -9.37 31.82 12.09
C LEU A 130 -10.17 31.48 10.83
N ALA A 131 -11.39 30.99 10.99
CA ALA A 131 -12.29 30.71 9.83
C ALA A 131 -12.60 32.00 9.07
N GLN A 132 -12.92 33.08 9.78
CA GLN A 132 -13.31 34.35 9.14
C GLN A 132 -12.10 34.96 8.42
N VAL A 133 -10.91 34.91 9.02
CA VAL A 133 -9.69 35.54 8.44
C VAL A 133 -9.25 34.76 7.19
N THR A 134 -9.28 33.43 7.21
CA THR A 134 -8.94 32.58 6.04
C THR A 134 -10.12 32.43 5.07
N GLY A 135 -11.35 32.74 5.48
CA GLY A 135 -12.53 32.62 4.59
C GLY A 135 -12.90 31.16 4.36
N GLN A 136 -12.35 30.25 5.15
CA GLN A 136 -12.68 28.82 5.06
C GLN A 136 -14.02 28.56 5.75
N ASP A 137 -14.73 27.55 5.28
CA ASP A 137 -16.04 27.17 5.84
C ASP A 137 -15.81 26.64 7.25
N PRO A 138 -16.51 27.19 8.26
CA PRO A 138 -16.49 26.59 9.59
C PRO A 138 -16.84 25.10 9.68
N ARG A 139 -17.58 24.60 8.72
CA ARG A 139 -17.86 23.15 8.67
C ARG A 139 -16.59 22.35 8.39
N SER A 140 -15.52 22.94 7.83
CA SER A 140 -14.26 22.24 7.42
C SER A 140 -13.07 22.61 8.32
N VAL A 141 -13.12 23.76 8.96
CA VAL A 141 -11.95 24.35 9.67
C VAL A 141 -11.51 23.42 10.79
N THR A 142 -12.43 22.90 11.58
CA THR A 142 -12.04 22.09 12.76
C THR A 142 -11.58 20.70 12.32
N GLY A 143 -12.11 20.19 11.21
CA GLY A 143 -11.60 18.93 10.64
C GLY A 143 -10.19 19.10 10.10
N ARG A 144 -9.89 20.25 9.52
CA ARG A 144 -8.53 20.56 9.02
C ARG A 144 -7.58 20.79 10.20
N ILE A 145 -8.04 21.39 11.28
CA ILE A 145 -7.20 21.62 12.48
C ILE A 145 -6.75 20.28 13.04
N LYS A 146 -7.63 19.29 13.02
CA LYS A 146 -7.26 17.93 13.52
C LYS A 146 -5.98 17.44 12.83
N LYS A 147 -5.77 17.80 11.57
CA LYS A 147 -4.62 17.29 10.80
C LYS A 147 -3.36 18.12 11.03
N ILE A 148 -3.47 19.29 11.68
CA ILE A 148 -2.27 20.09 12.04
C ILE A 148 -2.13 20.16 13.57
N ASN A 149 -3.06 19.60 14.33
CA ASN A 149 -3.14 19.79 15.80
C ASN A 149 -1.85 19.36 16.49
N HIS A 150 -1.10 18.43 15.91
CA HIS A 150 0.23 18.02 16.44
C HIS A 150 1.22 19.18 16.39
N LEU A 151 1.01 20.17 15.54
CA LEU A 151 1.87 21.36 15.45
C LEU A 151 1.39 22.46 16.38
N LEU A 152 0.24 22.29 17.04
CA LEU A 152 -0.41 23.36 17.81
C LEU A 152 -0.52 22.98 19.28
N THR A 153 -0.81 23.97 20.10
CA THR A 153 -1.48 23.79 21.41
C THR A 153 -2.78 24.56 21.38
N SER A 154 -3.78 24.06 22.08
CA SER A 154 -5.11 24.66 22.11
C SER A 154 -5.70 24.59 23.52
N SER A 155 -6.60 25.53 23.79
CA SER A 155 -7.43 25.55 25.00
C SER A 155 -8.82 26.04 24.60
N GLN A 156 -9.82 25.65 25.36
CA GLN A 156 -11.21 26.11 25.11
C GLN A 156 -11.38 27.53 25.65
N LEU A 157 -12.25 28.27 24.98
CA LEU A 157 -12.51 29.70 25.25
C LEU A 157 -13.97 29.93 24.91
N ILE A 158 -14.57 30.96 25.50
CA ILE A 158 -15.86 31.49 25.02
C ILE A 158 -15.61 32.81 24.30
N TYR A 159 -16.06 32.90 23.05
CA TYR A 159 -15.94 34.11 22.21
C TYR A 159 -17.27 34.32 21.51
N LYS A 160 -17.76 35.57 21.52
CA LYS A 160 -19.06 35.95 20.91
C LYS A 160 -20.16 34.91 21.24
N GLY A 161 -20.07 34.29 22.40
CA GLY A 161 -21.14 33.43 22.91
C GLY A 161 -20.99 32.00 22.47
N HIS A 162 -19.85 31.63 21.91
CA HIS A 162 -19.59 30.25 21.45
C HIS A 162 -18.34 29.73 22.13
N VAL A 163 -18.36 28.47 22.49
CA VAL A 163 -17.11 27.80 22.93
C VAL A 163 -16.24 27.55 21.70
N VAL A 164 -15.01 28.07 21.74
CA VAL A 164 -14.06 27.96 20.62
C VAL A 164 -12.73 27.52 21.20
N LYS A 165 -11.83 27.11 20.32
CA LYS A 165 -10.43 26.81 20.67
C LYS A 165 -9.55 27.98 20.30
N GLN A 166 -8.76 28.47 21.26
CA GLN A 166 -7.60 29.36 21.01
C GLN A 166 -6.46 28.47 20.52
N LEU A 167 -5.78 28.91 19.46
CA LEU A 167 -4.72 28.08 18.82
C LEU A 167 -3.41 28.87 18.82
N LYS A 168 -2.33 28.18 19.11
CA LYS A 168 -0.97 28.75 19.02
C LYS A 168 -0.04 27.69 18.46
N LEU A 169 1.08 28.11 17.88
CA LEU A 169 2.17 27.15 17.57
C LEU A 169 2.63 26.53 18.88
N LYS A 170 3.01 25.26 18.85
CA LYS A 170 3.34 24.45 20.04
C LYS A 170 4.50 25.06 20.83
N LYS A 171 5.38 25.83 20.21
CA LYS A 171 6.53 26.49 20.89
C LYS A 171 6.05 27.51 21.93
N PHE A 172 4.81 28.01 21.82
CA PHE A 172 4.20 28.94 22.81
C PHE A 172 3.37 28.18 23.86
N SER A 173 3.50 26.85 23.96
CA SER A 173 2.93 26.08 25.08
C SER A 173 3.52 26.59 26.41
N HIS A 174 2.66 26.94 27.35
CA HIS A 174 3.07 27.35 28.72
C HIS A 174 2.70 26.22 29.69
N ASP A 175 3.64 25.85 30.55
CA ASP A 175 3.44 24.76 31.55
C ASP A 175 2.57 25.27 32.72
N GLY A 176 2.48 26.59 32.90
CA GLY A 176 1.69 27.22 33.98
C GLY A 176 0.21 26.94 33.86
N VAL A 177 -0.49 26.88 34.98
CA VAL A 177 -1.95 26.63 35.01
C VAL A 177 -2.66 27.86 34.42
N ASP A 178 -3.72 27.62 33.66
CA ASP A 178 -4.52 28.70 33.03
C ASP A 178 -5.12 29.59 34.12
N SER A 179 -5.16 30.90 33.86
CA SER A 179 -5.85 31.90 34.70
C SER A 179 -7.37 31.74 34.59
N ASN A 180 -7.89 31.27 33.45
CA ASN A 180 -9.34 31.16 33.18
C ASN A 180 -9.63 29.79 32.58
N PRO A 181 -9.48 28.68 33.34
CA PRO A 181 -9.74 27.35 32.80
C PRO A 181 -11.23 27.19 32.49
N TYR A 182 -11.56 26.80 31.26
CA TYR A 182 -12.96 26.66 30.80
C TYR A 182 -13.61 25.47 31.52
N ILE A 183 -14.71 25.74 32.24
CA ILE A 183 -15.51 24.70 32.95
C ILE A 183 -16.84 24.52 32.23
N ASN A 184 -17.13 23.28 31.85
CA ASN A 184 -18.44 22.89 31.28
C ASN A 184 -19.23 22.15 32.36
N ILE A 185 -20.43 22.64 32.69
CA ILE A 185 -21.32 22.02 33.72
C ILE A 185 -21.57 20.54 33.39
N ARG A 186 -21.64 20.18 32.10
CA ARG A 186 -21.99 18.80 31.64
C ARG A 186 -20.91 17.79 32.04
N ASP A 187 -19.70 18.24 32.38
CA ASP A 187 -18.65 17.35 32.90
C ASP A 187 -18.92 16.96 34.36
N HIS A 188 -19.73 17.71 35.09
CA HIS A 188 -19.86 17.57 36.57
C HIS A 188 -21.19 16.93 36.97
N LEU A 189 -22.00 16.48 36.01
CA LEU A 189 -23.35 15.94 36.30
C LEU A 189 -23.28 14.80 37.32
N ALA A 190 -22.30 13.92 37.17
CA ALA A 190 -22.08 12.77 38.08
C ALA A 190 -21.83 13.26 39.51
N THR A 191 -21.05 14.35 39.65
CA THR A 191 -20.77 14.96 40.97
C THR A 191 -22.06 15.58 41.52
N ILE A 192 -22.80 16.31 40.69
CA ILE A 192 -24.06 16.98 41.12
C ILE A 192 -25.04 15.92 41.61
N VAL A 193 -25.20 14.84 40.85
CA VAL A 193 -26.11 13.72 41.25
C VAL A 193 -25.59 13.09 42.54
N GLU A 194 -24.30 12.81 42.62
CA GLU A 194 -23.71 12.13 43.82
C GLU A 194 -23.89 12.99 45.06
N VAL A 195 -23.74 14.31 44.95
CA VAL A 195 -23.91 15.21 46.13
C VAL A 195 -25.38 15.18 46.56
N VAL A 196 -26.30 15.14 45.61
CA VAL A 196 -27.75 14.99 45.95
C VAL A 196 -27.97 13.59 46.51
N LYS A 197 -27.38 12.56 45.91
CA LYS A 197 -27.54 11.16 46.36
C LYS A 197 -27.05 11.03 47.81
N ARG A 198 -25.91 11.63 48.13
CA ARG A 198 -25.28 11.52 49.47
C ARG A 198 -25.95 12.47 50.48
N SER A 199 -26.75 13.43 50.05
CA SER A 199 -27.42 14.39 50.97
C SER A 199 -28.43 13.63 51.86
N LYS A 200 -28.61 14.13 53.08
CA LYS A 200 -29.29 13.44 54.20
C LYS A 200 -30.55 12.71 53.73
N ASN A 201 -31.45 13.38 53.02
CA ASN A 201 -32.74 12.78 52.58
C ASN A 201 -32.77 12.62 51.07
N GLY A 202 -31.62 12.69 50.39
CA GLY A 202 -31.55 12.65 48.93
C GLY A 202 -32.15 13.90 48.29
N ILE A 203 -32.28 15.00 49.03
CA ILE A 203 -32.87 16.26 48.52
C ILE A 203 -31.91 17.39 48.85
N ARG A 204 -31.81 18.37 47.95
CA ARG A 204 -31.06 19.61 48.22
C ARG A 204 -31.91 20.82 47.85
N GLN A 205 -31.79 21.89 48.63
CA GLN A 205 -32.20 23.25 48.21
C GLN A 205 -31.34 23.59 46.98
N ILE A 206 -31.96 23.91 45.84
CA ILE A 206 -31.22 24.11 44.56
C ILE A 206 -30.21 25.25 44.70
N ILE A 207 -30.59 26.36 45.33
CA ILE A 207 -29.71 27.55 45.53
C ILE A 207 -28.53 27.14 46.42
N ASP A 208 -28.76 26.26 47.39
CA ASP A 208 -27.72 25.79 48.34
C ASP A 208 -26.67 24.97 47.58
N LEU A 209 -27.11 24.08 46.69
CA LEU A 209 -26.17 23.26 45.87
C LEU A 209 -25.42 24.19 44.89
N LYS A 210 -26.10 25.18 44.33
CA LYS A 210 -25.50 26.20 43.43
C LYS A 210 -24.37 26.93 44.17
N ARG A 211 -24.59 27.26 45.45
CA ARG A 211 -23.60 27.97 46.29
C ARG A 211 -22.50 27.00 46.77
N GLU A 212 -22.83 25.78 47.16
CA GLU A 212 -21.82 24.81 47.65
C GLU A 212 -20.84 24.44 46.54
N LEU A 213 -21.34 24.19 45.33
CA LEU A 213 -20.45 23.88 44.17
C LEU A 213 -19.88 25.17 43.56
N LYS A 214 -20.18 26.34 44.14
CA LYS A 214 -19.61 27.68 43.80
C LYS A 214 -19.88 28.04 42.32
N PHE A 215 -21.01 27.60 41.78
CA PHE A 215 -21.47 27.97 40.41
C PHE A 215 -22.12 29.36 40.40
N ASP A 216 -22.27 30.00 41.57
CA ASP A 216 -22.72 31.42 41.68
C ASP A 216 -21.63 32.40 41.19
N LYS A 217 -20.38 31.95 41.00
CA LYS A 217 -19.21 32.81 40.61
C LYS A 217 -19.43 33.52 39.26
N GLU A 218 -20.20 32.95 38.34
CA GLU A 218 -20.49 33.55 37.02
C GLU A 218 -21.99 33.44 36.71
N LYS A 219 -22.58 34.46 36.08
CA LYS A 219 -23.97 34.35 35.55
C LYS A 219 -24.05 33.16 34.59
N ARG A 220 -22.99 32.92 33.82
CA ARG A 220 -22.85 31.72 32.94
C ARG A 220 -22.98 30.44 33.77
N LEU A 221 -22.16 30.26 34.82
CA LEU A 221 -22.18 29.02 35.63
C LEU A 221 -23.52 28.89 36.37
N SER A 222 -24.13 29.99 36.80
CA SER A 222 -25.50 30.03 37.40
C SER A 222 -26.52 29.45 36.40
N LYS A 223 -26.62 30.03 35.20
CA LYS A 223 -27.50 29.52 34.10
C LYS A 223 -27.16 28.06 33.80
N ALA A 224 -25.89 27.71 33.67
CA ALA A 224 -25.40 26.38 33.27
C ALA A 224 -25.81 25.33 34.31
N PHE A 225 -25.58 25.59 35.59
CA PHE A 225 -25.99 24.71 36.71
C PHE A 225 -27.51 24.52 36.71
N ILE A 226 -28.28 25.59 36.55
CA ILE A 226 -29.76 25.53 36.48
C ILE A 226 -30.18 24.65 35.29
N ALA A 227 -29.59 24.87 34.11
CA ALA A 227 -29.87 24.05 32.90
C ALA A 227 -29.47 22.58 33.12
N ALA A 228 -28.39 22.31 33.88
CA ALA A 228 -27.95 20.94 34.22
C ALA A 228 -29.00 20.28 35.15
N ILE A 229 -29.46 20.98 36.18
CA ILE A 229 -30.55 20.46 37.08
C ILE A 229 -31.81 20.23 36.24
N ALA A 230 -32.16 21.14 35.33
CA ALA A 230 -33.35 20.99 34.45
C ALA A 230 -33.19 19.78 33.53
N TRP A 231 -31.99 19.54 33.00
CA TRP A 231 -31.73 18.37 32.12
C TRP A 231 -31.79 17.08 32.93
N LEU A 232 -31.19 17.06 34.13
CA LEU A 232 -31.23 15.86 35.00
C LEU A 232 -32.66 15.57 35.44
N ASP A 233 -33.50 16.60 35.58
CA ASP A 233 -34.95 16.40 35.83
C ASP A 233 -35.63 15.85 34.57
N GLU A 234 -35.39 16.47 33.42
CA GLU A 234 -36.05 16.08 32.15
C GLU A 234 -35.70 14.62 31.81
N LYS A 235 -34.47 14.19 32.04
CA LYS A 235 -34.05 12.79 31.79
C LYS A 235 -34.27 11.93 33.04
N GLU A 236 -34.84 12.49 34.11
CA GLU A 236 -35.23 11.76 35.34
C GLU A 236 -34.02 11.06 35.98
N TYR A 237 -32.82 11.62 35.86
CA TYR A 237 -31.70 11.22 36.74
C TYR A 237 -31.95 11.80 38.14
N LEU A 238 -32.50 13.02 38.18
CA LEU A 238 -33.00 13.65 39.42
C LEU A 238 -34.47 14.02 39.22
N LYS A 239 -35.10 14.57 40.25
CA LYS A 239 -36.44 15.18 40.08
C LYS A 239 -36.51 16.46 40.90
N LYS A 240 -37.08 17.51 40.31
CA LYS A 240 -37.41 18.75 41.03
C LYS A 240 -38.62 18.50 41.93
N VAL A 241 -38.56 19.01 43.15
CA VAL A 241 -39.68 18.91 44.13
C VAL A 241 -39.77 20.22 44.89
N LEU A 242 -40.97 20.55 45.35
CA LEU A 242 -41.20 21.68 46.28
C LEU A 242 -41.35 21.11 47.69
N VAL A 243 -40.53 21.62 48.60
CA VAL A 243 -40.57 21.23 50.03
C VAL A 243 -41.19 22.38 50.82
N VAL A 244 -42.33 22.10 51.44
CA VAL A 244 -42.96 22.95 52.49
C VAL A 244 -42.16 22.78 53.78
N SER A 245 -41.74 23.88 54.40
CA SER A 245 -40.98 23.83 55.67
C SER A 245 -41.81 23.18 56.78
N PRO A 246 -41.27 22.21 57.55
CA PRO A 246 -41.97 21.66 58.71
C PRO A 246 -42.07 22.65 59.87
N LYS A 247 -41.29 23.75 59.83
CA LYS A 247 -41.22 24.79 60.90
C LYS A 247 -42.17 25.95 60.58
N ASN A 248 -42.47 26.20 59.30
CA ASN A 248 -43.42 27.25 58.85
C ASN A 248 -44.06 26.83 57.51
N PRO A 249 -45.32 26.32 57.50
CA PRO A 249 -45.90 25.74 56.28
C PRO A 249 -46.27 26.76 55.17
N ALA A 250 -46.14 28.06 55.44
CA ALA A 250 -46.27 29.13 54.43
C ALA A 250 -45.05 29.15 53.49
N ILE A 251 -43.93 28.54 53.88
CA ILE A 251 -42.63 28.67 53.15
C ILE A 251 -42.37 27.42 52.29
N LYS A 252 -42.24 27.64 50.99
CA LYS A 252 -41.88 26.61 49.97
C LYS A 252 -40.59 27.02 49.27
N ILE A 253 -39.68 26.07 49.04
CA ILE A 253 -38.42 26.36 48.29
C ILE A 253 -38.19 25.29 47.22
N ARG A 254 -37.64 25.71 46.07
CA ARG A 254 -37.45 24.83 44.88
C ARG A 254 -36.30 23.85 45.17
N CYS A 255 -36.62 22.56 45.20
CA CYS A 255 -35.65 21.53 45.62
C CYS A 255 -35.50 20.47 44.53
N VAL A 256 -34.42 19.71 44.62
CA VAL A 256 -34.15 18.61 43.67
C VAL A 256 -33.94 17.33 44.45
N LYS A 257 -34.46 16.23 43.93
CA LYS A 257 -34.45 14.91 44.62
C LYS A 257 -33.71 13.90 43.78
N TYR A 258 -32.95 13.04 44.44
CA TYR A 258 -32.24 11.91 43.79
C TYR A 258 -33.25 10.90 43.24
N VAL A 259 -32.96 10.35 42.08
CA VAL A 259 -33.79 9.27 41.49
C VAL A 259 -32.89 8.09 41.12
N LYS A 260 -31.85 8.33 40.33
CA LYS A 260 -30.95 7.23 39.92
C LYS A 260 -29.57 7.77 39.58
N ASP A 261 -28.58 6.88 39.58
CA ASP A 261 -27.22 7.19 39.10
C ASP A 261 -27.22 7.30 37.58
N ILE A 262 -26.23 8.00 37.04
CA ILE A 262 -26.05 8.13 35.57
C ILE A 262 -25.32 6.89 35.04
N VAL A 322 -21.35 -15.41 14.60
CA VAL A 322 -20.04 -16.10 14.73
C VAL A 322 -19.09 -15.62 13.62
N LYS A 323 -19.61 -15.29 12.43
CA LYS A 323 -18.83 -14.72 11.29
C LYS A 323 -19.63 -13.66 10.54
N ASN A 324 -18.91 -12.71 9.96
CA ASN A 324 -19.40 -11.91 8.82
C ASN A 324 -19.39 -12.82 7.60
N GLU A 325 -20.54 -12.88 6.90
CA GLU A 325 -20.67 -13.62 5.62
C GLU A 325 -20.83 -12.59 4.50
N VAL A 326 -19.95 -12.66 3.50
CA VAL A 326 -19.99 -11.77 2.31
C VAL A 326 -20.35 -12.61 1.08
N LEU A 327 -21.27 -12.12 0.26
CA LEU A 327 -21.92 -12.97 -0.76
C LEU A 327 -21.16 -12.92 -2.08
N LEU A 328 -20.12 -12.11 -2.25
CA LEU A 328 -19.42 -11.95 -3.56
C LEU A 328 -19.06 -13.32 -4.16
N ASN A 329 -19.32 -13.48 -5.45
CA ASN A 329 -18.93 -14.69 -6.18
C ASN A 329 -18.11 -14.31 -7.41
N ARG A 330 -17.36 -15.30 -7.92
CA ARG A 330 -16.43 -15.09 -9.06
C ARG A 330 -17.12 -15.39 -10.40
N PHE A 331 -18.37 -15.87 -10.41
CA PHE A 331 -19.05 -16.40 -11.61
C PHE A 331 -19.84 -15.32 -12.36
N TYR A 332 -20.34 -14.28 -11.72
CA TYR A 332 -21.17 -13.24 -12.38
C TYR A 332 -20.46 -11.90 -12.30
N PRO A 333 -20.67 -10.98 -13.27
CA PRO A 333 -20.14 -9.65 -13.16
C PRO A 333 -20.67 -8.95 -11.89
N LEU A 334 -19.85 -8.09 -11.29
CA LEU A 334 -20.19 -7.40 -10.02
C LEU A 334 -21.47 -6.56 -10.19
N GLN A 335 -21.73 -5.99 -11.35
CA GLN A 335 -22.92 -5.17 -11.61
C GLN A 335 -24.20 -6.02 -11.56
N ASN A 336 -24.15 -7.29 -11.95
CA ASN A 336 -25.31 -8.21 -11.90
C ASN A 336 -25.54 -8.62 -10.45
N GLN A 337 -24.50 -8.83 -9.69
CA GLN A 337 -24.63 -9.17 -8.24
C GLN A 337 -25.24 -7.98 -7.49
N THR A 338 -24.84 -6.76 -7.82
CA THR A 338 -25.41 -5.51 -7.29
C THR A 338 -26.88 -5.37 -7.71
N TYR A 339 -27.22 -5.60 -8.97
CA TYR A 339 -28.62 -5.59 -9.45
C TYR A 339 -29.49 -6.58 -8.67
N ASP A 340 -29.00 -7.76 -8.36
CA ASP A 340 -29.79 -8.82 -7.67
C ASP A 340 -30.24 -8.37 -6.28
N ILE A 341 -29.38 -7.77 -5.43
CA ILE A 341 -29.87 -7.31 -4.09
C ILE A 341 -30.62 -5.98 -4.19
N ALA A 342 -30.33 -5.13 -5.15
CA ALA A 342 -31.16 -3.96 -5.38
C ALA A 342 -32.58 -4.43 -5.73
N ASP A 343 -32.74 -5.48 -6.53
CA ASP A 343 -34.07 -6.00 -6.94
C ASP A 343 -34.75 -6.68 -5.74
N LYS A 344 -34.03 -7.51 -5.01
CA LYS A 344 -34.58 -8.22 -3.82
C LYS A 344 -34.97 -7.25 -2.69
N SER A 345 -34.40 -6.04 -2.65
CA SER A 345 -34.79 -4.97 -1.69
C SER A 345 -36.17 -4.39 -2.05
N GLY A 346 -36.59 -4.49 -3.31
CA GLY A 346 -37.93 -4.06 -3.75
C GLY A 346 -38.13 -2.56 -3.67
N LEU A 347 -39.36 -2.13 -3.39
CA LEU A 347 -39.78 -0.71 -3.34
C LEU A 347 -38.96 0.07 -2.30
N LYS A 348 -38.38 -0.61 -1.31
CA LYS A 348 -37.59 0.04 -0.24
C LYS A 348 -36.29 0.63 -0.81
N GLY A 349 -35.70 0.02 -1.85
CA GLY A 349 -34.30 0.29 -2.25
C GLY A 349 -33.31 -0.22 -1.22
N ILE A 350 -32.02 -0.09 -1.50
CA ILE A 350 -30.92 -0.55 -0.60
C ILE A 350 -29.85 0.52 -0.55
N SER A 351 -29.26 0.80 0.63
CA SER A 351 -28.16 1.80 0.70
C SER A 351 -26.87 1.22 0.11
N THR A 352 -26.02 2.05 -0.49
CA THR A 352 -24.63 1.66 -0.87
C THR A 352 -23.88 1.06 0.32
N MET A 353 -24.14 1.50 1.53
CA MET A 353 -23.54 0.94 2.77
C MET A 353 -23.96 -0.53 2.93
N ASP A 354 -25.24 -0.86 2.76
CA ASP A 354 -25.77 -2.24 2.91
C ASP A 354 -25.28 -3.12 1.75
N VAL A 355 -25.25 -2.60 0.53
CA VAL A 355 -24.73 -3.33 -0.66
C VAL A 355 -23.28 -3.74 -0.40
N VAL A 356 -22.44 -2.82 0.05
CA VAL A 356 -21.02 -3.12 0.38
C VAL A 356 -20.94 -4.11 1.54
N ASN A 357 -21.70 -3.93 2.61
CA ASN A 357 -21.64 -4.85 3.77
C ASN A 357 -21.99 -6.27 3.34
N ARG A 358 -23.02 -6.44 2.49
CA ARG A 358 -23.57 -7.77 2.16
C ARG A 358 -22.74 -8.44 1.06
N ILE A 359 -22.31 -7.72 0.04
CA ILE A 359 -21.56 -8.34 -1.09
C ILE A 359 -20.10 -8.49 -0.72
N THR A 360 -19.41 -7.45 -0.26
CA THR A 360 -17.92 -7.45 -0.21
C THR A 360 -17.32 -7.19 1.16
N GLY A 361 -18.06 -6.66 2.13
CA GLY A 361 -17.51 -6.11 3.39
C GLY A 361 -16.96 -4.70 3.22
N LYS A 362 -16.82 -3.98 4.34
CA LYS A 362 -16.52 -2.52 4.38
C LYS A 362 -15.17 -2.18 3.77
N GLU A 363 -14.19 -3.08 3.85
CA GLU A 363 -12.80 -2.77 3.37
C GLU A 363 -12.74 -2.74 1.84
N PHE A 364 -13.81 -3.13 1.14
CA PHE A 364 -13.91 -2.96 -0.33
C PHE A 364 -14.82 -1.78 -0.75
N GLN A 365 -15.30 -0.97 0.20
CA GLN A 365 -16.24 0.15 -0.07
C GLN A 365 -15.73 1.03 -1.19
N ARG A 366 -14.48 1.44 -1.15
CA ARG A 366 -13.94 2.39 -2.14
C ARG A 366 -13.91 1.74 -3.52
N ALA A 367 -13.44 0.51 -3.63
CA ALA A 367 -13.32 -0.22 -4.91
C ALA A 367 -14.71 -0.43 -5.50
N PHE A 368 -15.66 -0.80 -4.68
CA PHE A 368 -17.07 -0.95 -5.08
C PHE A 368 -17.59 0.39 -5.63
N THR A 369 -17.33 1.47 -4.93
CA THR A 369 -17.83 2.80 -5.32
C THR A 369 -17.24 3.20 -6.67
N LYS A 370 -15.93 3.08 -6.85
CA LYS A 370 -15.26 3.43 -8.13
C LYS A 370 -15.76 2.56 -9.30
N SER A 371 -16.11 1.31 -9.04
CA SER A 371 -16.64 0.38 -10.07
C SER A 371 -18.10 0.74 -10.40
N SER A 372 -18.92 0.97 -9.37
CA SER A 372 -20.39 1.13 -9.52
C SER A 372 -20.72 2.46 -10.21
N GLU A 373 -19.81 3.44 -10.22
CA GLU A 373 -19.93 4.70 -10.99
C GLU A 373 -20.17 4.42 -12.47
N TYR A 374 -19.69 3.31 -13.00
CA TYR A 374 -19.81 3.01 -14.45
C TYR A 374 -21.21 2.51 -14.82
N TYR A 375 -21.99 1.94 -13.91
CA TYR A 375 -23.30 1.33 -14.24
C TYR A 375 -24.47 1.85 -13.41
N LEU A 376 -24.25 2.60 -12.34
CA LEU A 376 -25.36 3.27 -11.59
C LEU A 376 -25.76 4.57 -12.29
N GLU A 377 -27.04 4.90 -12.31
CA GLU A 377 -27.57 6.14 -12.94
C GLU A 377 -28.16 7.07 -11.88
N SER A 378 -27.62 8.28 -11.76
CA SER A 378 -28.32 9.40 -11.08
C SER A 378 -29.54 9.82 -11.91
N VAL A 379 -30.50 10.50 -11.29
CA VAL A 379 -31.77 10.93 -11.95
C VAL A 379 -31.47 12.10 -12.91
N ASP A 380 -30.58 13.00 -12.51
CA ASP A 380 -29.86 13.92 -13.44
C ASP A 380 -28.75 13.15 -14.18
N LYS A 381 -28.50 13.47 -15.45
CA LYS A 381 -27.40 12.87 -16.28
C LYS A 381 -27.53 11.34 -16.32
N GLN A 382 -28.70 10.85 -16.72
CA GLN A 382 -28.95 9.40 -16.96
C GLN A 382 -28.11 8.90 -18.15
N LYS A 383 -27.77 7.61 -18.15
CA LYS A 383 -27.04 6.93 -19.26
C LYS A 383 -28.02 6.61 -20.40
N GLU A 384 -27.51 6.10 -21.52
CA GLU A 384 -28.34 5.65 -22.67
C GLU A 384 -29.30 4.54 -22.22
N ASN A 385 -30.55 4.60 -22.65
CA ASN A 385 -31.63 3.66 -22.20
C ASN A 385 -31.44 2.32 -22.94
N THR A 386 -30.59 1.44 -22.38
CA THR A 386 -30.39 0.03 -22.83
C THR A 386 -31.72 -0.74 -22.69
N GLY A 387 -32.57 -0.34 -21.74
CA GLY A 387 -33.73 -1.14 -21.32
C GLY A 387 -33.34 -2.34 -20.46
N GLY A 388 -34.36 -3.07 -20.02
CA GLY A 388 -34.24 -4.32 -19.26
C GLY A 388 -33.80 -4.09 -17.83
N TYR A 389 -32.50 -3.88 -17.64
CA TYR A 389 -31.83 -3.88 -16.31
C TYR A 389 -31.12 -2.55 -16.12
N ARG A 390 -31.67 -1.67 -15.27
CA ARG A 390 -31.04 -0.40 -14.90
C ARG A 390 -31.10 -0.19 -13.39
N LEU A 391 -30.03 0.35 -12.80
CA LEU A 391 -30.00 0.73 -11.38
C LEU A 391 -29.97 2.25 -11.25
N PHE A 392 -31.01 2.82 -10.67
CA PHE A 392 -31.04 4.27 -10.31
C PHE A 392 -30.44 4.46 -8.93
N ARG A 393 -29.80 5.60 -8.70
CA ARG A 393 -29.39 5.98 -7.31
C ARG A 393 -29.86 7.39 -6.95
N ILE A 394 -30.28 7.55 -5.70
CA ILE A 394 -30.70 8.87 -5.14
C ILE A 394 -30.15 9.02 -3.73
N TYR A 395 -29.93 10.27 -3.33
CA TYR A 395 -29.48 10.62 -1.97
C TYR A 395 -30.53 10.24 -0.95
N ASP A 396 -30.07 9.74 0.18
CA ASP A 396 -30.91 9.50 1.36
C ASP A 396 -30.05 9.84 2.58
N PHE A 397 -30.65 9.99 3.75
CA PHE A 397 -29.89 10.39 4.96
C PHE A 397 -30.08 9.37 6.06
N GLU A 398 -29.02 9.14 6.82
CA GLU A 398 -29.05 8.42 8.12
C GLU A 398 -28.51 9.41 9.15
N GLY A 399 -29.37 10.30 9.59
CA GLY A 399 -28.95 11.44 10.44
C GLY A 399 -28.07 12.40 9.66
N LYS A 400 -26.79 12.41 9.98
CA LYS A 400 -25.85 13.34 9.33
C LYS A 400 -25.33 12.75 8.02
N LYS A 401 -25.17 11.43 7.91
CA LYS A 401 -24.57 10.75 6.72
C LYS A 401 -25.53 10.90 5.53
N LYS A 402 -25.02 11.37 4.41
CA LYS A 402 -25.71 11.37 3.10
C LYS A 402 -25.09 10.27 2.24
N PHE A 403 -25.92 9.36 1.73
CA PHE A 403 -25.46 8.20 0.95
C PHE A 403 -26.45 7.97 -0.18
N PHE A 404 -26.07 7.18 -1.17
CA PHE A 404 -27.00 6.75 -2.23
C PHE A 404 -27.81 5.53 -1.80
N ARG A 405 -29.13 5.57 -1.96
CA ARG A 405 -29.92 4.33 -2.11
C ARG A 405 -29.95 3.91 -3.57
N LEU A 406 -29.91 2.61 -3.82
CA LEU A 406 -30.04 2.00 -5.17
C LEU A 406 -31.43 1.41 -5.35
N PHE A 407 -32.01 1.62 -6.51
CA PHE A 407 -33.32 1.06 -6.92
C PHE A 407 -33.22 0.45 -8.32
N THR A 408 -33.79 -0.73 -8.54
CA THR A 408 -34.01 -1.21 -9.93
C THR A 408 -35.02 -0.29 -10.57
N ALA A 409 -34.91 -0.03 -11.87
CA ALA A 409 -35.70 0.98 -12.59
C ALA A 409 -37.22 0.77 -12.42
N GLN A 410 -37.71 -0.47 -12.31
CA GLN A 410 -39.15 -0.74 -12.05
C GLN A 410 -39.56 -0.12 -10.70
N ASN A 411 -38.82 -0.44 -9.65
CA ASN A 411 -39.08 0.04 -8.27
C ASN A 411 -38.91 1.56 -8.20
N PHE A 412 -37.93 2.12 -8.89
CA PHE A 412 -37.72 3.58 -8.97
C PHE A 412 -38.92 4.25 -9.65
N GLN A 413 -39.42 3.72 -10.76
CA GLN A 413 -40.61 4.30 -11.45
C GLN A 413 -41.83 4.26 -10.50
N LYS A 414 -42.06 3.16 -9.79
CA LYS A 414 -43.15 3.02 -8.78
C LYS A 414 -42.99 4.05 -7.65
N LEU A 415 -41.77 4.48 -7.35
CA LEU A 415 -41.44 5.46 -6.29
C LEU A 415 -41.62 6.91 -6.81
N THR A 416 -41.02 7.29 -7.94
CA THR A 416 -41.09 8.67 -8.48
C THR A 416 -42.47 8.94 -9.10
N ASN A 417 -43.09 7.95 -9.73
CA ASN A 417 -44.26 8.13 -10.62
C ASN A 417 -45.33 7.09 -10.24
N ALA A 418 -45.72 7.07 -8.97
CA ALA A 418 -46.62 6.05 -8.35
C ALA A 418 -47.99 6.00 -9.04
N GLU A 419 -48.42 7.07 -9.70
CA GLU A 419 -49.74 7.19 -10.38
C GLU A 419 -49.68 6.66 -11.82
N ASP A 420 -48.49 6.57 -12.44
CA ASP A 420 -48.32 6.16 -13.86
C ASP A 420 -48.38 4.63 -14.02
N GLU A 421 -48.64 4.17 -15.25
CA GLU A 421 -48.76 2.73 -15.60
C GLU A 421 -47.40 2.01 -15.43
N ILE A 422 -47.44 0.77 -14.92
CA ILE A 422 -46.24 -0.11 -14.81
C ILE A 422 -45.82 -0.52 -16.24
N SER A 423 -44.52 -0.49 -16.52
CA SER A 423 -43.98 -0.51 -17.90
C SER A 423 -44.13 -1.90 -18.54
N VAL A 424 -44.27 -1.91 -19.85
CA VAL A 424 -44.33 -3.17 -20.65
C VAL A 424 -42.93 -3.77 -20.69
N PRO A 425 -42.78 -5.10 -20.45
CA PRO A 425 -41.45 -5.72 -20.47
C PRO A 425 -40.84 -5.74 -21.87
N LYS A 426 -39.52 -5.55 -21.92
CA LYS A 426 -38.78 -5.46 -23.20
C LYS A 426 -38.65 -6.87 -23.82
N GLY A 427 -38.76 -6.93 -25.14
CA GLY A 427 -38.39 -8.13 -25.93
C GLY A 427 -36.94 -8.08 -26.37
N PHE A 428 -36.67 -8.51 -27.60
CA PHE A 428 -35.31 -8.46 -28.20
C PHE A 428 -35.10 -7.12 -28.90
N ASP A 429 -33.84 -6.77 -29.09
CA ASP A 429 -33.40 -5.85 -30.16
C ASP A 429 -33.52 -6.54 -31.52
N GLU A 430 -33.46 -5.77 -32.60
CA GLU A 430 -33.34 -6.33 -33.97
C GLU A 430 -32.00 -7.06 -34.11
N LEU A 431 -31.98 -8.14 -34.91
CA LEU A 431 -30.73 -8.87 -35.24
C LEU A 431 -29.83 -7.96 -36.10
N GLY A 432 -28.53 -8.23 -36.10
CA GLY A 432 -27.62 -7.72 -37.14
C GLY A 432 -28.08 -8.11 -38.54
N LYS A 433 -27.89 -7.23 -39.53
CA LYS A 433 -28.46 -7.38 -40.89
C LYS A 433 -27.36 -7.68 -41.92
N SER A 434 -26.10 -7.80 -41.48
CA SER A 434 -24.95 -8.26 -42.29
C SER A 434 -25.16 -9.73 -42.71
N ARG A 435 -24.80 -10.06 -43.96
CA ARG A 435 -24.88 -11.44 -44.51
C ARG A 435 -23.55 -11.89 -45.15
N THR A 436 -22.45 -11.13 -45.03
CA THR A 436 -21.14 -11.57 -45.56
C THR A 436 -20.61 -12.71 -44.70
N ASP A 437 -19.91 -13.65 -45.32
CA ASP A 437 -19.34 -14.83 -44.63
C ASP A 437 -17.95 -14.50 -44.07
N LEU A 438 -17.41 -15.44 -43.28
CA LEU A 438 -16.16 -15.24 -42.52
C LEU A 438 -14.99 -15.12 -43.50
N LYS A 439 -15.02 -15.87 -44.60
CA LYS A 439 -13.98 -15.81 -45.66
C LYS A 439 -13.94 -14.41 -46.23
N THR A 440 -15.08 -13.84 -46.60
CA THR A 440 -15.17 -12.50 -47.23
C THR A 440 -14.67 -11.46 -46.24
N LEU A 441 -15.07 -11.55 -44.97
CA LEU A 441 -14.66 -10.57 -43.94
C LEU A 441 -13.14 -10.65 -43.69
N ASN A 442 -12.58 -11.85 -43.65
CA ASN A 442 -11.13 -12.08 -43.41
C ASN A 442 -10.31 -11.48 -44.54
N GLU A 443 -10.71 -11.68 -45.79
CA GLU A 443 -10.00 -11.13 -46.97
C GLU A 443 -10.13 -9.59 -47.01
N ASP A 444 -11.32 -9.03 -46.74
CA ASP A 444 -11.59 -7.58 -46.84
C ASP A 444 -10.96 -6.77 -45.71
N ASN A 445 -10.66 -7.35 -44.55
CA ASN A 445 -10.14 -6.58 -43.39
C ASN A 445 -8.63 -6.76 -43.20
N PHE A 446 -7.93 -7.35 -44.15
CA PHE A 446 -6.46 -7.47 -44.09
C PHE A 446 -5.80 -6.11 -44.31
N VAL A 447 -4.98 -5.69 -43.36
CA VAL A 447 -3.96 -4.63 -43.51
C VAL A 447 -2.58 -5.26 -43.24
N ALA A 448 -1.62 -5.06 -44.13
CA ALA A 448 -0.27 -5.69 -44.02
C ALA A 448 0.49 -5.17 -42.78
N LEU A 449 1.24 -6.05 -42.14
CA LEU A 449 2.12 -5.70 -41.00
C LEU A 449 3.47 -5.17 -41.51
N ASN A 450 4.27 -4.65 -40.59
CA ASN A 450 5.70 -4.30 -40.79
C ASN A 450 6.49 -5.57 -41.13
N ASN A 451 7.58 -5.45 -41.89
CA ASN A 451 8.29 -6.63 -42.47
C ASN A 451 9.03 -7.44 -41.39
N THR A 452 9.98 -6.83 -40.68
CA THR A 452 10.65 -7.34 -39.46
C THR A 452 11.10 -8.81 -39.60
N VAL A 453 10.60 -9.74 -38.76
CA VAL A 453 11.07 -11.15 -38.69
C VAL A 453 10.71 -11.95 -39.95
N ARG A 454 11.67 -12.66 -40.48
CA ARG A 454 11.52 -13.50 -41.71
C ARG A 454 12.28 -14.81 -41.58
N PHE A 455 11.92 -15.77 -42.41
CA PHE A 455 12.69 -17.03 -42.52
C PHE A 455 12.61 -17.55 -43.94
N THR A 456 13.55 -18.44 -44.26
CA THR A 456 13.57 -19.16 -45.55
C THR A 456 14.00 -20.60 -45.29
N THR A 457 13.66 -21.50 -46.20
CA THR A 457 14.05 -22.93 -46.10
C THR A 457 15.23 -23.15 -47.05
N ASP A 458 16.36 -23.62 -46.52
CA ASP A 458 17.56 -23.92 -47.33
C ASP A 458 17.29 -25.13 -48.24
N SER A 459 18.15 -25.35 -49.22
CA SER A 459 18.08 -26.53 -50.12
C SER A 459 18.19 -27.82 -49.32
N ASP A 460 18.90 -27.79 -48.19
CA ASP A 460 18.99 -28.94 -47.25
C ASP A 460 17.68 -29.10 -46.48
N GLY A 461 16.76 -28.14 -46.57
CA GLY A 461 15.46 -28.18 -45.86
C GLY A 461 15.54 -27.58 -44.47
N GLN A 462 16.69 -27.05 -44.07
CA GLN A 462 16.83 -26.33 -42.78
C GLN A 462 16.16 -24.96 -42.90
N ASP A 463 15.30 -24.62 -41.95
CA ASP A 463 14.71 -23.24 -41.86
C ASP A 463 15.73 -22.31 -41.20
N ILE A 464 16.05 -21.19 -41.86
CA ILE A 464 17.02 -20.20 -41.34
C ILE A 464 16.31 -18.86 -41.12
N PHE A 465 16.49 -18.27 -39.95
CA PHE A 465 15.95 -16.95 -39.59
C PHE A 465 16.78 -15.85 -40.26
N PHE A 466 16.12 -14.77 -40.66
CA PHE A 466 16.80 -13.51 -41.04
C PHE A 466 15.89 -12.31 -40.78
N TRP A 467 16.48 -11.15 -40.52
CA TRP A 467 15.74 -9.89 -40.51
C TRP A 467 15.51 -9.41 -41.93
N HIS A 468 14.39 -8.75 -42.16
CA HIS A 468 14.08 -8.16 -43.48
C HIS A 468 15.22 -7.23 -43.92
N GLY A 469 15.66 -7.38 -45.17
CA GLY A 469 16.78 -6.60 -45.73
C GLY A 469 18.14 -7.26 -45.54
N GLU A 470 18.28 -8.26 -44.67
CA GLU A 470 19.60 -8.91 -44.42
C GLU A 470 19.80 -10.14 -45.33
N LEU A 471 18.83 -10.52 -46.16
CA LEU A 471 19.05 -11.39 -47.35
C LEU A 471 18.30 -10.78 -48.53
N LYS A 472 18.71 -11.11 -49.75
CA LYS A 472 18.09 -10.54 -50.98
C LYS A 472 16.71 -11.15 -51.24
N ILE A 473 16.23 -12.09 -50.42
CA ILE A 473 14.98 -12.86 -50.71
C ILE A 473 13.78 -11.92 -50.63
N PRO A 474 12.95 -11.80 -51.70
CA PRO A 474 11.84 -10.84 -51.71
C PRO A 474 10.71 -11.24 -50.76
N PRO A 475 9.83 -10.29 -50.34
CA PRO A 475 8.75 -10.61 -49.40
C PRO A 475 7.61 -11.43 -50.02
N ASN A 476 7.08 -12.37 -49.25
CA ASN A 476 5.98 -13.30 -49.66
C ASN A 476 4.61 -12.65 -49.44
N SER A 477 4.53 -11.60 -48.61
CA SER A 477 3.28 -10.87 -48.24
C SER A 477 2.85 -9.92 -49.37
N LYS A 538 -31.99 19.00 -10.93
CA LYS A 538 -31.35 18.13 -9.89
C LYS A 538 -32.33 17.86 -8.72
N VAL A 539 -33.60 18.23 -8.83
CA VAL A 539 -34.64 17.88 -7.84
C VAL A 539 -35.59 16.87 -8.49
N VAL A 540 -35.96 15.86 -7.73
CA VAL A 540 -36.75 14.70 -8.24
C VAL A 540 -38.22 14.96 -7.89
N ASN A 541 -39.14 14.65 -8.81
CA ASN A 541 -40.54 15.12 -8.75
C ASN A 541 -41.40 14.33 -7.75
N PHE A 542 -41.15 13.04 -7.55
CA PHE A 542 -41.91 12.15 -6.62
C PHE A 542 -43.42 12.43 -6.62
N GLY A 543 -44.02 12.63 -7.80
CA GLY A 543 -45.48 12.83 -7.99
C GLY A 543 -46.02 14.12 -7.40
N GLY A 544 -45.16 15.12 -7.12
CA GLY A 544 -45.61 16.46 -6.69
C GLY A 544 -44.77 17.04 -5.57
N PHE A 545 -44.16 16.21 -4.75
CA PHE A 545 -43.18 16.66 -3.73
C PHE A 545 -41.80 16.69 -4.37
N SER A 546 -41.36 17.85 -4.80
CA SER A 546 -39.96 18.05 -5.25
C SER A 546 -39.02 17.85 -4.06
N ALA A 547 -38.06 16.93 -4.16
CA ALA A 547 -37.09 16.69 -3.07
C ALA A 547 -35.73 16.31 -3.64
N ARG A 548 -34.68 16.66 -2.92
CA ARG A 548 -33.28 16.29 -3.29
C ARG A 548 -32.86 15.01 -2.60
N SER A 549 -33.62 14.50 -1.64
CA SER A 549 -33.32 13.21 -1.00
C SER A 549 -34.63 12.55 -0.59
N LEU A 550 -34.56 11.26 -0.32
CA LEU A 550 -35.72 10.51 0.19
C LEU A 550 -36.04 11.00 1.61
N ARG A 551 -35.06 11.42 2.39
CA ARG A 551 -35.31 11.98 3.74
C ARG A 551 -36.04 13.31 3.64
N SER A 552 -35.67 14.14 2.66
CA SER A 552 -36.40 15.39 2.38
C SER A 552 -37.84 15.07 1.95
N LEU A 553 -38.02 14.07 1.12
CA LEU A 553 -39.38 13.66 0.67
C LEU A 553 -40.18 13.18 1.88
N GLN A 554 -39.57 12.37 2.74
CA GLN A 554 -40.24 11.83 3.95
C GLN A 554 -40.59 12.97 4.91
N ARG A 555 -39.66 13.93 5.11
CA ARG A 555 -39.91 15.10 5.99
C ARG A 555 -41.05 15.95 5.44
N GLN A 556 -41.05 16.23 4.15
CA GLN A 556 -42.10 17.08 3.52
C GLN A 556 -43.48 16.43 3.72
N ARG A 557 -43.59 15.12 3.50
CA ARG A 557 -44.87 14.39 3.66
C ARG A 557 -45.25 14.31 5.14
N ALA A 558 -44.29 14.17 6.05
CA ALA A 558 -44.54 14.15 7.51
C ALA A 558 -45.05 15.51 7.99
N ILE A 559 -44.45 16.61 7.52
CA ILE A 559 -44.91 17.98 7.85
C ILE A 559 -46.39 18.09 7.47
N LEU A 560 -46.73 17.75 6.23
CA LEU A 560 -48.10 17.97 5.71
C LEU A 560 -49.10 17.08 6.45
N LYS A 561 -48.70 15.87 6.83
CA LYS A 561 -49.60 14.93 7.56
C LYS A 561 -49.83 15.42 8.99
N VAL A 562 -48.80 15.92 9.64
CA VAL A 562 -48.93 16.59 10.98
C VAL A 562 -49.81 17.83 10.86
N MET A 563 -49.63 18.64 9.84
CA MET A 563 -50.41 19.90 9.68
C MET A 563 -51.91 19.59 9.54
N ASN A 564 -52.28 18.53 8.81
CA ASN A 564 -53.69 18.07 8.76
C ASN A 564 -54.15 17.59 10.13
N THR A 565 -53.25 16.99 10.92
CA THR A 565 -53.62 16.42 12.24
C THR A 565 -53.87 17.55 13.27
N ILE A 566 -52.97 18.52 13.36
CA ILE A 566 -52.98 19.48 14.50
C ILE A 566 -53.85 20.70 14.18
N GLY A 567 -54.52 20.70 13.03
CA GLY A 567 -55.59 21.68 12.72
C GLY A 567 -55.18 22.71 11.68
N GLY A 568 -54.13 22.44 10.91
CA GLY A 568 -53.84 23.17 9.67
C GLY A 568 -53.06 24.46 9.87
N VAL A 569 -52.77 24.85 11.10
CA VAL A 569 -51.90 26.04 11.35
C VAL A 569 -50.92 25.66 12.46
N ALA A 570 -49.67 26.06 12.29
CA ALA A 570 -48.63 25.80 13.29
C ALA A 570 -47.61 26.93 13.27
N TYR A 571 -47.19 27.43 14.42
CA TYR A 571 -45.95 28.21 14.51
C TYR A 571 -44.79 27.24 14.28
N LEU A 572 -43.85 27.67 13.44
CA LEU A 572 -42.69 26.85 13.00
C LEU A 572 -41.61 26.90 14.07
N ARG A 573 -41.94 26.49 15.29
CA ARG A 573 -41.03 26.52 16.46
C ARG A 573 -40.66 25.09 16.83
N GLU A 574 -39.83 24.93 17.87
CA GLU A 574 -39.29 23.62 18.33
C GLU A 574 -40.43 22.63 18.63
N GLN A 575 -41.55 23.10 19.17
CA GLN A 575 -42.72 22.23 19.44
C GLN A 575 -43.20 21.55 18.14
N PHE A 576 -43.09 22.24 17.01
CA PHE A 576 -43.48 21.66 15.71
C PHE A 576 -42.44 20.64 15.26
N TYR A 577 -41.15 20.95 15.43
CA TYR A 577 -40.06 20.06 14.98
C TYR A 577 -40.11 18.73 15.74
N GLU A 578 -40.48 18.75 17.02
CA GLU A 578 -40.72 17.50 17.78
C GLU A 578 -41.95 16.77 17.23
N SER A 579 -43.04 17.49 16.95
CA SER A 579 -44.28 16.88 16.40
C SER A 579 -43.97 16.14 15.09
N VAL A 580 -43.17 16.73 14.22
CA VAL A 580 -42.78 16.08 12.95
C VAL A 580 -41.81 14.93 13.24
N SER A 581 -40.82 15.16 14.11
CA SER A 581 -39.85 14.12 14.51
C SER A 581 -40.58 12.92 15.11
N LYS A 582 -41.58 13.14 15.97
CA LYS A 582 -42.37 12.05 16.55
C LYS A 582 -43.13 11.30 15.46
N TYR A 583 -43.79 12.01 14.55
CA TYR A 583 -44.58 11.37 13.48
C TYR A 583 -43.67 10.58 12.54
N MET A 584 -42.46 11.05 12.30
CA MET A 584 -41.48 10.29 11.49
C MET A 584 -40.94 9.09 12.27
N GLY A 585 -41.16 9.02 13.59
CA GLY A 585 -40.51 8.01 14.45
C GLY A 585 -39.02 8.23 14.51
N SER A 586 -38.57 9.46 14.27
CA SER A 586 -37.13 9.83 14.22
C SER A 586 -36.59 9.98 15.64
N THR A 587 -35.63 9.16 16.02
CA THR A 587 -34.88 9.32 17.29
C THR A 587 -34.01 10.57 17.18
N THR A 588 -33.45 10.77 15.99
CA THR A 588 -32.79 12.03 15.61
C THR A 588 -33.82 13.17 15.63
N THR A 589 -33.41 14.33 16.11
CA THR A 589 -34.29 15.52 16.15
C THR A 589 -33.95 16.52 15.03
N LEU A 590 -34.99 16.99 14.36
CA LEU A 590 -34.90 17.91 13.20
C LEU A 590 -34.31 19.25 13.62
N ASP A 591 -33.31 19.71 12.91
CA ASP A 591 -32.76 21.07 13.05
C ASP A 591 -33.71 22.09 12.40
N LYS A 592 -33.70 23.30 12.94
CA LYS A 592 -34.43 24.47 12.39
C LYS A 592 -34.12 24.61 10.90
N LYS A 593 -32.84 24.57 10.51
CA LYS A 593 -32.41 24.83 9.12
C LYS A 593 -32.93 23.71 8.21
N THR A 594 -33.15 22.51 8.74
CA THR A 594 -33.66 21.37 7.96
C THR A 594 -35.16 21.55 7.67
N VAL A 595 -35.95 21.82 8.69
CA VAL A 595 -37.41 21.99 8.52
C VAL A 595 -37.70 23.19 7.61
N ARG A 596 -36.99 24.30 7.79
CA ARG A 596 -37.23 25.51 6.97
C ARG A 596 -36.85 25.21 5.53
N GLY A 597 -35.92 24.28 5.29
CA GLY A 597 -35.54 23.84 3.93
C GLY A 597 -36.68 23.13 3.22
N ASP A 598 -37.34 22.22 3.92
CA ASP A 598 -38.52 21.48 3.39
C ASP A 598 -39.72 22.41 3.25
N VAL A 599 -39.95 23.28 4.21
CA VAL A 599 -41.08 24.25 4.15
C VAL A 599 -40.95 25.11 2.89
N ASP A 600 -39.74 25.54 2.54
CA ASP A 600 -39.52 26.33 1.30
C ASP A 600 -39.88 25.49 0.07
N LEU A 601 -39.50 24.22 0.05
CA LEU A 601 -39.87 23.31 -1.07
C LEU A 601 -41.39 23.14 -1.12
N MET A 602 -42.05 23.02 0.02
CA MET A 602 -43.50 22.82 0.07
C MET A 602 -44.24 24.12 -0.27
N VAL A 603 -43.61 25.28 -0.09
CA VAL A 603 -44.21 26.56 -0.53
C VAL A 603 -44.07 26.69 -2.04
N GLU A 604 -42.90 26.36 -2.59
CA GLU A 604 -42.67 26.42 -4.06
C GLU A 604 -43.67 25.51 -4.78
N SER A 605 -44.00 24.35 -4.21
CA SER A 605 -44.99 23.42 -4.80
C SER A 605 -46.41 23.79 -4.34
N GLU A 606 -46.59 24.92 -3.66
CA GLU A 606 -47.91 25.45 -3.22
C GLU A 606 -48.65 24.43 -2.34
N LYS A 607 -47.95 23.55 -1.65
CA LYS A 607 -48.59 22.62 -0.69
C LYS A 607 -48.71 23.28 0.69
N LEU A 608 -47.84 24.24 1.01
CA LEU A 608 -47.98 25.09 2.21
C LEU A 608 -48.09 26.54 1.81
N GLY A 609 -48.84 27.30 2.59
CA GLY A 609 -48.63 28.74 2.74
C GLY A 609 -47.72 29.01 3.93
N ALA A 610 -46.94 30.08 3.87
CA ALA A 610 -46.14 30.52 5.02
C ALA A 610 -46.05 32.04 5.05
N ARG A 611 -45.96 32.60 6.24
CA ARG A 611 -45.78 34.05 6.41
C ARG A 611 -45.16 34.35 7.77
N THR A 612 -44.58 35.53 7.90
CA THR A 612 -44.11 36.08 9.19
C THR A 612 -45.31 36.59 9.98
N GLU A 613 -45.41 36.19 11.24
CA GLU A 613 -46.44 36.75 12.14
C GLU A 613 -45.92 38.07 12.69
N PRO A 614 -46.63 39.19 12.47
CA PRO A 614 -46.09 40.52 12.79
C PRO A 614 -45.53 40.75 14.20
N VAL A 615 -46.20 40.24 15.24
CA VAL A 615 -45.86 40.57 16.66
C VAL A 615 -44.69 39.70 17.12
N SER A 616 -44.73 38.38 16.94
CA SER A 616 -43.67 37.48 17.41
C SER A 616 -42.50 37.45 16.41
N GLY A 617 -42.75 37.75 15.14
CA GLY A 617 -41.76 37.58 14.07
C GLY A 617 -41.50 36.12 13.74
N ARG A 618 -42.21 35.17 14.36
CA ARG A 618 -42.07 33.73 14.03
C ARG A 618 -42.71 33.45 12.67
N LYS A 619 -42.13 32.53 11.93
CA LYS A 619 -42.75 32.01 10.68
C LYS A 619 -43.98 31.17 11.08
N ILE A 620 -45.12 31.44 10.46
CA ILE A 620 -46.30 30.53 10.51
C ILE A 620 -46.40 29.80 9.17
N ILE A 621 -46.69 28.50 9.24
CA ILE A 621 -47.11 27.71 8.05
C ILE A 621 -48.59 27.39 8.21
N PHE A 622 -49.32 27.40 7.11
CA PHE A 622 -50.76 27.07 7.13
C PHE A 622 -51.12 26.34 5.84
N LEU A 623 -52.10 25.46 5.94
CA LEU A 623 -52.68 24.82 4.73
C LEU A 623 -53.44 25.85 3.93
N PRO A 624 -53.22 25.95 2.60
CA PRO A 624 -53.97 26.89 1.75
C PRO A 624 -55.49 26.78 1.87
N THR A 625 -56.00 25.64 2.34
CA THR A 625 -57.46 25.40 2.55
C THR A 625 -57.93 26.02 3.87
N VAL A 626 -57.04 26.56 4.70
CA VAL A 626 -57.41 27.08 6.04
C VAL A 626 -57.57 28.60 5.94
N GLY A 627 -58.71 29.09 6.42
CA GLY A 627 -59.12 30.50 6.29
C GLY A 627 -58.38 31.44 7.22
N GLU A 628 -58.39 32.73 6.88
CA GLU A 628 -57.78 33.82 7.69
C GLU A 628 -58.33 33.81 9.11
N ASP A 629 -59.63 33.54 9.29
CA ASP A 629 -60.28 33.51 10.62
C ASP A 629 -59.66 32.40 11.48
N ALA A 630 -59.23 31.29 10.87
CA ALA A 630 -58.59 30.18 11.61
C ALA A 630 -57.16 30.56 11.99
N ILE A 631 -56.44 31.26 11.11
CA ILE A 631 -55.03 31.66 11.36
C ILE A 631 -55.01 32.70 12.48
N GLN A 632 -55.94 33.67 12.46
CA GLN A 632 -56.04 34.70 13.53
C GLN A 632 -56.44 34.04 14.85
N ARG A 633 -57.40 33.11 14.83
CA ARG A 633 -57.80 32.37 16.06
C ARG A 633 -56.65 31.49 16.56
N TYR A 634 -55.85 30.88 15.67
CA TYR A 634 -54.66 30.10 16.09
C TYR A 634 -53.68 31.03 16.85
N ILE A 635 -53.35 32.19 16.28
CA ILE A 635 -52.45 33.19 16.93
C ILE A 635 -53.04 33.58 18.30
N LEU A 636 -54.35 33.85 18.37
CA LEU A 636 -55.05 34.25 19.61
C LEU A 636 -54.99 33.12 20.66
N LYS A 637 -55.14 31.85 20.24
CA LYS A 637 -55.07 30.66 21.15
C LYS A 637 -53.64 30.44 21.64
N GLU A 638 -52.64 30.70 20.81
CA GLU A 638 -51.20 30.57 21.14
C GLU A 638 -50.73 31.68 22.09
N LYS A 639 -51.29 32.89 21.96
CA LYS A 639 -50.97 34.02 22.88
C LYS A 639 -51.36 33.65 24.32
N ASP A 640 -50.48 33.98 25.27
CA ASP A 640 -50.64 33.74 26.73
C ASP A 640 -50.82 32.24 27.05
N SER A 641 -50.21 31.34 26.26
CA SER A 641 -50.18 29.88 26.53
C SER A 641 -49.25 29.61 27.72
N LYS A 642 -49.79 29.07 28.83
CA LYS A 642 -49.05 28.95 30.12
C LYS A 642 -47.95 27.87 30.04
N LYS A 643 -46.81 28.18 30.67
CA LYS A 643 -45.57 27.34 30.72
C LYS A 643 -44.83 27.60 32.04
N ALA A 644 -43.64 27.00 32.21
CA ALA A 644 -42.81 27.09 33.43
C ALA A 644 -43.60 26.63 34.68
N THR A 645 -44.49 25.65 34.51
CA THR A 645 -45.46 25.18 35.54
C THR A 645 -44.75 24.46 36.70
N PHE A 646 -45.35 24.52 37.89
CA PHE A 646 -44.78 24.01 39.17
C PHE A 646 -44.64 22.47 39.15
N THR A 647 -43.64 22.00 39.90
CA THR A 647 -43.29 20.55 40.09
C THR A 647 -43.98 19.96 41.32
N ASP A 648 -43.67 18.71 41.68
CA ASP A 648 -44.34 17.98 42.78
C ASP A 648 -44.00 18.60 44.14
N VAL A 649 -44.88 18.41 45.11
CA VAL A 649 -44.75 19.04 46.46
C VAL A 649 -44.43 18.00 47.52
N ILE A 650 -43.69 18.41 48.54
CA ILE A 650 -43.26 17.51 49.64
C ILE A 650 -43.36 18.27 50.96
N HIS A 651 -43.67 17.54 52.03
CA HIS A 651 -44.08 18.13 53.34
C HIS A 651 -43.30 17.50 54.50
N ASP A 652 -43.34 18.17 55.65
CA ASP A 652 -43.05 17.60 56.98
C ASP A 652 -41.68 16.91 57.04
N THR A 653 -40.69 17.37 56.25
CA THR A 653 -39.38 16.68 56.14
C THR A 653 -38.22 17.70 56.02
N GLU A 654 -37.04 17.29 56.49
CA GLU A 654 -35.84 18.16 56.56
C GLU A 654 -35.14 18.28 55.19
N ILE A 655 -34.48 19.42 54.99
CA ILE A 655 -33.46 19.63 53.92
C ILE A 655 -32.09 19.72 54.58
N TYR A 656 -31.11 18.96 54.09
CA TYR A 656 -29.67 19.20 54.39
C TYR A 656 -29.26 20.50 53.72
N PHE A 657 -28.55 21.38 54.43
CA PHE A 657 -28.09 22.69 53.90
C PHE A 657 -26.58 22.85 54.10
N PHE A 658 -25.89 23.26 53.04
CA PHE A 658 -24.53 23.85 53.12
C PHE A 658 -24.59 25.28 53.69
N ASP A 659 -25.64 26.06 53.38
CA ASP A 659 -25.69 27.52 53.63
C ASP A 659 -26.68 27.86 54.76
N GLN A 660 -26.18 28.45 55.85
CA GLN A 660 -27.00 28.85 57.02
C GLN A 660 -28.05 29.90 56.63
N THR A 661 -27.83 30.71 55.59
CA THR A 661 -28.82 31.73 55.14
C THR A 661 -30.03 31.03 54.51
N GLU A 662 -29.82 29.97 53.74
CA GLU A 662 -30.91 29.13 53.16
C GLU A 662 -31.63 28.38 54.29
N LYS A 663 -30.89 27.81 55.23
CA LYS A 663 -31.45 27.15 56.44
C LYS A 663 -32.31 28.14 57.23
N ASN A 664 -31.84 29.37 57.42
CA ASN A 664 -32.60 30.47 58.08
C ASN A 664 -33.89 30.78 57.30
N ARG A 665 -33.84 30.92 55.97
CA ARG A 665 -35.04 31.23 55.14
C ARG A 665 -36.08 30.09 55.24
N PHE A 666 -35.64 28.84 55.39
CA PHE A 666 -36.50 27.65 55.59
C PHE A 666 -37.05 27.59 57.03
N HIS A 667 -36.27 28.08 58.01
CA HIS A 667 -36.59 28.07 59.48
C HIS A 667 -37.50 29.23 59.89
N ARG A 668 -37.52 30.32 59.10
CA ARG A 668 -38.13 31.65 59.37
C ARG A 668 -39.55 31.56 59.96
N SER B 150 15.65 10.65 -11.61
CA SER B 150 15.19 9.25 -11.26
C SER B 150 16.17 8.18 -11.77
N THR B 151 16.45 8.14 -13.07
CA THR B 151 17.26 7.05 -13.71
C THR B 151 18.21 7.57 -14.81
N LYS B 152 19.28 6.81 -15.09
CA LYS B 152 20.24 7.09 -16.20
C LYS B 152 20.84 5.78 -16.77
N ASN B 153 21.35 5.87 -17.99
CA ASN B 153 21.91 4.73 -18.78
C ASN B 153 23.45 4.72 -18.71
N MET B 154 24.07 3.61 -19.15
CA MET B 154 25.51 3.56 -19.52
C MET B 154 25.77 2.47 -20.59
N LYS B 155 26.87 2.60 -21.34
CA LYS B 155 26.96 2.17 -22.77
C LYS B 155 27.18 0.66 -22.98
N SER B 156 27.30 -0.17 -21.94
CA SER B 156 27.52 -1.65 -22.09
C SER B 156 26.32 -2.31 -22.76
N SER B 157 26.51 -3.02 -23.88
CA SER B 157 25.42 -3.39 -24.82
C SER B 157 25.60 -4.79 -25.44
N SER B 158 24.49 -5.48 -25.72
CA SER B 158 24.47 -6.83 -26.37
C SER B 158 24.98 -6.76 -27.81
N PRO B 159 25.89 -7.67 -28.25
CA PRO B 159 26.25 -7.80 -29.67
C PRO B 159 25.07 -8.12 -30.62
N GLY B 160 25.15 -7.59 -31.85
CA GLY B 160 24.17 -7.87 -32.94
C GLY B 160 22.86 -7.13 -32.80
N SER B 161 22.68 -6.34 -31.74
CA SER B 161 21.43 -5.60 -31.42
C SER B 161 21.29 -4.33 -32.28
N SER B 162 20.12 -4.13 -32.90
CA SER B 162 19.71 -2.84 -33.51
C SER B 162 19.58 -1.76 -32.42
N LEU B 163 19.01 -2.11 -31.25
CA LEU B 163 18.94 -1.20 -30.08
C LEU B 163 20.35 -0.77 -29.65
N GLY B 164 21.29 -1.72 -29.63
CA GLY B 164 22.71 -1.51 -29.28
C GLY B 164 23.40 -0.55 -30.25
N GLN B 165 23.13 -0.69 -31.55
CA GLN B 165 23.69 0.22 -32.59
C GLN B 165 23.20 1.65 -32.39
N LYS B 166 21.91 1.84 -32.10
CA LYS B 166 21.27 3.18 -31.95
C LYS B 166 21.61 3.82 -30.59
N GLY B 167 21.63 3.03 -29.52
CA GLY B 167 21.97 3.49 -28.16
C GLY B 167 20.88 4.34 -27.49
N ARG B 168 19.65 4.30 -28.01
CA ARG B 168 18.51 5.06 -27.43
C ARG B 168 18.01 4.36 -26.18
N PRO B 169 17.84 5.06 -25.04
CA PRO B 169 17.26 4.47 -23.82
C PRO B 169 15.73 4.29 -23.94
N ILE B 170 15.24 3.08 -23.68
CA ILE B 170 13.81 2.71 -23.88
C ILE B 170 13.15 2.60 -22.51
N ARG B 171 12.14 3.43 -22.23
CA ARG B 171 11.37 3.38 -20.97
C ARG B 171 9.89 3.05 -21.23
N LEU B 172 9.34 3.41 -22.38
CA LEU B 172 7.89 3.23 -22.70
C LEU B 172 7.73 2.56 -24.06
N LEU B 173 6.57 1.97 -24.31
CA LEU B 173 6.29 1.33 -25.62
C LEU B 173 6.42 2.37 -26.76
N LYS B 174 6.04 3.63 -26.55
CA LYS B 174 6.14 4.69 -27.61
C LYS B 174 7.61 4.94 -28.03
N ASP B 175 8.60 4.61 -27.19
CA ASP B 175 10.04 4.79 -27.52
C ASP B 175 10.47 3.78 -28.60
N LEU B 176 9.78 2.65 -28.74
CA LEU B 176 10.13 1.58 -29.71
C LEU B 176 9.50 1.88 -31.06
N SER B 177 9.85 3.03 -31.63
CA SER B 177 9.26 3.55 -32.89
C SER B 177 9.76 2.80 -34.13
N SER B 178 10.76 1.91 -34.04
CA SER B 178 11.19 1.00 -35.13
C SER B 178 10.68 -0.42 -34.88
N ALA B 179 10.15 -1.08 -35.90
CA ALA B 179 9.51 -2.41 -35.74
C ALA B 179 10.55 -3.47 -35.36
N ARG B 180 11.76 -3.43 -35.92
CA ARG B 180 12.82 -4.39 -35.53
C ARG B 180 13.23 -4.13 -34.07
N ASP B 181 13.48 -2.89 -33.68
CA ASP B 181 13.81 -2.55 -32.26
C ASP B 181 12.71 -3.03 -31.31
N LYS B 182 11.43 -2.88 -31.68
CA LYS B 182 10.32 -3.36 -30.84
C LYS B 182 10.40 -4.88 -30.64
N ILE B 183 10.52 -5.66 -31.70
CA ILE B 183 10.58 -7.15 -31.62
C ILE B 183 11.82 -7.54 -30.82
N GLU B 184 12.94 -6.91 -31.11
CA GLU B 184 14.22 -7.17 -30.43
C GLU B 184 14.14 -6.83 -28.94
N ARG B 185 13.50 -5.72 -28.57
CA ARG B 185 13.36 -5.34 -27.13
C ARG B 185 12.42 -6.28 -26.38
N ILE B 186 11.34 -6.73 -27.02
CA ILE B 186 10.33 -7.60 -26.35
C ILE B 186 10.84 -9.04 -26.31
N TYR B 187 11.28 -9.58 -27.44
CA TYR B 187 11.60 -11.03 -27.55
C TYR B 187 13.11 -11.33 -27.43
N GLY B 188 14.00 -10.36 -27.57
CA GLY B 188 15.45 -10.63 -27.52
C GLY B 188 16.03 -11.04 -28.86
N LEU B 189 17.20 -11.68 -28.83
CA LEU B 189 18.01 -11.95 -30.05
C LEU B 189 18.27 -13.44 -30.23
N ASN B 190 17.63 -14.32 -29.46
CA ASN B 190 17.75 -15.78 -29.63
C ASN B 190 17.19 -16.16 -31.00
N LYS B 191 18.05 -16.63 -31.90
CA LYS B 191 17.71 -16.96 -33.30
C LYS B 191 16.66 -18.07 -33.35
N GLU B 192 16.67 -19.03 -32.44
CA GLU B 192 15.68 -20.13 -32.44
C GLU B 192 14.30 -19.59 -32.03
N LYS B 193 14.26 -18.64 -31.09
CA LYS B 193 13.01 -17.98 -30.69
C LYS B 193 12.51 -17.12 -31.85
N LEU B 194 13.39 -16.36 -32.48
CA LEU B 194 12.99 -15.46 -33.57
C LEU B 194 12.54 -16.29 -34.78
N LEU B 195 13.09 -17.48 -34.98
CA LEU B 195 12.63 -18.37 -36.06
C LEU B 195 11.17 -18.78 -35.81
N LEU B 196 10.80 -19.14 -34.60
CA LEU B 196 9.40 -19.51 -34.27
C LEU B 196 8.49 -18.30 -34.53
N LEU B 197 8.90 -17.10 -34.14
CA LEU B 197 8.08 -15.88 -34.36
C LEU B 197 7.99 -15.56 -35.85
N ALA B 198 9.01 -15.82 -36.64
CA ALA B 198 8.95 -15.70 -38.12
C ALA B 198 7.91 -16.67 -38.70
N LYS B 199 7.82 -17.89 -38.17
CA LYS B 199 6.86 -18.93 -38.60
C LYS B 199 5.45 -18.49 -38.21
N VAL B 200 5.26 -17.98 -37.00
CA VAL B 200 3.94 -17.46 -36.54
C VAL B 200 3.55 -16.26 -37.43
N LYS B 201 4.45 -15.33 -37.67
CA LYS B 201 4.25 -14.14 -38.51
C LYS B 201 3.80 -14.58 -39.91
N GLU B 202 4.56 -15.36 -40.67
CA GLU B 202 4.21 -15.70 -42.07
C GLU B 202 2.96 -16.59 -42.10
N GLY B 203 2.80 -17.49 -41.14
CA GLY B 203 1.67 -18.42 -41.10
C GLY B 203 0.36 -17.77 -40.70
N PHE B 204 0.36 -16.66 -39.96
CA PHE B 204 -0.90 -16.10 -39.39
C PHE B 204 -1.03 -14.59 -39.63
N GLU B 205 -0.18 -13.94 -40.41
CA GLU B 205 -0.30 -12.48 -40.69
C GLU B 205 -1.64 -12.23 -41.41
N THR B 206 -2.02 -13.04 -42.39
CA THR B 206 -3.24 -12.82 -43.21
C THR B 206 -4.51 -13.29 -42.47
N SER B 207 -4.35 -14.02 -41.38
CA SER B 207 -5.46 -14.62 -40.59
C SER B 207 -6.06 -13.59 -39.65
N VAL B 208 -6.77 -12.58 -40.14
CA VAL B 208 -7.24 -11.47 -39.27
C VAL B 208 -8.39 -11.94 -38.37
N PHE B 209 -9.26 -12.82 -38.86
CA PHE B 209 -10.40 -13.39 -38.09
C PHE B 209 -10.44 -14.92 -38.15
N ASP B 210 -9.81 -15.51 -39.15
CA ASP B 210 -9.86 -16.97 -39.38
C ASP B 210 -8.51 -17.42 -39.94
N PHE B 211 -8.12 -18.64 -39.65
CA PHE B 211 -6.81 -19.20 -40.07
C PHE B 211 -7.03 -20.52 -40.80
N PRO B 212 -6.17 -20.88 -41.79
CA PRO B 212 -6.36 -22.11 -42.53
C PRO B 212 -6.00 -23.33 -41.67
N PHE B 213 -6.80 -24.38 -41.80
CA PHE B 213 -6.63 -25.66 -41.08
C PHE B 213 -5.26 -26.26 -41.33
N LYS B 214 -4.65 -26.01 -42.50
CA LYS B 214 -3.33 -26.57 -42.87
C LYS B 214 -2.20 -26.06 -41.96
N ASN B 215 -2.29 -24.81 -41.51
CA ASN B 215 -1.18 -24.14 -40.79
C ASN B 215 -1.07 -24.70 -39.37
N ILE B 216 -2.03 -25.51 -38.91
CA ILE B 216 -1.96 -26.17 -37.58
C ILE B 216 -1.73 -27.66 -37.74
N GLN B 217 -1.41 -28.16 -38.94
CA GLN B 217 -1.00 -29.58 -39.11
C GLN B 217 0.50 -29.69 -38.95
N PRO B 218 1.00 -30.77 -38.33
CA PRO B 218 2.44 -30.94 -38.12
C PRO B 218 3.31 -30.88 -39.37
N ASP B 219 2.74 -31.21 -40.54
CA ASP B 219 3.49 -31.21 -41.81
C ASP B 219 3.62 -29.79 -42.36
N SER B 220 3.00 -28.79 -41.75
CA SER B 220 3.07 -27.40 -42.24
C SER B 220 4.45 -26.80 -41.92
N PRO B 221 5.02 -25.95 -42.81
CA PRO B 221 6.21 -25.17 -42.46
C PRO B 221 5.98 -24.10 -41.39
N TYR B 222 4.71 -23.77 -41.13
CA TYR B 222 4.28 -22.78 -40.11
C TYR B 222 3.84 -23.45 -38.81
N PHE B 223 3.94 -24.78 -38.68
CA PHE B 223 3.45 -25.47 -37.48
C PHE B 223 4.32 -25.10 -36.28
N VAL B 224 3.70 -24.43 -35.30
CA VAL B 224 4.36 -24.09 -34.02
C VAL B 224 3.43 -24.52 -32.90
N CYS B 225 3.64 -25.71 -32.35
CA CYS B 225 2.87 -26.21 -31.19
C CYS B 225 3.72 -26.15 -29.94
N LEU B 226 3.31 -25.32 -28.98
CA LEU B 226 4.09 -25.01 -27.77
C LEU B 226 3.41 -25.67 -26.58
N ASP B 227 3.73 -26.95 -26.37
CA ASP B 227 3.07 -27.80 -25.37
C ASP B 227 3.23 -27.18 -23.99
N PRO B 228 2.17 -27.19 -23.17
CA PRO B 228 2.27 -26.65 -21.82
C PRO B 228 3.11 -27.52 -20.91
N PRO B 229 3.66 -26.96 -19.82
CA PRO B 229 4.63 -27.67 -18.98
C PRO B 229 4.16 -28.98 -18.34
N CYS B 230 2.85 -29.12 -18.13
CA CYS B 230 2.30 -30.36 -17.54
C CYS B 230 2.46 -31.55 -18.51
N LYS B 231 2.63 -31.29 -19.80
CA LYS B 231 2.65 -32.33 -20.87
C LYS B 231 4.07 -32.85 -21.09
N LYS B 232 5.10 -32.19 -20.55
CA LYS B 232 6.52 -32.49 -20.90
C LYS B 232 7.01 -33.85 -20.39
N GLU B 233 6.31 -34.51 -19.48
CA GLU B 233 6.68 -35.89 -19.07
C GLU B 233 5.41 -36.69 -18.76
N SER B 234 5.54 -38.02 -18.80
CA SER B 234 4.54 -38.96 -18.27
C SER B 234 4.55 -38.87 -16.74
N ALA B 235 3.58 -38.18 -16.16
CA ALA B 235 3.49 -37.96 -14.70
C ALA B 235 2.78 -39.11 -13.97
N TYR B 236 2.02 -39.94 -14.67
CA TYR B 236 0.96 -40.77 -14.02
C TYR B 236 1.55 -41.67 -12.93
N ASN B 237 2.60 -42.42 -13.20
CA ASN B 237 3.17 -43.34 -12.18
C ASN B 237 3.83 -42.56 -11.04
N LYS B 238 4.25 -41.33 -11.28
CA LYS B 238 4.85 -40.51 -10.20
C LYS B 238 3.73 -39.94 -9.32
N VAL B 239 2.69 -39.39 -9.93
CA VAL B 239 1.63 -38.64 -9.22
C VAL B 239 0.53 -39.59 -8.73
N ILE B 240 0.25 -40.67 -9.44
CA ILE B 240 -0.90 -41.58 -9.15
C ILE B 240 -0.39 -43.02 -9.18
N GLY B 241 -1.13 -43.91 -8.54
CA GLY B 241 -0.86 -45.36 -8.57
C GLY B 241 -1.80 -46.08 -7.64
N ASP B 242 -1.46 -47.30 -7.24
CA ASP B 242 -2.34 -48.13 -6.39
C ASP B 242 -2.57 -47.45 -5.04
N LYS B 243 -1.70 -46.54 -4.63
CA LYS B 243 -1.88 -45.74 -3.40
C LYS B 243 -2.87 -44.59 -3.63
N ASN B 244 -3.12 -44.19 -4.87
CA ASN B 244 -3.82 -42.91 -5.14
C ASN B 244 -4.93 -43.07 -6.17
N ARG B 245 -5.56 -44.23 -6.28
CA ARG B 245 -6.68 -44.38 -7.24
C ARG B 245 -7.88 -43.56 -6.76
N THR B 246 -8.56 -42.89 -7.70
CA THR B 246 -9.83 -42.20 -7.43
C THR B 246 -10.92 -43.24 -7.16
N VAL B 247 -11.71 -43.03 -6.12
CA VAL B 247 -12.77 -44.00 -5.70
C VAL B 247 -14.13 -43.43 -6.11
N TYR B 248 -14.89 -44.25 -6.83
CA TYR B 248 -16.29 -43.92 -7.23
C TYR B 248 -17.20 -45.04 -6.77
N HIS B 249 -18.47 -44.72 -6.60
CA HIS B 249 -19.55 -45.73 -6.75
C HIS B 249 -20.54 -45.27 -7.80
N GLU B 250 -21.12 -46.22 -8.53
CA GLU B 250 -22.17 -45.93 -9.52
C GLU B 250 -23.47 -45.62 -8.78
N ILE B 251 -24.18 -44.60 -9.27
CA ILE B 251 -25.52 -44.21 -8.77
C ILE B 251 -26.49 -44.20 -9.94
N ASN B 252 -27.78 -44.29 -9.65
CA ASN B 252 -28.82 -44.21 -10.70
C ASN B 252 -29.29 -42.76 -10.88
N LYS B 253 -30.20 -42.55 -11.82
CA LYS B 253 -30.76 -41.21 -12.12
C LYS B 253 -31.59 -40.68 -10.95
N THR B 254 -32.22 -41.55 -10.17
CA THR B 254 -33.03 -41.12 -9.00
C THR B 254 -32.09 -40.55 -7.92
N GLU B 255 -31.00 -41.26 -7.62
CA GLU B 255 -30.02 -40.81 -6.61
C GLU B 255 -29.37 -39.51 -7.10
N PHE B 256 -29.10 -39.39 -8.40
CA PHE B 256 -28.55 -38.13 -8.97
C PHE B 256 -29.54 -37.00 -8.74
N GLU B 257 -30.81 -37.19 -9.10
CA GLU B 257 -31.84 -36.12 -9.02
C GLU B 257 -32.12 -35.75 -7.56
N ASN B 258 -31.92 -36.64 -6.61
CA ASN B 258 -31.98 -36.30 -5.17
C ASN B 258 -30.85 -35.33 -4.81
N MET B 259 -29.66 -35.53 -5.37
CA MET B 259 -28.47 -34.71 -4.99
C MET B 259 -28.40 -33.42 -5.83
N ILE B 260 -28.78 -33.46 -7.11
CA ILE B 260 -28.56 -32.32 -8.02
C ILE B 260 -29.82 -32.07 -8.83
N LYS B 261 -30.42 -30.90 -8.62
CA LYS B 261 -31.64 -30.47 -9.31
C LYS B 261 -31.23 -29.56 -10.46
N LEU B 262 -30.89 -30.17 -11.59
CA LEU B 262 -30.69 -29.44 -12.86
C LEU B 262 -32.03 -28.86 -13.31
N ARG B 263 -32.00 -27.87 -14.19
CA ARG B 263 -33.22 -27.17 -14.67
C ARG B 263 -34.22 -28.17 -15.25
N THR B 264 -35.48 -28.11 -14.81
CA THR B 264 -36.55 -29.00 -15.32
C THR B 264 -37.37 -28.29 -16.41
N LYS B 265 -37.59 -26.98 -16.27
CA LYS B 265 -38.30 -26.18 -17.29
C LYS B 265 -37.41 -26.04 -18.53
N ARG B 266 -37.95 -26.38 -19.69
CA ARG B 266 -37.19 -26.26 -20.98
C ARG B 266 -36.82 -24.81 -21.23
N LEU B 267 -35.64 -24.59 -21.80
CA LEU B 267 -35.24 -23.26 -22.28
C LEU B 267 -35.87 -23.03 -23.65
N LYS B 268 -36.43 -21.85 -23.84
CA LYS B 268 -36.87 -21.38 -25.16
C LYS B 268 -35.65 -20.82 -25.86
N LEU B 269 -35.31 -21.39 -27.02
CA LEU B 269 -34.13 -20.96 -27.80
C LEU B 269 -34.59 -20.56 -29.21
N LEU B 270 -34.22 -19.37 -29.62
CA LEU B 270 -34.38 -18.90 -31.00
C LEU B 270 -33.00 -18.81 -31.67
N ILE B 271 -32.81 -19.52 -32.79
CA ILE B 271 -31.55 -19.50 -33.58
C ILE B 271 -31.90 -19.51 -35.06
N GLY B 272 -31.35 -18.58 -35.83
CA GLY B 272 -31.80 -18.31 -37.20
C GLY B 272 -33.31 -18.16 -37.25
N GLU B 273 -33.98 -19.07 -37.97
CA GLU B 273 -35.46 -19.09 -38.10
C GLU B 273 -36.05 -20.29 -37.35
N VAL B 274 -35.26 -21.00 -36.54
CA VAL B 274 -35.75 -22.13 -35.70
C VAL B 274 -36.06 -21.62 -34.30
N ASP B 275 -37.31 -21.76 -33.86
CA ASP B 275 -37.74 -21.45 -32.48
C ASP B 275 -38.11 -22.76 -31.81
N ALA B 276 -37.42 -23.11 -30.74
CA ALA B 276 -37.51 -24.46 -30.15
C ALA B 276 -37.42 -24.39 -28.64
N GLU B 277 -38.07 -25.34 -27.99
CA GLU B 277 -37.90 -25.59 -26.55
C GLU B 277 -36.89 -26.71 -26.41
N VAL B 278 -35.75 -26.41 -25.80
CA VAL B 278 -34.65 -27.40 -25.66
C VAL B 278 -34.63 -27.87 -24.22
N SER B 279 -34.80 -29.16 -24.01
CA SER B 279 -34.85 -29.75 -22.65
C SER B 279 -33.43 -30.01 -22.16
N THR B 280 -33.27 -30.19 -20.85
CA THR B 280 -31.97 -30.44 -20.20
C THR B 280 -31.38 -31.75 -20.72
N GLY B 281 -30.17 -31.67 -21.27
CA GLY B 281 -29.47 -32.78 -21.92
C GLY B 281 -29.71 -32.87 -23.42
N ASP B 282 -30.52 -32.00 -24.03
CA ASP B 282 -30.72 -32.02 -25.51
C ASP B 282 -29.75 -31.05 -26.17
N LYS B 283 -29.47 -31.29 -27.45
CA LYS B 283 -28.76 -30.29 -28.27
C LYS B 283 -29.58 -29.95 -29.51
N ILE B 284 -29.36 -28.75 -30.01
CA ILE B 284 -29.81 -28.29 -31.34
C ILE B 284 -28.58 -28.05 -32.21
N GLU B 285 -28.53 -28.70 -33.36
CA GLU B 285 -27.51 -28.38 -34.39
C GLU B 285 -27.88 -27.05 -35.03
N PHE B 286 -26.89 -26.28 -35.44
CA PHE B 286 -27.14 -24.96 -36.06
C PHE B 286 -27.99 -25.17 -37.31
N PRO B 287 -29.04 -24.34 -37.52
CA PRO B 287 -29.86 -24.43 -38.72
C PRO B 287 -29.19 -23.75 -39.92
N VAL B 288 -29.92 -23.61 -41.03
CA VAL B 288 -29.46 -22.87 -42.24
C VAL B 288 -29.50 -21.38 -41.90
N LEU B 289 -28.44 -20.91 -41.24
CA LEU B 289 -28.25 -19.48 -40.88
C LEU B 289 -27.99 -18.64 -42.15
N ALA B 290 -28.20 -17.33 -42.09
CA ALA B 290 -27.59 -16.40 -43.07
C ALA B 290 -26.08 -16.34 -42.80
N ASN B 291 -25.35 -15.49 -43.53
CA ASN B 291 -23.89 -15.27 -43.33
C ASN B 291 -23.11 -16.61 -43.36
N GLY B 292 -23.51 -17.51 -44.27
CA GLY B 292 -22.76 -18.72 -44.63
C GLY B 292 -23.12 -19.93 -43.79
N LYS B 293 -22.75 -21.13 -44.26
CA LYS B 293 -22.94 -22.37 -43.49
C LYS B 293 -21.97 -22.37 -42.30
N ARG B 294 -22.50 -22.68 -41.13
CA ARG B 294 -21.72 -22.86 -39.88
C ARG B 294 -22.00 -24.26 -39.34
N ARG B 295 -20.98 -24.88 -38.77
CA ARG B 295 -21.05 -26.26 -38.30
C ARG B 295 -20.91 -26.22 -36.79
N GLY B 296 -21.83 -26.83 -36.08
CA GLY B 296 -21.81 -26.79 -34.61
C GLY B 296 -23.15 -27.08 -34.02
N PHE B 297 -23.24 -27.01 -32.71
CA PHE B 297 -24.50 -27.28 -31.98
C PHE B 297 -24.52 -26.51 -30.68
N ILE B 298 -25.72 -26.36 -30.13
CA ILE B 298 -25.93 -25.79 -28.77
C ILE B 298 -26.52 -26.89 -27.91
N TYR B 299 -25.90 -27.15 -26.77
CA TYR B 299 -26.33 -28.16 -25.78
C TYR B 299 -26.89 -27.47 -24.54
N ASN B 300 -28.05 -27.88 -24.06
CA ASN B 300 -28.63 -27.37 -22.80
C ASN B 300 -28.09 -28.22 -21.66
N VAL B 301 -27.11 -27.72 -20.94
CA VAL B 301 -26.36 -28.48 -19.91
C VAL B 301 -27.24 -28.62 -18.64
N GLY B 302 -28.17 -27.71 -18.41
CA GLY B 302 -29.16 -27.80 -17.31
C GLY B 302 -28.73 -27.07 -16.06
N GLY B 303 -27.64 -26.29 -16.06
CA GLY B 303 -27.26 -25.55 -14.85
C GLY B 303 -26.24 -24.48 -15.12
N LEU B 304 -25.77 -23.78 -14.10
CA LEU B 304 -24.75 -22.73 -14.31
C LEU B 304 -23.43 -23.44 -14.69
N VAL B 305 -22.87 -23.12 -15.85
CA VAL B 305 -21.58 -23.71 -16.28
C VAL B 305 -20.43 -22.85 -15.74
N THR B 306 -19.71 -23.37 -14.76
CA THR B 306 -18.67 -22.59 -14.05
C THR B 306 -17.36 -22.64 -14.85
N ASP B 307 -17.03 -23.79 -15.45
CA ASP B 307 -15.82 -23.94 -16.32
C ASP B 307 -15.97 -25.09 -17.31
N ILE B 308 -15.18 -25.09 -18.39
CA ILE B 308 -15.06 -26.22 -19.35
C ILE B 308 -13.59 -26.51 -19.65
N ALA B 309 -13.29 -27.71 -20.13
CA ALA B 309 -11.90 -28.13 -20.41
C ALA B 309 -11.87 -29.23 -21.47
N TRP B 310 -11.24 -28.95 -22.59
CA TRP B 310 -10.90 -29.98 -23.60
C TRP B 310 -9.77 -30.87 -23.11
N LEU B 311 -9.84 -32.15 -23.40
CA LEU B 311 -8.67 -33.05 -23.23
C LEU B 311 -7.93 -33.08 -24.56
N ASN B 312 -6.75 -32.49 -24.62
CA ASN B 312 -6.08 -32.27 -25.92
C ASN B 312 -5.21 -33.49 -26.32
N ILE B 313 -5.78 -34.70 -26.35
CA ILE B 313 -5.13 -35.91 -26.93
C ILE B 313 -5.17 -35.80 -28.46
N GLU B 314 -4.04 -36.06 -29.13
CA GLU B 314 -3.97 -36.23 -30.61
C GLU B 314 -4.49 -37.63 -30.99
N GLU B 315 -3.85 -38.68 -30.47
CA GLU B 315 -4.32 -40.10 -30.58
C GLU B 315 -3.83 -40.92 -29.39
N ASN B 316 -4.50 -42.05 -29.16
CA ASN B 316 -4.15 -43.06 -28.14
C ASN B 316 -4.44 -44.47 -28.70
N THR B 317 -3.83 -45.51 -28.14
CA THR B 317 -4.06 -46.94 -28.49
C THR B 317 -5.57 -47.27 -28.55
N ASP B 318 -6.41 -46.58 -27.77
CA ASP B 318 -7.89 -46.79 -27.77
C ASP B 318 -8.66 -45.46 -27.93
N ILE B 319 -8.08 -44.43 -28.57
CA ILE B 319 -8.79 -43.18 -28.97
C ILE B 319 -8.31 -42.77 -30.37
N GLY B 320 -9.16 -42.98 -31.38
CA GLY B 320 -8.90 -42.61 -32.80
C GLY B 320 -8.91 -41.10 -33.02
N LYS B 321 -8.15 -40.62 -34.00
CA LYS B 321 -7.82 -39.19 -34.27
C LYS B 321 -9.01 -38.22 -34.11
N ASP B 322 -10.19 -38.58 -34.61
CA ASP B 322 -11.32 -37.61 -34.70
C ASP B 322 -12.03 -37.43 -33.36
N ILE B 323 -11.87 -38.35 -32.40
CA ILE B 323 -12.55 -38.32 -31.07
C ILE B 323 -11.82 -37.36 -30.13
N GLN B 324 -12.59 -36.56 -29.39
CA GLN B 324 -12.10 -35.60 -28.37
C GLN B 324 -13.01 -35.68 -27.14
N TYR B 325 -12.51 -35.32 -25.98
CA TYR B 325 -13.32 -35.25 -24.74
C TYR B 325 -13.37 -33.82 -24.22
N LEU B 326 -14.52 -33.46 -23.69
CA LEU B 326 -14.77 -32.11 -23.09
C LEU B 326 -15.33 -32.38 -21.71
N ALA B 327 -14.78 -31.73 -20.69
CA ALA B 327 -15.33 -31.75 -19.33
C ALA B 327 -16.08 -30.44 -19.12
N VAL B 328 -17.28 -30.51 -18.54
CA VAL B 328 -18.10 -29.30 -18.27
C VAL B 328 -18.48 -29.34 -16.80
N ALA B 329 -18.13 -28.33 -16.03
CA ALA B 329 -18.48 -28.20 -14.61
C ALA B 329 -19.83 -27.48 -14.49
N VAL B 330 -20.76 -28.07 -13.75
CA VAL B 330 -22.18 -27.62 -13.72
C VAL B 330 -22.68 -27.45 -12.29
N SER B 331 -23.22 -26.28 -12.00
CA SER B 331 -23.85 -25.95 -10.70
C SER B 331 -25.38 -26.08 -10.76
N GLN B 332 -26.01 -26.56 -9.70
CA GLN B 332 -27.48 -26.43 -9.53
C GLN B 332 -27.89 -25.02 -9.05
N TYR B 333 -26.99 -24.13 -8.67
CA TYR B 333 -27.33 -22.79 -8.12
C TYR B 333 -27.34 -21.78 -9.27
N MET B 334 -28.21 -22.07 -10.22
CA MET B 334 -28.43 -21.29 -11.45
C MET B 334 -29.46 -20.14 -11.25
N ASP B 335 -29.50 -19.21 -12.20
CA ASP B 335 -30.53 -18.15 -12.40
C ASP B 335 -30.46 -17.07 -11.31
N GLU B 336 -29.47 -17.07 -10.42
CA GLU B 336 -29.43 -16.21 -9.22
C GLU B 336 -28.02 -15.64 -9.03
N PRO B 337 -27.72 -14.43 -9.52
CA PRO B 337 -26.35 -13.92 -9.47
C PRO B 337 -25.76 -13.74 -8.07
N LEU B 338 -26.58 -13.63 -7.03
CA LEU B 338 -26.10 -13.49 -5.64
C LEU B 338 -26.66 -14.62 -4.79
N ASN B 339 -26.56 -15.85 -5.28
CA ASN B 339 -26.95 -17.05 -4.51
C ASN B 339 -25.97 -17.24 -3.36
N GLU B 340 -26.47 -17.64 -2.19
CA GLU B 340 -25.69 -17.81 -0.94
C GLU B 340 -24.59 -18.87 -1.13
N HIS B 341 -24.86 -19.95 -1.87
CA HIS B 341 -23.94 -21.10 -2.04
C HIS B 341 -22.78 -20.79 -2.98
N LEU B 342 -22.86 -19.75 -3.80
CA LEU B 342 -21.78 -19.46 -4.78
C LEU B 342 -20.69 -18.57 -4.13
N GLU B 343 -20.72 -18.33 -2.83
CA GLU B 343 -19.78 -17.34 -2.20
C GLU B 343 -18.32 -17.74 -2.53
N MET B 344 -17.51 -16.74 -2.80
CA MET B 344 -16.05 -16.81 -3.10
C MET B 344 -15.22 -16.98 -1.82
N PHE B 345 -15.57 -16.34 -0.71
CA PHE B 345 -14.63 -15.93 0.35
C PHE B 345 -14.49 -16.99 1.46
N ASP B 346 -15.43 -17.91 1.64
CA ASP B 346 -15.28 -18.91 2.72
C ASP B 346 -15.58 -20.31 2.22
N LYS B 347 -15.11 -21.30 2.97
CA LYS B 347 -15.21 -22.74 2.63
C LYS B 347 -16.69 -23.13 2.50
N GLU B 348 -17.09 -23.61 1.33
CA GLU B 348 -18.46 -24.13 1.11
C GLU B 348 -18.37 -25.52 0.49
N LYS B 349 -19.16 -26.44 0.98
CA LYS B 349 -19.30 -27.79 0.41
C LYS B 349 -20.77 -28.04 0.08
N HIS B 350 -21.03 -28.40 -1.17
CA HIS B 350 -22.34 -28.88 -1.62
C HIS B 350 -22.14 -29.75 -2.83
N SER B 351 -23.16 -30.49 -3.20
CA SER B 351 -23.15 -31.36 -4.38
C SER B 351 -23.16 -30.50 -5.64
N SER B 352 -22.18 -30.72 -6.51
CA SER B 352 -22.22 -30.24 -7.92
C SER B 352 -21.75 -31.39 -8.80
N CYS B 353 -21.77 -31.21 -10.12
CA CYS B 353 -21.36 -32.31 -11.03
C CYS B 353 -20.46 -31.81 -12.15
N ILE B 354 -19.64 -32.71 -12.67
CA ILE B 354 -18.87 -32.51 -13.93
C ILE B 354 -19.44 -33.50 -14.94
N GLN B 355 -19.79 -33.04 -16.13
CA GLN B 355 -20.29 -33.90 -17.21
C GLN B 355 -19.15 -34.10 -18.21
N ILE B 356 -18.92 -35.35 -18.62
CA ILE B 356 -17.87 -35.71 -19.61
C ILE B 356 -18.55 -36.00 -20.94
N PHE B 357 -18.17 -35.26 -21.96
CA PHE B 357 -18.71 -35.38 -23.33
C PHE B 357 -17.64 -35.98 -24.24
N LYS B 358 -18.04 -36.91 -25.09
CA LYS B 358 -17.18 -37.52 -26.13
C LYS B 358 -17.70 -36.95 -27.45
N MET B 359 -16.84 -36.29 -28.21
CA MET B 359 -17.23 -35.56 -29.43
C MET B 359 -16.36 -36.02 -30.60
N ASN B 360 -16.96 -36.14 -31.77
CA ASN B 360 -16.27 -36.42 -33.04
C ASN B 360 -16.08 -35.08 -33.75
N THR B 361 -14.83 -34.72 -34.05
CA THR B 361 -14.49 -33.43 -34.70
C THR B 361 -14.98 -33.37 -36.14
N SER B 362 -15.12 -34.51 -36.84
CA SER B 362 -15.51 -34.51 -38.26
C SER B 362 -17.03 -34.49 -38.41
N THR B 363 -17.76 -35.26 -37.60
CA THR B 363 -19.23 -35.34 -37.70
C THR B 363 -19.91 -34.36 -36.74
N LEU B 364 -19.20 -33.87 -35.73
CA LEU B 364 -19.79 -33.09 -34.60
C LEU B 364 -20.87 -33.91 -33.90
N HIS B 365 -20.81 -35.22 -34.01
CA HIS B 365 -21.57 -36.12 -33.11
C HIS B 365 -21.02 -35.97 -31.69
N CYS B 366 -21.89 -35.76 -30.71
CA CYS B 366 -21.47 -35.52 -29.32
C CYS B 366 -22.35 -36.30 -28.36
N VAL B 367 -21.73 -36.94 -27.37
CA VAL B 367 -22.43 -37.83 -26.40
C VAL B 367 -21.89 -37.51 -25.02
N LYS B 368 -22.79 -37.27 -24.08
CA LYS B 368 -22.45 -37.20 -22.64
C LYS B 368 -22.28 -38.64 -22.16
N VAL B 369 -21.05 -39.01 -21.79
CA VAL B 369 -20.70 -40.41 -21.43
C VAL B 369 -20.69 -40.59 -19.91
N GLN B 370 -20.42 -39.55 -19.13
CA GLN B 370 -20.38 -39.70 -17.66
C GLN B 370 -20.88 -38.42 -16.98
N THR B 371 -21.54 -38.57 -15.85
CA THR B 371 -21.72 -37.48 -14.87
C THR B 371 -21.05 -37.91 -13.57
N ILE B 372 -20.12 -37.09 -13.11
CA ILE B 372 -19.45 -37.29 -11.80
C ILE B 372 -20.15 -36.38 -10.81
N VAL B 373 -20.93 -36.95 -9.92
CA VAL B 373 -21.45 -36.18 -8.76
C VAL B 373 -20.33 -36.09 -7.73
N HIS B 374 -20.12 -34.91 -7.19
CA HIS B 374 -19.12 -34.69 -6.13
C HIS B 374 -19.61 -33.66 -5.13
N SER B 375 -18.93 -33.56 -4.00
CA SER B 375 -19.31 -32.66 -2.88
C SER B 375 -18.26 -31.57 -2.66
N PHE B 376 -17.50 -31.20 -3.66
CA PHE B 376 -16.44 -30.18 -3.50
C PHE B 376 -17.01 -28.76 -3.60
N GLY B 377 -18.31 -28.60 -3.81
CA GLY B 377 -18.87 -27.29 -4.18
C GLY B 377 -18.63 -26.94 -5.63
N GLU B 378 -18.72 -25.66 -5.99
CA GLU B 378 -18.41 -25.23 -7.36
C GLU B 378 -16.92 -25.40 -7.65
N VAL B 379 -16.61 -25.64 -8.92
CA VAL B 379 -15.22 -25.90 -9.38
C VAL B 379 -14.87 -24.98 -10.56
N TRP B 380 -13.61 -24.58 -10.62
CA TRP B 380 -13.06 -23.70 -11.69
C TRP B 380 -11.58 -24.00 -11.84
N ASP B 381 -10.89 -23.31 -12.73
CA ASP B 381 -9.54 -23.69 -13.19
C ASP B 381 -9.52 -25.19 -13.55
N LEU B 382 -10.60 -25.64 -14.18
CA LEU B 382 -10.77 -27.05 -14.59
C LEU B 382 -9.74 -27.33 -15.69
N LYS B 383 -8.84 -28.28 -15.45
CA LYS B 383 -7.71 -28.59 -16.36
C LYS B 383 -7.52 -30.09 -16.40
N TRP B 384 -7.37 -30.65 -17.57
CA TRP B 384 -6.85 -32.03 -17.68
C TRP B 384 -5.34 -32.00 -17.49
N HIS B 385 -4.84 -32.91 -16.66
CA HIS B 385 -3.39 -33.07 -16.49
C HIS B 385 -2.88 -33.84 -17.69
N GLU B 386 -2.49 -33.12 -18.74
CA GLU B 386 -2.13 -33.70 -20.05
C GLU B 386 -0.91 -34.64 -19.94
N GLY B 387 -0.23 -34.70 -18.81
CA GLY B 387 0.90 -35.62 -18.58
C GLY B 387 0.48 -36.92 -17.92
N CYS B 388 -0.65 -36.94 -17.24
CA CYS B 388 -1.15 -38.15 -16.54
C CYS B 388 -2.01 -38.95 -17.51
N HIS B 389 -1.41 -39.89 -18.25
CA HIS B 389 -2.13 -40.84 -19.12
C HIS B 389 -1.73 -42.28 -18.80
N ALA B 390 -2.72 -43.17 -18.87
CA ALA B 390 -2.58 -44.60 -18.59
C ALA B 390 -3.60 -45.36 -19.44
N PRO B 391 -3.37 -46.65 -19.77
CA PRO B 391 -4.28 -47.38 -20.68
C PRO B 391 -5.77 -47.40 -20.28
N HIS B 392 -6.07 -47.30 -18.98
CA HIS B 392 -7.44 -47.46 -18.43
C HIS B 392 -8.13 -46.10 -18.21
N LEU B 393 -7.48 -44.97 -18.47
CA LEU B 393 -8.09 -43.64 -18.25
C LEU B 393 -8.47 -42.97 -19.57
N VAL B 394 -9.54 -42.17 -19.53
CA VAL B 394 -9.75 -41.04 -20.46
C VAL B 394 -8.59 -40.08 -20.20
N GLY B 395 -8.45 -39.66 -18.94
CA GLY B 395 -7.38 -38.74 -18.49
C GLY B 395 -7.53 -38.39 -17.03
N CYS B 396 -6.65 -37.52 -16.54
CA CYS B 396 -6.69 -37.00 -15.15
C CYS B 396 -7.19 -35.57 -15.21
N LEU B 397 -8.24 -35.28 -14.46
CA LEU B 397 -8.90 -33.96 -14.47
C LEU B 397 -8.61 -33.25 -13.16
N SER B 398 -8.20 -32.01 -13.24
CA SER B 398 -7.77 -31.24 -12.04
C SER B 398 -8.59 -29.94 -11.96
N PHE B 399 -8.89 -29.51 -10.76
CA PHE B 399 -9.67 -28.27 -10.52
C PHE B 399 -9.48 -27.79 -9.10
N VAL B 400 -9.72 -26.51 -8.92
CA VAL B 400 -9.91 -25.93 -7.57
C VAL B 400 -11.42 -25.81 -7.31
N SER B 401 -11.76 -25.86 -6.04
CA SER B 401 -13.16 -25.96 -5.58
C SER B 401 -13.42 -25.00 -4.42
N GLN B 402 -14.69 -24.77 -4.13
CA GLN B 402 -15.11 -23.97 -2.96
C GLN B 402 -14.68 -24.63 -1.66
N GLU B 403 -14.36 -25.92 -1.66
CA GLU B 403 -13.71 -26.57 -0.51
C GLU B 403 -12.34 -25.94 -0.23
N GLY B 404 -11.78 -25.19 -1.18
CA GLY B 404 -10.49 -24.51 -1.04
C GLY B 404 -9.32 -25.44 -1.29
N THR B 405 -9.54 -26.52 -2.04
CA THR B 405 -8.52 -27.55 -2.32
C THR B 405 -8.35 -27.72 -3.83
N ILE B 406 -7.19 -28.18 -4.24
CA ILE B 406 -6.95 -28.66 -5.62
C ILE B 406 -7.18 -30.16 -5.60
N ASN B 407 -8.02 -30.65 -6.50
CA ASN B 407 -8.38 -32.09 -6.57
C ASN B 407 -8.04 -32.63 -7.95
N PHE B 408 -7.57 -33.88 -8.00
CA PHE B 408 -7.26 -34.59 -9.25
C PHE B 408 -8.15 -35.81 -9.31
N LEU B 409 -8.96 -35.92 -10.37
CA LEU B 409 -9.80 -37.12 -10.58
C LEU B 409 -9.22 -37.94 -11.73
N GLU B 410 -9.11 -39.24 -11.52
CA GLU B 410 -9.04 -40.19 -12.64
C GLU B 410 -10.42 -40.26 -13.30
N ILE B 411 -10.49 -39.88 -14.56
CA ILE B 411 -11.71 -40.13 -15.39
C ILE B 411 -11.56 -41.48 -16.06
N ILE B 412 -12.09 -42.51 -15.42
CA ILE B 412 -11.96 -43.90 -15.90
C ILE B 412 -12.90 -44.09 -17.07
N ASP B 413 -12.38 -44.67 -18.16
CA ASP B 413 -13.14 -44.81 -19.42
C ASP B 413 -14.22 -45.90 -19.27
N ASN B 414 -15.41 -45.64 -19.78
CA ASN B 414 -16.50 -46.66 -19.79
C ASN B 414 -16.13 -47.81 -20.72
N ALA B 415 -16.80 -48.94 -20.54
CA ALA B 415 -16.82 -50.05 -21.51
C ALA B 415 -17.54 -49.59 -22.79
N THR B 416 -18.55 -48.73 -22.67
CA THR B 416 -19.39 -48.29 -23.81
C THR B 416 -19.85 -46.85 -23.58
N ASP B 417 -20.32 -46.20 -24.63
CA ASP B 417 -20.81 -44.80 -24.57
C ASP B 417 -22.13 -44.71 -23.79
N VAL B 418 -22.67 -45.81 -23.28
CA VAL B 418 -23.87 -45.78 -22.41
C VAL B 418 -23.57 -44.92 -21.17
N HIS B 419 -24.39 -43.92 -20.94
CA HIS B 419 -24.17 -42.92 -19.87
C HIS B 419 -24.19 -43.59 -18.51
N VAL B 420 -23.26 -43.22 -17.65
CA VAL B 420 -23.26 -43.63 -16.23
C VAL B 420 -23.21 -42.39 -15.33
N PHE B 421 -23.87 -42.47 -14.19
CA PHE B 421 -23.70 -41.48 -13.10
C PHE B 421 -22.77 -42.07 -12.06
N LYS B 422 -21.81 -41.28 -11.62
CA LYS B 422 -20.84 -41.71 -10.59
C LYS B 422 -20.82 -40.68 -9.47
N MET B 423 -20.71 -41.17 -8.25
CA MET B 423 -20.48 -40.31 -7.07
C MET B 423 -18.99 -40.41 -6.75
N CYS B 424 -18.29 -39.30 -6.81
CA CYS B 424 -16.86 -39.24 -6.43
C CYS B 424 -16.76 -39.29 -4.90
N GLU B 425 -16.29 -40.40 -4.34
CA GLU B 425 -16.11 -40.54 -2.88
C GLU B 425 -14.78 -39.89 -2.44
N LYS B 426 -13.69 -40.16 -3.16
CA LYS B 426 -12.34 -39.72 -2.75
C LYS B 426 -11.48 -39.48 -3.98
N PRO B 427 -10.99 -38.26 -4.21
CA PRO B 427 -10.16 -37.98 -5.38
C PRO B 427 -8.79 -38.67 -5.28
N SER B 428 -8.08 -38.71 -6.39
CA SER B 428 -6.72 -39.31 -6.48
C SER B 428 -5.75 -38.46 -5.66
N LEU B 429 -5.86 -37.15 -5.75
CA LEU B 429 -4.94 -36.25 -5.04
C LEU B 429 -5.71 -35.01 -4.59
N THR B 430 -5.48 -34.58 -3.36
CA THR B 430 -5.99 -33.31 -2.83
C THR B 430 -4.81 -32.49 -2.31
N LEU B 431 -4.73 -31.23 -2.74
CA LEU B 431 -3.73 -30.27 -2.22
C LEU B 431 -4.46 -29.27 -1.34
N SER B 432 -3.96 -29.05 -0.14
CA SER B 432 -4.59 -28.12 0.82
C SER B 432 -3.60 -27.70 1.89
N LEU B 433 -3.88 -26.56 2.48
CA LEU B 433 -3.22 -26.11 3.72
C LEU B 433 -4.26 -25.99 4.83
N ALA B 434 -3.78 -26.13 6.06
CA ALA B 434 -4.56 -25.73 7.26
C ALA B 434 -4.78 -24.21 7.22
N ASP B 435 -6.02 -23.79 7.46
CA ASP B 435 -6.39 -22.37 7.74
C ASP B 435 -5.97 -21.46 6.59
N SER B 436 -5.96 -21.95 5.35
CA SER B 436 -6.12 -21.08 4.17
C SER B 436 -6.78 -21.87 3.03
N LEU B 437 -7.46 -21.16 2.16
CA LEU B 437 -8.17 -21.77 1.03
C LEU B 437 -7.44 -21.43 -0.27
N ILE B 438 -7.20 -22.45 -1.07
CA ILE B 438 -6.67 -22.29 -2.45
C ILE B 438 -7.81 -21.70 -3.30
N THR B 439 -7.50 -20.66 -4.05
CA THR B 439 -8.48 -19.98 -4.92
C THR B 439 -8.17 -20.15 -6.41
N THR B 440 -6.95 -20.51 -6.78
CA THR B 440 -6.55 -20.66 -8.19
C THR B 440 -5.24 -21.43 -8.26
N PHE B 441 -4.99 -22.09 -9.38
CA PHE B 441 -3.72 -22.82 -9.56
C PHE B 441 -3.35 -22.90 -11.03
N ASP B 442 -2.08 -23.16 -11.27
CA ASP B 442 -1.54 -23.54 -12.57
C ASP B 442 -0.40 -24.53 -12.40
N PHE B 443 -0.12 -25.30 -13.44
CA PHE B 443 1.06 -26.19 -13.49
C PHE B 443 2.32 -25.38 -13.74
N LEU B 444 3.37 -25.75 -13.03
CA LEU B 444 4.77 -25.33 -13.36
C LEU B 444 5.49 -26.48 -14.06
N SER B 445 5.04 -27.70 -13.88
CA SER B 445 5.79 -28.93 -14.22
C SER B 445 4.75 -30.04 -14.32
N PRO B 446 5.07 -31.20 -14.93
CA PRO B 446 4.21 -32.36 -14.76
C PRO B 446 4.00 -32.76 -13.29
N THR B 447 4.87 -32.37 -12.37
CA THR B 447 4.79 -32.82 -10.96
C THR B 447 4.77 -31.64 -9.97
N THR B 448 4.68 -30.40 -10.44
CA THR B 448 4.55 -29.26 -9.53
C THR B 448 3.50 -28.29 -10.03
N VAL B 449 2.78 -27.70 -9.08
CA VAL B 449 1.75 -26.67 -9.35
C VAL B 449 2.05 -25.44 -8.51
N VAL B 450 1.73 -24.29 -9.06
CA VAL B 450 1.72 -23.02 -8.32
C VAL B 450 0.25 -22.69 -8.06
N CYS B 451 -0.04 -22.13 -6.89
CA CYS B 451 -1.44 -21.82 -6.50
C CYS B 451 -1.53 -20.54 -5.68
N GLY B 452 -2.67 -19.90 -5.78
CA GLY B 452 -3.00 -18.64 -5.10
C GLY B 452 -4.01 -18.90 -4.01
N PHE B 453 -4.01 -18.05 -2.98
CA PHE B 453 -4.84 -18.28 -1.77
C PHE B 453 -5.75 -17.09 -1.53
N LYS B 454 -6.81 -17.33 -0.77
CA LYS B 454 -7.75 -16.32 -0.24
C LYS B 454 -6.99 -15.21 0.49
N ASN B 455 -5.91 -15.50 1.21
CA ASN B 455 -5.20 -14.49 2.02
C ASN B 455 -4.15 -13.72 1.22
N GLY B 456 -3.98 -14.02 -0.07
CA GLY B 456 -2.98 -13.34 -0.91
C GLY B 456 -1.63 -14.02 -0.90
N PHE B 457 -1.54 -15.22 -0.37
CA PHE B 457 -0.30 -16.01 -0.43
C PHE B 457 -0.24 -16.81 -1.74
N VAL B 458 0.97 -17.18 -2.10
CA VAL B 458 1.25 -18.15 -3.17
C VAL B 458 2.02 -19.32 -2.57
N ALA B 459 1.74 -20.52 -3.04
CA ALA B 459 2.55 -21.71 -2.75
C ALA B 459 2.89 -22.44 -4.03
N GLU B 460 3.97 -23.23 -3.97
CA GLU B 460 4.22 -24.33 -4.91
C GLU B 460 3.99 -25.64 -4.18
N PHE B 461 3.32 -26.59 -4.81
CA PHE B 461 3.24 -27.98 -4.31
C PHE B 461 3.92 -28.94 -5.26
N ASP B 462 4.64 -29.89 -4.70
CA ASP B 462 5.15 -31.07 -5.44
C ASP B 462 4.04 -32.11 -5.41
N LEU B 463 3.55 -32.54 -6.58
CA LEU B 463 2.44 -33.51 -6.67
C LEU B 463 2.91 -34.89 -6.24
N THR B 464 4.21 -35.14 -6.11
CA THR B 464 4.73 -36.43 -5.60
C THR B 464 4.91 -36.39 -4.07
N ASP B 465 4.89 -35.20 -3.46
CA ASP B 465 4.99 -35.07 -1.98
C ASP B 465 4.10 -33.92 -1.53
N PRO B 466 2.77 -34.08 -1.68
CA PRO B 466 1.85 -32.95 -1.64
C PRO B 466 1.57 -32.33 -0.26
N GLU B 467 2.00 -32.96 0.84
CA GLU B 467 1.60 -32.54 2.20
C GLU B 467 2.10 -31.13 2.51
N VAL B 468 3.31 -30.77 2.11
CA VAL B 468 3.91 -29.47 2.52
C VAL B 468 4.42 -28.74 1.29
N PRO B 469 4.09 -27.45 1.12
CA PRO B 469 4.51 -26.72 -0.07
C PRO B 469 5.99 -26.32 -0.03
N SER B 470 6.56 -26.16 -1.21
CA SER B 470 7.97 -25.80 -1.41
C SER B 470 8.20 -24.38 -0.89
N PHE B 471 7.25 -23.48 -1.10
CA PHE B 471 7.26 -22.15 -0.47
C PHE B 471 5.84 -21.70 -0.17
N TYR B 472 5.69 -20.73 0.71
CA TYR B 472 4.36 -20.20 1.09
C TYR B 472 4.53 -18.72 1.46
N ASP B 473 4.50 -17.85 0.48
CA ASP B 473 4.83 -16.42 0.63
C ASP B 473 3.64 -15.56 0.28
N GLN B 474 3.48 -14.44 0.98
CA GLN B 474 2.48 -13.43 0.65
C GLN B 474 2.91 -12.63 -0.57
N VAL B 475 2.01 -12.46 -1.51
CA VAL B 475 2.31 -11.78 -2.79
C VAL B 475 1.29 -10.68 -2.98
N HIS B 476 0.09 -10.86 -2.47
CA HIS B 476 -0.99 -9.85 -2.64
C HIS B 476 -1.57 -9.52 -1.29
N ASP B 477 -2.28 -8.40 -1.24
CA ASP B 477 -2.96 -7.94 -0.01
C ASP B 477 -4.25 -8.72 0.23
N SER B 478 -4.79 -9.39 -0.78
CA SER B 478 -6.16 -9.93 -0.71
C SER B 478 -6.35 -11.08 -1.71
N TYR B 479 -7.56 -11.57 -1.83
CA TYR B 479 -7.97 -12.77 -2.56
C TYR B 479 -7.35 -12.78 -3.96
N ILE B 480 -6.58 -13.81 -4.26
CA ILE B 480 -5.95 -13.96 -5.59
C ILE B 480 -6.99 -14.55 -6.57
N LEU B 481 -7.24 -13.84 -7.65
CA LEU B 481 -8.31 -14.21 -8.61
C LEU B 481 -7.79 -15.30 -9.55
N SER B 482 -6.64 -15.07 -10.17
CA SER B 482 -6.07 -16.06 -11.11
C SER B 482 -4.57 -16.08 -11.04
N VAL B 483 -4.01 -17.27 -11.24
CA VAL B 483 -2.53 -17.44 -11.38
C VAL B 483 -2.27 -18.13 -12.72
N SER B 484 -1.27 -17.67 -13.44
CA SER B 484 -1.00 -18.14 -14.82
C SER B 484 0.51 -18.32 -15.06
N THR B 485 0.90 -19.45 -15.59
CA THR B 485 2.31 -19.82 -15.85
C THR B 485 2.69 -19.41 -17.28
N ALA B 486 3.69 -18.56 -17.43
CA ALA B 486 4.32 -18.25 -18.73
C ALA B 486 5.53 -19.16 -18.88
N TYR B 487 5.48 -20.02 -19.88
CA TYR B 487 6.51 -21.06 -20.13
C TYR B 487 7.16 -20.76 -21.48
N SER B 488 8.42 -21.10 -21.58
CA SER B 488 9.26 -20.84 -22.77
C SER B 488 10.41 -21.83 -22.77
N ASP B 489 10.89 -22.14 -23.95
CA ASP B 489 12.12 -22.96 -24.11
C ASP B 489 13.37 -22.09 -23.98
N PHE B 490 13.21 -20.76 -23.87
CA PHE B 490 14.34 -19.81 -23.98
C PHE B 490 14.51 -18.96 -22.71
N GLU B 491 13.58 -19.02 -21.77
CA GLU B 491 13.60 -18.21 -20.53
C GLU B 491 13.19 -19.09 -19.36
N ASP B 492 13.61 -18.74 -18.16
CA ASP B 492 13.07 -19.35 -16.92
C ASP B 492 11.56 -19.17 -16.91
N THR B 493 10.86 -20.15 -16.38
CA THR B 493 9.39 -20.06 -16.19
C THR B 493 9.07 -18.96 -15.17
N VAL B 494 8.04 -18.19 -15.47
CA VAL B 494 7.55 -17.10 -14.59
C VAL B 494 6.06 -17.28 -14.35
N VAL B 495 5.57 -16.66 -13.30
CA VAL B 495 4.18 -16.79 -12.84
C VAL B 495 3.58 -15.41 -12.73
N SER B 496 2.38 -15.26 -13.24
CA SER B 496 1.60 -14.02 -13.08
C SER B 496 0.45 -14.27 -12.09
N THR B 497 0.08 -13.23 -11.36
CA THR B 497 -1.01 -13.28 -10.36
C THR B 497 -1.75 -11.96 -10.42
N VAL B 498 -3.05 -12.05 -10.30
CA VAL B 498 -3.92 -10.86 -10.20
C VAL B 498 -4.89 -11.14 -9.07
N ALA B 499 -5.19 -10.11 -8.30
CA ALA B 499 -5.99 -10.26 -7.06
C ALA B 499 -7.06 -9.18 -7.01
N VAL B 500 -7.95 -9.35 -6.06
CA VAL B 500 -9.06 -8.38 -5.79
C VAL B 500 -8.45 -7.00 -5.45
N ASP B 501 -7.22 -6.93 -4.95
CA ASP B 501 -6.56 -5.62 -4.70
C ASP B 501 -6.17 -4.93 -6.00
N GLY B 502 -6.38 -5.54 -7.16
CA GLY B 502 -6.14 -4.89 -8.45
C GLY B 502 -4.71 -4.99 -8.99
N TYR B 503 -3.74 -5.42 -8.21
CA TYR B 503 -2.36 -5.54 -8.73
C TYR B 503 -2.22 -6.76 -9.62
N PHE B 504 -1.47 -6.61 -10.71
CA PHE B 504 -1.06 -7.72 -11.59
C PHE B 504 0.45 -7.85 -11.47
N TYR B 505 0.95 -8.93 -10.89
CA TYR B 505 2.40 -9.15 -10.73
C TYR B 505 2.87 -10.33 -11.59
N ILE B 506 4.09 -10.21 -12.08
CA ILE B 506 4.86 -11.35 -12.68
C ILE B 506 6.07 -11.56 -11.80
N PHE B 507 6.34 -12.79 -11.41
CA PHE B 507 7.56 -13.10 -10.64
C PHE B 507 8.10 -14.46 -11.09
N ASN B 508 9.35 -14.71 -10.73
CA ASN B 508 10.01 -16.00 -10.95
C ASN B 508 9.97 -16.79 -9.65
N PRO B 509 9.37 -17.99 -9.61
CA PRO B 509 9.38 -18.79 -8.37
C PRO B 509 10.77 -19.16 -7.80
N LYS B 510 11.85 -19.08 -8.58
CA LYS B 510 13.22 -19.22 -8.01
C LYS B 510 13.43 -18.19 -6.88
N ASP B 511 13.03 -16.92 -7.09
CA ASP B 511 13.25 -15.86 -6.08
C ASP B 511 12.20 -14.78 -6.29
N ILE B 512 11.08 -14.92 -5.59
CA ILE B 512 9.94 -13.97 -5.70
C ILE B 512 10.43 -12.58 -5.27
N ALA B 513 11.21 -12.55 -4.20
CA ALA B 513 11.70 -11.29 -3.58
C ALA B 513 12.45 -10.45 -4.63
N THR B 514 13.33 -11.05 -5.39
CA THR B 514 14.22 -10.29 -6.30
C THR B 514 13.62 -10.18 -7.69
N THR B 515 12.53 -10.88 -8.01
CA THR B 515 11.99 -10.87 -9.40
C THR B 515 10.61 -10.22 -9.51
N LYS B 516 9.91 -10.01 -8.40
CA LYS B 516 8.50 -9.54 -8.46
C LYS B 516 8.41 -8.23 -9.26
N THR B 517 7.66 -8.26 -10.35
CA THR B 517 7.51 -7.15 -11.31
C THR B 517 6.03 -6.75 -11.37
N THR B 518 5.71 -5.49 -11.23
CA THR B 518 4.32 -4.99 -11.36
C THR B 518 4.05 -4.72 -12.83
N VAL B 519 3.00 -5.31 -13.38
CA VAL B 519 2.51 -4.96 -14.74
C VAL B 519 1.66 -3.71 -14.62
N SER B 520 0.65 -3.75 -13.76
CA SER B 520 -0.33 -2.63 -13.61
C SER B 520 -1.18 -2.83 -12.38
N ARG B 521 -1.89 -1.76 -11.99
CA ARG B 521 -2.99 -1.89 -11.00
C ARG B 521 -4.30 -1.62 -11.74
N PHE B 522 -5.26 -2.51 -11.56
CA PHE B 522 -6.63 -2.35 -12.08
C PHE B 522 -7.53 -1.73 -11.01
N ARG B 523 -8.77 -1.48 -11.40
CA ARG B 523 -9.73 -0.73 -10.56
C ARG B 523 -10.30 -1.58 -9.43
N GLY B 524 -10.06 -2.87 -9.35
CA GLY B 524 -10.58 -3.64 -8.20
C GLY B 524 -11.90 -4.30 -8.57
N SER B 525 -11.98 -5.64 -8.53
CA SER B 525 -12.97 -6.43 -9.30
C SER B 525 -12.96 -7.89 -8.84
N ASN B 526 -14.02 -8.61 -9.12
CA ASN B 526 -14.21 -10.02 -8.73
C ASN B 526 -13.82 -10.96 -9.89
N LEU B 527 -13.50 -10.44 -11.07
CA LEU B 527 -13.46 -11.30 -12.29
C LEU B 527 -12.43 -10.73 -13.27
N VAL B 528 -11.23 -11.26 -13.23
CA VAL B 528 -10.11 -10.77 -14.09
C VAL B 528 -9.48 -11.96 -14.79
N PRO B 529 -9.92 -12.33 -16.01
CA PRO B 529 -9.37 -13.48 -16.71
C PRO B 529 -7.95 -13.20 -17.20
N VAL B 530 -7.02 -14.12 -16.92
CA VAL B 530 -5.62 -14.06 -17.43
C VAL B 530 -5.29 -15.41 -18.03
N VAL B 531 -4.77 -15.42 -19.23
CA VAL B 531 -4.29 -16.65 -19.89
C VAL B 531 -2.95 -16.34 -20.55
N TYR B 532 -2.13 -17.37 -20.73
CA TYR B 532 -0.86 -17.21 -21.46
C TYR B 532 -1.05 -17.69 -22.88
N CYS B 533 -0.80 -16.82 -23.86
CA CYS B 533 -0.80 -17.16 -25.30
C CYS B 533 0.62 -17.51 -25.70
N PRO B 534 1.01 -18.81 -25.77
CA PRO B 534 2.42 -19.16 -25.86
C PRO B 534 3.12 -18.82 -27.16
N GLN B 535 2.40 -18.76 -28.28
CA GLN B 535 3.01 -18.43 -29.60
C GLN B 535 3.55 -17.01 -29.62
N ILE B 536 3.00 -16.08 -28.85
CA ILE B 536 3.55 -14.69 -28.79
C ILE B 536 4.15 -14.40 -27.41
N TYR B 537 4.37 -15.42 -26.58
CA TYR B 537 5.03 -15.31 -25.26
C TYR B 537 4.38 -14.21 -24.42
N SER B 538 3.06 -14.06 -24.51
CA SER B 538 2.34 -12.94 -23.87
C SER B 538 1.20 -13.44 -23.01
N TYR B 539 1.04 -12.86 -21.85
CA TYR B 539 -0.21 -12.97 -21.08
C TYR B 539 -1.25 -12.13 -21.79
N ILE B 540 -2.44 -12.67 -21.93
CA ILE B 540 -3.63 -11.94 -22.43
C ILE B 540 -4.61 -11.87 -21.28
N TYR B 541 -5.12 -10.68 -21.02
CA TYR B 541 -5.86 -10.42 -19.76
C TYR B 541 -6.85 -9.29 -19.97
N SER B 542 -7.75 -9.14 -19.01
CA SER B 542 -8.65 -7.95 -18.92
C SER B 542 -8.23 -7.05 -17.77
N ASP B 543 -8.64 -5.79 -17.82
CA ASP B 543 -8.73 -4.87 -16.65
C ASP B 543 -9.68 -5.36 -15.55
N GLY B 544 -10.51 -6.37 -15.76
CA GLY B 544 -11.75 -6.51 -14.98
C GLY B 544 -12.79 -5.49 -15.41
N ALA B 545 -12.64 -4.84 -16.57
CA ALA B 545 -13.52 -3.72 -16.98
C ALA B 545 -13.46 -3.35 -18.46
N SER B 546 -13.80 -4.26 -19.35
CA SER B 546 -14.10 -3.98 -20.80
C SER B 546 -12.89 -3.82 -21.72
N SER B 547 -11.66 -3.71 -21.24
CA SER B 547 -10.49 -3.69 -22.16
C SER B 547 -9.79 -5.07 -22.16
N LEU B 548 -9.45 -5.59 -23.33
CA LEU B 548 -8.61 -6.80 -23.49
C LEU B 548 -7.19 -6.37 -23.87
N ARG B 549 -6.21 -6.87 -23.14
CA ARG B 549 -4.79 -6.42 -23.29
C ARG B 549 -3.87 -7.62 -23.42
N ALA B 550 -2.72 -7.40 -24.04
CA ALA B 550 -1.63 -8.39 -24.08
C ALA B 550 -0.37 -7.78 -23.46
N VAL B 551 0.33 -8.52 -22.62
CA VAL B 551 1.67 -8.08 -22.14
C VAL B 551 2.66 -9.22 -22.32
N PRO B 552 3.81 -8.99 -22.98
CA PRO B 552 4.83 -10.02 -23.11
C PRO B 552 5.43 -10.37 -21.74
N SER B 553 5.68 -11.64 -21.49
CA SER B 553 6.13 -12.19 -20.17
C SER B 553 7.51 -11.64 -19.80
N ARG B 554 8.24 -11.08 -20.75
CA ARG B 554 9.39 -10.15 -20.55
C ARG B 554 9.09 -8.84 -21.27
N ALA B 555 9.45 -7.71 -20.71
CA ALA B 555 8.93 -6.40 -21.14
C ALA B 555 7.50 -6.21 -20.64
N ALA B 556 7.27 -6.34 -19.33
CA ALA B 556 6.03 -5.94 -18.61
C ALA B 556 5.61 -4.50 -18.92
N PHE B 557 6.52 -3.62 -19.30
CA PHE B 557 6.19 -2.23 -19.68
C PHE B 557 5.41 -2.20 -21.02
N ALA B 558 5.56 -3.18 -21.89
CA ALA B 558 5.04 -3.16 -23.27
C ALA B 558 3.60 -3.70 -23.32
N VAL B 559 2.67 -3.12 -22.57
CA VAL B 559 1.23 -3.50 -22.66
C VAL B 559 0.64 -3.06 -24.01
N HIS B 560 -0.01 -3.98 -24.69
CA HIS B 560 -0.71 -3.77 -25.98
C HIS B 560 -2.21 -3.93 -25.77
N PRO B 561 -3.08 -2.90 -25.91
CA PRO B 561 -4.52 -3.15 -25.96
C PRO B 561 -4.88 -3.84 -27.29
N LEU B 562 -5.72 -4.87 -27.18
CA LEU B 562 -6.16 -5.72 -28.32
C LEU B 562 -7.53 -5.27 -28.82
N VAL B 563 -8.46 -5.02 -27.89
CA VAL B 563 -9.85 -4.63 -28.24
C VAL B 563 -10.56 -4.09 -26.99
N SER B 564 -11.53 -3.21 -27.20
CA SER B 564 -12.38 -2.61 -26.15
C SER B 564 -13.83 -3.00 -26.41
N ARG B 565 -14.54 -3.43 -25.37
CA ARG B 565 -15.93 -3.92 -25.47
C ARG B 565 -16.92 -2.90 -24.87
N GLU B 566 -18.21 -3.17 -25.01
CA GLU B 566 -19.29 -2.36 -24.40
C GLU B 566 -19.44 -2.69 -22.92
N THR B 567 -18.84 -3.76 -22.43
CA THR B 567 -19.06 -4.22 -21.03
C THR B 567 -17.94 -5.15 -20.57
N THR B 568 -18.06 -5.61 -19.33
CA THR B 568 -17.11 -6.52 -18.64
C THR B 568 -16.74 -7.71 -19.53
N ILE B 569 -15.45 -7.93 -19.79
CA ILE B 569 -14.90 -9.16 -20.38
C ILE B 569 -14.87 -10.22 -19.28
N THR B 570 -15.36 -11.40 -19.57
CA THR B 570 -15.61 -12.43 -18.54
C THR B 570 -14.86 -13.73 -18.87
N ALA B 571 -14.38 -13.92 -20.11
CA ALA B 571 -13.71 -15.19 -20.49
C ALA B 571 -12.74 -14.94 -21.63
N ILE B 572 -11.59 -15.59 -21.56
CA ILE B 572 -10.54 -15.51 -22.62
C ILE B 572 -10.13 -16.93 -23.00
N GLY B 573 -10.05 -17.19 -24.30
CA GLY B 573 -9.57 -18.49 -24.83
C GLY B 573 -8.36 -18.32 -25.73
N VAL B 574 -7.30 -19.10 -25.49
CA VAL B 574 -6.09 -19.12 -26.36
C VAL B 574 -5.71 -20.55 -26.68
N SER B 575 -4.88 -20.70 -27.67
CA SER B 575 -4.40 -22.00 -28.17
C SER B 575 -2.88 -22.02 -28.22
N ARG B 576 -2.33 -23.20 -27.99
CA ARG B 576 -0.91 -23.51 -28.26
C ARG B 576 -0.61 -23.57 -29.77
N LEU B 577 -1.61 -23.66 -30.64
CA LEU B 577 -1.42 -23.95 -32.09
C LEU B 577 -1.51 -22.70 -32.95
N HIS B 578 -2.12 -21.62 -32.47
CA HIS B 578 -2.37 -20.41 -33.31
C HIS B 578 -2.51 -19.21 -32.42
N PRO B 579 -2.32 -17.97 -32.93
CA PRO B 579 -2.38 -16.77 -32.09
C PRO B 579 -3.79 -16.15 -31.96
N MET B 580 -4.85 -16.87 -32.29
CA MET B 580 -6.23 -16.33 -32.28
C MET B 580 -6.80 -16.37 -30.86
N VAL B 581 -7.32 -15.24 -30.41
CA VAL B 581 -7.88 -15.07 -29.04
C VAL B 581 -9.40 -15.01 -29.12
N LEU B 582 -10.06 -15.88 -28.39
CA LEU B 582 -11.53 -15.75 -28.14
C LEU B 582 -11.72 -14.94 -26.86
N ALA B 583 -12.58 -13.94 -26.89
CA ALA B 583 -12.98 -13.26 -25.63
C ALA B 583 -14.49 -13.21 -25.51
N GLY B 584 -14.99 -13.63 -24.37
CA GLY B 584 -16.43 -13.57 -24.07
C GLY B 584 -16.72 -12.45 -23.11
N SER B 585 -17.94 -11.95 -23.18
CA SER B 585 -18.36 -10.72 -22.50
C SER B 585 -19.68 -10.93 -21.74
N ALA B 586 -19.96 -10.04 -20.81
CA ALA B 586 -21.18 -10.04 -19.97
C ALA B 586 -22.44 -9.76 -20.80
N ASP B 587 -22.31 -9.11 -21.95
CA ASP B 587 -23.44 -8.90 -22.87
C ASP B 587 -23.69 -10.16 -23.73
N GLY B 588 -22.97 -11.25 -23.52
CA GLY B 588 -23.16 -12.47 -24.32
C GLY B 588 -22.57 -12.41 -25.71
N SER B 589 -21.72 -11.44 -26.02
CA SER B 589 -20.96 -11.41 -27.27
C SER B 589 -19.72 -12.29 -27.13
N LEU B 590 -19.40 -13.05 -28.16
CA LEU B 590 -18.08 -13.72 -28.32
C LEU B 590 -17.37 -13.09 -29.50
N ILE B 591 -16.16 -12.59 -29.25
CA ILE B 591 -15.29 -12.02 -30.31
C ILE B 591 -14.06 -12.91 -30.56
N ILE B 592 -13.49 -12.78 -31.74
CA ILE B 592 -12.19 -13.38 -32.13
C ILE B 592 -11.25 -12.25 -32.58
N THR B 593 -9.98 -12.34 -32.23
CA THR B 593 -8.95 -11.38 -32.69
C THR B 593 -7.61 -12.12 -32.79
N ASN B 594 -6.73 -11.66 -33.66
CA ASN B 594 -5.38 -12.23 -33.83
C ASN B 594 -4.40 -11.43 -32.97
N ALA B 595 -3.82 -12.02 -31.93
CA ALA B 595 -2.91 -11.27 -31.03
C ALA B 595 -1.52 -11.13 -31.68
N ALA B 596 -1.13 -12.03 -32.58
CA ALA B 596 0.15 -11.94 -33.33
C ALA B 596 0.08 -10.94 -34.46
N ARG B 597 -1.01 -10.22 -34.67
CA ARG B 597 -1.04 -9.03 -35.56
C ARG B 597 -0.79 -7.78 -34.72
N ARG B 598 -0.99 -7.85 -33.41
CA ARG B 598 -0.77 -6.70 -32.49
C ARG B 598 0.69 -6.72 -32.06
N LEU B 599 1.14 -7.83 -31.48
CA LEU B 599 2.57 -8.12 -31.31
C LEU B 599 3.11 -8.54 -32.68
N LEU B 600 4.40 -8.52 -32.90
CA LEU B 600 4.99 -8.84 -34.23
C LEU B 600 4.62 -7.79 -35.29
N HIS B 601 4.22 -6.60 -34.85
CA HIS B 601 3.96 -5.41 -35.71
C HIS B 601 4.46 -4.14 -35.01
N GLY B 602 4.61 -3.04 -35.73
CA GLY B 602 5.07 -1.78 -35.10
C GLY B 602 4.09 -1.17 -34.11
N ILE B 603 4.45 -0.01 -33.58
CA ILE B 603 3.56 0.79 -32.67
C ILE B 603 2.62 1.67 -33.49
N LYS B 604 3.06 2.25 -34.62
CA LYS B 604 2.29 3.27 -35.37
C LYS B 604 1.14 2.61 -36.14
N ASN B 605 -0.02 3.29 -36.21
CA ASN B 605 -1.26 2.83 -36.92
C ASN B 605 -1.81 1.51 -36.31
N SER B 606 -1.80 1.40 -34.99
CA SER B 606 -2.35 0.23 -34.25
C SER B 606 -3.86 0.11 -34.52
N SER B 607 -4.57 1.21 -34.42
CA SER B 607 -6.05 1.28 -34.56
C SER B 607 -6.48 0.96 -35.99
N ALA B 608 -5.60 1.17 -36.95
CA ALA B 608 -5.90 0.86 -38.36
C ALA B 608 -5.64 -0.62 -38.67
N THR B 609 -4.67 -1.25 -38.02
CA THR B 609 -4.23 -2.63 -38.37
C THR B 609 -4.98 -3.67 -37.54
N GLN B 610 -5.40 -3.35 -36.32
CA GLN B 610 -5.97 -4.36 -35.40
C GLN B 610 -7.51 -4.32 -35.45
N LYS B 611 -8.11 -5.48 -35.66
CA LYS B 611 -9.57 -5.68 -35.75
C LYS B 611 -9.96 -6.95 -35.02
N SER B 612 -11.22 -7.00 -34.63
CA SER B 612 -11.82 -8.18 -33.99
C SER B 612 -13.19 -8.39 -34.59
N LEU B 613 -13.72 -9.59 -34.46
CA LEU B 613 -15.00 -9.96 -35.08
C LEU B 613 -15.90 -10.58 -34.03
N ARG B 614 -17.13 -10.09 -33.90
CA ARG B 614 -18.19 -10.77 -33.12
C ARG B 614 -18.60 -12.04 -33.87
N LEU B 615 -18.28 -13.21 -33.32
CA LEU B 615 -18.71 -14.50 -33.89
C LEU B 615 -20.16 -14.75 -33.49
N TRP B 616 -20.56 -14.44 -32.27
CA TRP B 616 -21.92 -14.74 -31.74
C TRP B 616 -22.33 -13.67 -30.74
N LYS B 617 -23.62 -13.48 -30.57
CA LYS B 617 -24.17 -12.72 -29.43
C LYS B 617 -25.37 -13.47 -28.90
N TRP B 618 -25.38 -13.75 -27.60
CA TRP B 618 -26.61 -14.12 -26.88
C TRP B 618 -27.43 -12.88 -26.54
N ASP B 619 -28.74 -13.04 -26.67
CA ASP B 619 -29.75 -12.10 -26.13
C ASP B 619 -30.76 -12.89 -25.34
N TYR B 620 -31.42 -12.21 -24.40
CA TYR B 620 -32.54 -12.76 -23.62
C TYR B 620 -33.68 -11.76 -23.67
N SER B 621 -34.87 -12.25 -24.01
CA SER B 621 -36.14 -11.48 -24.02
C SER B 621 -36.84 -11.69 -22.69
N ILE B 622 -37.04 -10.63 -21.92
CA ILE B 622 -37.79 -10.70 -20.65
C ILE B 622 -39.26 -11.00 -20.97
N LYS B 623 -39.79 -10.37 -22.01
CA LYS B 623 -41.20 -10.56 -22.44
C LYS B 623 -41.44 -12.05 -22.73
N ASP B 624 -40.57 -12.68 -23.50
CA ASP B 624 -40.81 -14.06 -23.98
C ASP B 624 -40.22 -15.09 -23.01
N ASP B 625 -39.27 -14.68 -22.15
CA ASP B 625 -38.44 -15.58 -21.31
C ASP B 625 -37.64 -16.49 -22.24
N LYS B 626 -37.01 -15.90 -23.24
CA LYS B 626 -36.50 -16.64 -24.41
C LYS B 626 -35.09 -16.17 -24.70
N TYR B 627 -34.20 -17.12 -24.98
CA TYR B 627 -32.81 -16.83 -25.43
C TYR B 627 -32.73 -16.82 -26.94
N ARG B 628 -32.01 -15.88 -27.50
CA ARG B 628 -31.72 -15.82 -28.95
C ARG B 628 -30.20 -15.73 -29.14
N ILE B 629 -29.68 -16.46 -30.12
CA ILE B 629 -28.24 -16.32 -30.52
C ILE B 629 -28.17 -15.74 -31.92
N ASP B 630 -27.50 -14.59 -32.04
CA ASP B 630 -27.34 -13.84 -33.30
C ASP B 630 -26.05 -14.34 -33.96
N SER B 631 -26.19 -14.89 -35.16
CA SER B 631 -25.08 -15.42 -35.97
C SER B 631 -24.36 -14.31 -36.74
N SER B 632 -24.92 -13.11 -36.87
CA SER B 632 -24.39 -12.10 -37.82
C SER B 632 -23.07 -11.52 -37.29
N TYR B 633 -22.08 -11.41 -38.17
CA TYR B 633 -20.72 -10.97 -37.81
C TYR B 633 -20.66 -9.44 -37.73
N GLU B 634 -19.88 -8.94 -36.78
CA GLU B 634 -19.62 -7.51 -36.62
C GLU B 634 -18.12 -7.31 -36.47
N VAL B 635 -17.56 -6.36 -37.22
CA VAL B 635 -16.12 -6.00 -37.13
C VAL B 635 -15.97 -4.81 -36.20
N TYR B 636 -15.08 -4.92 -35.22
CA TYR B 636 -14.66 -3.79 -34.37
C TYR B 636 -13.21 -3.45 -34.61
N PRO B 637 -12.90 -2.21 -35.07
CA PRO B 637 -11.55 -1.69 -34.99
C PRO B 637 -11.12 -1.52 -33.52
N LEU B 638 -9.81 -1.59 -33.30
CA LEU B 638 -9.21 -1.26 -31.98
C LEU B 638 -9.48 0.21 -31.72
N THR B 639 -10.16 0.52 -30.64
CA THR B 639 -10.57 1.91 -30.31
C THR B 639 -9.44 2.66 -29.62
N VAL B 640 -9.49 3.96 -29.72
CA VAL B 640 -8.44 4.89 -29.22
C VAL B 640 -9.03 5.65 -28.04
N ASN B 641 -8.27 5.81 -26.96
CA ASN B 641 -8.67 6.63 -25.78
C ASN B 641 -10.05 6.21 -25.29
N ASP B 642 -10.35 4.91 -25.28
CA ASP B 642 -11.75 4.46 -25.09
C ASP B 642 -12.12 4.55 -23.61
N VAL B 643 -13.30 5.09 -23.34
CA VAL B 643 -13.87 5.10 -21.96
C VAL B 643 -14.12 3.66 -21.54
N SER B 644 -13.80 3.32 -20.28
CA SER B 644 -14.16 2.04 -19.64
C SER B 644 -15.69 1.91 -19.59
N LYS B 645 -16.24 0.77 -19.95
CA LYS B 645 -17.71 0.58 -20.05
C LYS B 645 -18.17 -0.59 -19.19
N ALA B 646 -19.31 -0.42 -18.56
CA ALA B 646 -20.01 -1.50 -17.84
C ALA B 646 -21.51 -1.22 -17.97
N LYS B 647 -22.26 -2.28 -18.23
CA LYS B 647 -23.73 -2.20 -18.34
C LYS B 647 -24.29 -3.49 -17.80
N ILE B 648 -25.56 -3.44 -17.43
CA ILE B 648 -26.24 -4.60 -16.81
C ILE B 648 -27.04 -5.27 -17.93
N ASP B 649 -26.82 -6.57 -18.08
CA ASP B 649 -27.46 -7.40 -19.11
C ASP B 649 -28.09 -8.58 -18.39
N ALA B 650 -28.95 -9.28 -19.10
CA ALA B 650 -29.63 -10.46 -18.55
C ALA B 650 -28.59 -11.32 -17.82
N HIS B 651 -28.98 -11.82 -16.67
CA HIS B 651 -28.14 -12.66 -15.80
C HIS B 651 -27.68 -13.93 -16.54
N GLY B 652 -28.44 -14.36 -17.54
CA GLY B 652 -28.23 -15.66 -18.19
C GLY B 652 -27.24 -15.56 -19.31
N ILE B 653 -27.01 -14.38 -19.87
CA ILE B 653 -26.31 -14.27 -21.16
C ILE B 653 -24.81 -14.06 -20.99
N ASN B 654 -24.30 -13.77 -19.80
CA ASN B 654 -22.84 -13.54 -19.68
C ASN B 654 -22.10 -14.85 -20.03
N ILE B 655 -21.03 -14.70 -20.81
CA ILE B 655 -20.20 -15.85 -21.23
C ILE B 655 -19.25 -16.21 -20.10
N THR B 656 -19.42 -17.39 -19.51
CA THR B 656 -18.69 -17.78 -18.28
C THR B 656 -17.31 -18.33 -18.64
N CYS B 657 -17.20 -19.02 -19.78
CA CYS B 657 -15.94 -19.65 -20.23
C CYS B 657 -15.95 -19.87 -21.74
N THR B 658 -14.77 -19.89 -22.35
CA THR B 658 -14.56 -20.21 -23.77
C THR B 658 -13.18 -20.81 -23.98
N LYS B 659 -13.10 -21.98 -24.59
CA LYS B 659 -11.82 -22.71 -24.75
C LYS B 659 -11.72 -23.29 -26.14
N TRP B 660 -10.57 -23.08 -26.76
CA TRP B 660 -10.20 -23.77 -28.01
C TRP B 660 -9.89 -25.22 -27.75
N ASN B 661 -10.23 -26.08 -28.68
CA ASN B 661 -9.60 -27.42 -28.78
C ASN B 661 -8.16 -27.20 -29.27
N GLU B 662 -7.18 -27.77 -28.59
CA GLU B 662 -5.75 -27.46 -28.88
C GLU B 662 -5.08 -28.69 -29.48
N THR B 663 -5.70 -29.30 -30.48
CA THR B 663 -5.13 -30.44 -31.22
C THR B 663 -5.07 -30.11 -32.71
N SER B 664 -4.15 -30.70 -33.47
CA SER B 664 -4.10 -30.49 -34.93
C SER B 664 -5.41 -30.93 -35.59
N ALA B 665 -6.04 -32.03 -35.15
CA ALA B 665 -7.29 -32.55 -35.77
C ALA B 665 -8.49 -31.68 -35.42
N GLY B 666 -8.61 -31.24 -34.16
CA GLY B 666 -9.79 -30.49 -33.67
C GLY B 666 -9.57 -28.99 -33.54
N GLY B 667 -8.40 -28.47 -33.90
CA GLY B 667 -7.90 -27.17 -33.48
C GLY B 667 -8.68 -26.00 -34.00
N LYS B 668 -9.65 -26.23 -34.87
CA LYS B 668 -10.62 -25.19 -35.29
C LYS B 668 -11.93 -25.29 -34.51
N CYS B 669 -12.16 -26.34 -33.73
CA CYS B 669 -13.29 -26.37 -32.77
C CYS B 669 -12.99 -25.41 -31.61
N TYR B 670 -13.99 -24.68 -31.16
CA TYR B 670 -14.01 -24.07 -29.82
C TYR B 670 -15.40 -24.20 -29.22
N ALA B 671 -15.45 -24.15 -27.90
CA ALA B 671 -16.67 -24.23 -27.09
C ALA B 671 -16.77 -22.96 -26.25
N PHE B 672 -17.99 -22.54 -25.98
CA PHE B 672 -18.24 -21.44 -25.02
C PHE B 672 -19.63 -21.65 -24.43
N SER B 673 -19.77 -21.21 -23.19
CA SER B 673 -21.00 -21.34 -22.39
C SER B 673 -21.41 -20.00 -21.81
N ASN B 674 -22.72 -19.76 -21.71
CA ASN B 674 -23.25 -18.64 -20.88
C ASN B 674 -23.71 -19.18 -19.53
N SER B 675 -24.08 -18.30 -18.61
CA SER B 675 -24.55 -18.67 -17.24
C SER B 675 -25.85 -19.46 -17.28
N ALA B 676 -26.71 -19.25 -18.26
CA ALA B 676 -27.96 -20.04 -18.40
C ALA B 676 -27.63 -21.53 -18.57
N GLY B 677 -26.42 -21.90 -19.03
CA GLY B 677 -26.05 -23.30 -19.25
C GLY B 677 -26.28 -23.75 -20.69
N LEU B 678 -26.28 -22.80 -21.62
CA LEU B 678 -26.30 -23.12 -23.05
C LEU B 678 -24.84 -23.18 -23.52
N LEU B 679 -24.33 -24.40 -23.65
CA LEU B 679 -22.96 -24.69 -24.16
C LEU B 679 -22.98 -24.79 -25.69
N THR B 680 -22.28 -23.90 -26.37
CA THR B 680 -22.23 -23.82 -27.85
C THR B 680 -20.86 -24.31 -28.32
N LEU B 681 -20.84 -25.28 -29.21
CA LEU B 681 -19.60 -25.67 -29.95
C LEU B 681 -19.72 -25.24 -31.40
N GLU B 682 -18.66 -24.65 -31.94
CA GLU B 682 -18.58 -24.39 -33.39
C GLU B 682 -17.25 -24.87 -33.97
N TYR B 683 -17.30 -25.64 -35.04
CA TYR B 683 -16.10 -26.00 -35.83
C TYR B 683 -15.90 -24.87 -36.83
N LEU B 684 -15.00 -23.96 -36.51
CA LEU B 684 -14.78 -22.71 -37.29
C LEU B 684 -14.17 -23.06 -38.65
N SER B 685 -14.86 -22.70 -39.72
CA SER B 685 -14.49 -23.13 -41.10
C SER B 685 -15.20 -22.26 -42.14
N MET C 1 10.36 -4.10 31.96
CA MET C 1 10.57 -2.77 31.31
C MET C 1 9.31 -2.37 30.53
N LYS C 2 9.03 -1.07 30.46
CA LYS C 2 7.86 -0.55 29.72
C LYS C 2 8.35 0.05 28.40
N LEU C 3 7.73 -0.34 27.30
CA LEU C 3 8.18 0.10 25.96
C LEU C 3 7.86 1.58 25.74
N LEU C 4 8.66 2.21 24.90
CA LEU C 4 8.32 3.51 24.30
C LEU C 4 7.10 3.34 23.41
N LYS C 5 6.38 4.43 23.21
CA LYS C 5 5.25 4.45 22.26
C LYS C 5 5.78 4.17 20.87
N ASP C 6 5.07 3.34 20.10
CA ASP C 6 5.48 3.00 18.73
C ASP C 6 5.50 4.23 17.83
N LEU C 7 6.46 4.24 16.91
CA LEU C 7 6.60 5.28 15.87
C LEU C 7 5.56 4.98 14.80
N LEU C 8 4.54 5.81 14.69
CA LEU C 8 3.53 5.64 13.62
C LEU C 8 4.05 6.26 12.33
N VAL C 9 4.15 5.45 11.29
CA VAL C 9 4.54 5.90 9.93
C VAL C 9 3.33 5.79 9.02
N ASP C 10 2.99 6.87 8.33
CA ASP C 10 1.75 6.95 7.54
C ASP C 10 2.06 7.13 6.06
N ARG C 11 1.19 6.57 5.21
CA ARG C 11 1.17 6.77 3.73
C ARG C 11 2.44 6.22 3.10
N LYS C 12 3.02 5.18 3.66
CA LYS C 12 4.19 4.49 3.09
C LYS C 12 3.74 3.09 2.71
N GLU C 13 4.22 2.59 1.58
CA GLU C 13 3.88 1.23 1.11
C GLU C 13 5.15 0.38 1.04
N PHE C 14 4.97 -0.91 1.12
CA PHE C 14 5.99 -1.89 0.66
C PHE C 14 5.47 -2.61 -0.57
N GLU C 15 6.39 -2.93 -1.47
CA GLU C 15 6.06 -3.71 -2.69
C GLU C 15 5.78 -5.16 -2.26
N ASP C 16 6.44 -5.62 -1.21
CA ASP C 16 6.46 -7.06 -0.88
C ASP C 16 6.40 -7.25 0.62
N TRP C 17 6.54 -8.48 1.08
CA TRP C 17 6.22 -8.90 2.47
C TRP C 17 7.42 -9.53 3.14
N LYS C 18 8.60 -9.38 2.55
CA LYS C 18 9.88 -9.77 3.18
C LYS C 18 10.33 -8.75 4.23
N ASN C 19 11.50 -8.97 4.78
CA ASN C 19 12.08 -8.10 5.84
C ASN C 19 12.61 -6.85 5.18
N ASN C 20 11.90 -5.74 5.38
CA ASN C 20 12.23 -4.45 4.73
C ASN C 20 12.85 -3.47 5.71
N LEU C 21 13.32 -3.88 6.88
CA LEU C 21 13.92 -2.94 7.87
C LEU C 21 15.39 -3.29 8.06
N THR C 22 16.23 -2.26 7.98
CA THR C 22 17.62 -2.33 8.50
C THR C 22 17.88 -1.15 9.41
N TRP C 23 18.76 -1.38 10.37
CA TRP C 23 19.08 -0.39 11.43
C TRP C 23 20.58 -0.11 11.39
N ALA C 24 20.98 1.05 10.91
CA ALA C 24 22.38 1.39 10.63
C ALA C 24 23.19 1.64 11.89
N ARG C 25 24.50 1.49 11.76
CA ARG C 25 25.56 1.67 12.79
C ARG C 25 25.37 2.98 13.57
N ASP C 26 24.99 4.06 12.89
CA ASP C 26 24.79 5.40 13.47
C ASP C 26 23.36 5.55 14.03
N GLY C 27 22.53 4.52 13.96
CA GLY C 27 21.16 4.55 14.52
C GLY C 27 20.12 4.85 13.46
N THR C 28 20.51 5.05 12.21
CA THR C 28 19.53 5.35 11.14
C THR C 28 18.69 4.09 10.88
N LEU C 29 17.38 4.27 10.76
CA LEU C 29 16.49 3.19 10.25
C LEU C 29 16.38 3.36 8.75
N TYR C 30 16.59 2.28 8.01
CA TYR C 30 16.30 2.27 6.55
C TYR C 30 15.12 1.34 6.31
N LEU C 31 14.07 1.86 5.72
CA LEU C 31 12.91 1.04 5.32
C LEU C 31 12.85 1.05 3.81
N THR C 32 12.91 -0.13 3.20
CA THR C 32 12.85 -0.23 1.73
C THR C 32 11.37 -0.22 1.35
N THR C 33 10.74 0.90 1.60
CA THR C 33 9.41 1.24 1.05
C THR C 33 9.48 1.46 -0.46
N PHE C 34 8.32 1.50 -1.09
CA PHE C 34 8.15 1.71 -2.54
C PHE C 34 7.41 3.02 -2.73
N PRO C 35 7.71 3.82 -3.77
CA PRO C 35 8.86 3.62 -4.66
C PRO C 35 10.22 4.17 -4.17
N ASP C 36 10.26 4.86 -3.04
CA ASP C 36 11.53 5.37 -2.47
C ASP C 36 11.79 4.69 -1.13
N ILE C 37 13.06 4.55 -0.79
CA ILE C 37 13.49 4.19 0.59
C ILE C 37 12.99 5.28 1.55
N SER C 38 12.62 4.86 2.74
CA SER C 38 12.34 5.76 3.88
C SER C 38 13.49 5.63 4.88
N ILE C 39 14.00 6.75 5.36
CA ILE C 39 14.98 6.76 6.48
C ILE C 39 14.29 7.26 7.73
N GLY C 40 14.47 6.55 8.83
CA GLY C 40 14.33 7.09 10.18
C GLY C 40 15.60 7.80 10.56
N GLN C 41 15.68 9.09 10.25
CA GLN C 41 16.87 9.93 10.57
C GLN C 41 16.99 10.08 12.09
N PRO C 42 18.10 9.67 12.74
CA PRO C 42 18.19 9.75 14.20
C PRO C 42 18.14 11.20 14.72
N LYS C 43 17.44 11.41 15.83
CA LYS C 43 17.29 12.75 16.45
C LYS C 43 17.57 12.68 17.94
N TYR C 44 18.17 13.74 18.47
CA TYR C 44 18.46 13.85 19.91
C TYR C 44 17.43 14.76 20.58
N ALA C 45 16.92 14.31 21.70
CA ALA C 45 16.19 15.12 22.69
C ALA C 45 16.59 14.64 24.08
N LYS C 46 16.71 15.57 25.02
CA LYS C 46 17.06 15.21 26.42
C LYS C 46 15.90 14.41 27.02
N ASP C 47 14.66 14.87 26.85
CA ASP C 47 13.47 14.08 27.22
C ASP C 47 12.72 13.71 25.94
N ILE C 48 12.52 12.42 25.72
CA ILE C 48 11.72 11.91 24.57
C ILE C 48 10.28 11.66 25.01
N ASN C 49 9.94 11.91 26.27
CA ASN C 49 8.56 11.71 26.81
C ASN C 49 8.12 10.26 26.60
N CYS C 50 9.06 9.33 26.72
CA CYS C 50 8.84 7.88 26.49
C CYS C 50 8.22 7.63 25.10
N ASN C 51 8.45 8.50 24.13
CA ASN C 51 7.83 8.36 22.81
C ASN C 51 8.96 8.25 21.78
N SER C 52 8.94 7.20 20.97
CA SER C 52 9.97 6.94 19.94
C SER C 52 9.85 7.92 18.76
N LYS C 53 8.75 8.67 18.64
CA LYS C 53 8.63 9.74 17.62
C LYS C 53 9.76 10.75 17.84
N ASN C 54 10.31 10.85 19.05
CA ASN C 54 11.35 11.85 19.37
C ASN C 54 12.75 11.29 19.11
N LEU C 55 12.89 9.99 18.89
CA LEU C 55 14.20 9.39 18.49
C LEU C 55 14.39 9.44 16.99
N PHE C 56 13.34 9.36 16.18
CA PHE C 56 13.49 9.26 14.70
C PHE C 56 12.60 10.24 13.97
N HIS C 57 13.15 10.91 12.96
CA HIS C 57 12.37 11.65 11.94
C HIS C 57 12.29 10.80 10.67
N VAL C 58 11.10 10.38 10.28
CA VAL C 58 10.93 9.45 9.14
C VAL C 58 10.60 10.28 7.91
N LYS C 59 11.40 10.15 6.87
CA LYS C 59 11.21 10.94 5.63
C LYS C 59 11.56 10.10 4.40
N GLU C 60 11.03 10.51 3.27
CA GLU C 60 11.39 9.98 1.93
C GLU C 60 12.88 10.21 1.69
N PHE C 61 13.57 9.19 1.22
CA PHE C 61 15.02 9.21 0.92
C PHE C 61 15.20 8.80 -0.53
N PRO C 62 15.04 9.76 -1.47
CA PRO C 62 15.11 9.45 -2.89
C PRO C 62 16.56 9.23 -3.35
N LEU C 63 16.75 8.30 -4.26
CA LEU C 63 18.08 7.95 -4.83
C LEU C 63 17.98 7.86 -6.35
N GLU C 64 19.07 8.22 -7.02
CA GLU C 64 19.24 8.12 -8.49
C GLU C 64 19.89 6.79 -8.83
N PHE C 65 19.25 5.98 -9.66
CA PHE C 65 19.78 4.65 -10.06
C PHE C 65 20.28 4.69 -11.51
N GLU C 66 21.53 4.32 -11.67
CA GLU C 66 22.17 4.06 -12.98
C GLU C 66 21.98 2.58 -13.28
N ASN C 67 21.23 2.23 -14.32
CA ASN C 67 21.13 0.83 -14.75
C ASN C 67 22.30 0.49 -15.68
N LYS C 68 23.31 -0.24 -15.20
CA LYS C 68 24.45 -0.69 -16.03
C LYS C 68 24.01 -1.76 -17.04
N LEU C 69 22.78 -2.27 -16.96
CA LEU C 69 22.29 -3.34 -17.86
C LEU C 69 21.15 -2.86 -18.76
N ASP C 70 20.83 -1.57 -18.87
CA ASP C 70 19.59 -1.21 -19.62
C ASP C 70 19.77 -1.32 -21.15
N PHE C 71 20.99 -1.46 -21.68
CA PHE C 71 21.19 -1.82 -23.11
C PHE C 71 21.49 -3.32 -23.25
N GLU C 72 21.32 -4.13 -22.21
CA GLU C 72 21.44 -5.60 -22.30
C GLU C 72 20.04 -6.21 -22.46
N LEU C 73 19.91 -7.17 -23.35
CA LEU C 73 18.65 -7.92 -23.54
C LEU C 73 18.66 -9.15 -22.61
N ALA C 74 17.50 -9.49 -22.08
CA ALA C 74 17.32 -10.19 -20.79
C ALA C 74 17.89 -11.62 -20.72
N GLN C 75 18.02 -12.37 -21.81
CA GLN C 75 18.48 -13.81 -21.77
C GLN C 75 17.61 -14.66 -20.83
N GLN C 76 18.17 -15.56 -20.02
CA GLN C 76 17.37 -16.62 -19.31
C GLN C 76 16.48 -16.00 -18.25
N ASN C 77 16.95 -14.96 -17.57
CA ASN C 77 16.09 -14.23 -16.62
C ASN C 77 15.33 -13.18 -17.42
N GLY C 78 14.20 -13.59 -17.99
CA GLY C 78 13.34 -12.70 -18.80
C GLY C 78 12.81 -11.50 -18.00
N LEU C 79 12.81 -11.55 -16.67
CA LEU C 79 12.32 -10.40 -15.88
C LEU C 79 13.38 -9.31 -15.75
N LEU C 80 14.64 -9.53 -16.16
CA LEU C 80 15.62 -8.41 -16.22
C LEU C 80 15.14 -7.33 -17.18
N ASN C 81 15.15 -6.06 -16.74
CA ASN C 81 14.73 -4.87 -17.51
C ASN C 81 13.27 -5.01 -17.95
N SER C 82 12.46 -5.90 -17.34
CA SER C 82 11.04 -6.10 -17.71
C SER C 82 10.26 -4.85 -17.33
N GLN C 83 10.72 -4.17 -16.27
CA GLN C 83 10.17 -2.84 -15.89
C GLN C 83 11.33 -1.86 -15.83
N PRO C 84 11.64 -1.09 -16.89
CA PRO C 84 12.94 -0.42 -17.00
C PRO C 84 13.29 0.74 -16.03
N VAL C 85 12.32 1.28 -15.30
CA VAL C 85 12.59 2.37 -14.31
C VAL C 85 13.03 1.72 -12.99
N CYS C 86 14.29 1.92 -12.62
CA CYS C 86 14.90 1.26 -11.45
C CYS C 86 14.35 1.78 -10.12
N TYR C 87 14.22 0.90 -9.16
CA TYR C 87 13.79 1.25 -7.80
C TYR C 87 14.43 0.25 -6.86
N PRO C 88 14.59 0.63 -5.58
CA PRO C 88 15.28 -0.23 -4.63
C PRO C 88 14.48 -1.45 -4.18
N ARG C 89 15.14 -2.58 -4.12
CA ARG C 89 14.61 -3.83 -3.54
C ARG C 89 15.19 -4.08 -2.16
N VAL C 90 16.50 -4.03 -2.02
CA VAL C 90 17.16 -4.36 -0.73
C VAL C 90 18.15 -3.24 -0.41
N CYS C 91 18.23 -2.85 0.84
CA CYS C 91 19.13 -1.80 1.32
C CYS C 91 19.84 -2.33 2.57
N LYS C 92 21.16 -2.44 2.53
CA LYS C 92 21.94 -2.80 3.74
C LYS C 92 22.96 -1.72 4.01
N PRO C 93 22.94 -1.06 5.19
CA PRO C 93 24.03 -0.16 5.57
C PRO C 93 25.27 -0.95 5.96
N SER C 94 26.44 -0.38 5.74
CA SER C 94 27.71 -1.01 6.19
C SER C 94 27.72 -1.18 7.71
N PRO C 95 28.19 -2.32 8.26
CA PRO C 95 28.41 -2.45 9.69
C PRO C 95 29.64 -1.68 10.21
N ILE C 96 30.41 -1.03 9.35
CA ILE C 96 31.70 -0.36 9.73
C ILE C 96 31.72 1.09 9.26
N ASP C 97 31.36 1.33 8.00
CA ASP C 97 31.58 2.62 7.31
C ASP C 97 30.30 3.45 7.18
N ASP C 98 30.43 4.68 6.68
CA ASP C 98 29.33 5.68 6.62
C ASP C 98 28.27 5.30 5.57
N TRP C 99 28.54 4.36 4.68
CA TRP C 99 27.75 4.16 3.44
C TRP C 99 26.81 2.95 3.48
N MET C 100 25.86 2.92 2.55
CA MET C 100 24.91 1.79 2.40
C MET C 100 25.04 1.22 0.98
N ALA C 101 24.61 -0.02 0.77
CA ALA C 101 24.45 -0.54 -0.59
C ALA C 101 22.97 -0.83 -0.85
N VAL C 102 22.56 -0.59 -2.08
CA VAL C 102 21.17 -0.82 -2.53
C VAL C 102 21.19 -1.75 -3.75
N LEU C 103 20.43 -2.84 -3.67
CA LEU C 103 20.08 -3.69 -4.83
C LEU C 103 18.84 -3.12 -5.51
N SER C 104 18.91 -2.80 -6.80
CA SER C 104 17.72 -2.34 -7.56
C SER C 104 16.90 -3.55 -8.04
N ASN C 105 15.69 -3.28 -8.49
CA ASN C 105 14.78 -4.27 -9.11
C ASN C 105 15.43 -4.90 -10.37
N ASN C 106 16.40 -4.24 -11.01
CA ASN C 106 17.08 -4.79 -12.21
C ASN C 106 18.46 -5.34 -11.87
N GLY C 107 18.67 -5.82 -10.66
CA GLY C 107 19.87 -6.62 -10.36
C GLY C 107 21.17 -5.82 -10.36
N ASN C 108 21.16 -4.54 -10.00
CA ASN C 108 22.38 -3.72 -9.79
C ASN C 108 22.57 -3.52 -8.30
N VAL C 109 23.81 -3.60 -7.83
CA VAL C 109 24.19 -3.23 -6.45
C VAL C 109 24.98 -1.95 -6.54
N SER C 110 24.44 -0.88 -6.00
CA SER C 110 25.08 0.46 -5.99
C SER C 110 25.33 0.90 -4.55
N VAL C 111 26.51 1.43 -4.28
CA VAL C 111 26.88 1.92 -2.92
C VAL C 111 26.62 3.42 -2.87
N PHE C 112 26.01 3.90 -1.79
CA PHE C 112 25.70 5.35 -1.62
C PHE C 112 26.28 5.86 -0.30
N LYS C 113 26.89 7.04 -0.32
CA LYS C 113 27.18 7.85 0.88
C LYS C 113 26.29 9.08 0.83
N ASP C 114 25.47 9.30 1.87
CA ASP C 114 24.30 10.23 1.82
C ASP C 114 23.44 9.86 0.60
N ASN C 115 22.91 10.82 -0.15
CA ASN C 115 22.13 10.54 -1.38
C ASN C 115 23.05 10.28 -2.58
N LYS C 116 24.38 10.23 -2.45
CA LYS C 116 25.28 10.23 -3.64
C LYS C 116 25.84 8.83 -3.88
N MET C 117 25.73 8.35 -5.11
CA MET C 117 26.27 7.02 -5.47
C MET C 117 27.79 7.07 -5.51
N LEU C 118 28.46 6.18 -4.77
CA LEU C 118 29.93 6.05 -4.81
C LEU C 118 30.27 5.20 -6.03
N THR C 119 29.75 3.98 -6.09
CA THR C 119 30.09 3.02 -7.17
C THR C 119 28.88 2.16 -7.49
N ASN C 120 28.75 1.80 -8.74
CA ASN C 120 27.82 0.77 -9.27
C ASN C 120 28.68 -0.47 -9.53
N LEU C 121 28.55 -1.52 -8.73
CA LEU C 121 29.46 -2.68 -8.77
C LEU C 121 29.30 -3.43 -10.10
N ASP C 122 30.42 -3.64 -10.80
CA ASP C 122 30.41 -4.37 -12.08
C ASP C 122 31.75 -5.04 -12.31
N SER C 123 31.74 -6.22 -12.91
CA SER C 123 32.95 -6.88 -13.45
C SER C 123 32.63 -7.46 -14.82
N LYS C 124 33.66 -7.66 -15.63
CA LYS C 124 33.50 -8.17 -17.01
C LYS C 124 33.06 -9.63 -16.97
N GLY C 125 32.10 -9.98 -17.83
CA GLY C 125 31.62 -11.37 -17.95
C GLY C 125 30.32 -11.46 -18.69
N ASN C 126 29.76 -12.65 -18.72
CA ASN C 126 28.40 -12.91 -19.26
C ASN C 126 27.36 -12.17 -18.41
N LEU C 127 26.23 -11.84 -19.03
CA LEU C 127 25.13 -11.07 -18.41
C LEU C 127 24.66 -11.73 -17.11
N SER C 128 24.60 -13.06 -17.02
CA SER C 128 24.18 -13.75 -15.78
C SER C 128 25.22 -13.47 -14.68
N SER C 129 26.50 -13.35 -15.03
CA SER C 129 27.55 -13.01 -14.05
C SER C 129 27.40 -11.57 -13.57
N ARG C 130 26.82 -10.68 -14.38
CA ARG C 130 26.70 -9.23 -14.07
C ARG C 130 25.35 -8.90 -13.42
N THR C 131 24.44 -9.84 -13.24
CA THR C 131 23.10 -9.60 -12.68
C THR C 131 23.08 -10.14 -11.26
N TYR C 132 22.80 -9.28 -10.29
CA TYR C 132 22.97 -9.61 -8.86
C TYR C 132 21.62 -9.78 -8.17
N HIS C 133 21.54 -10.72 -7.26
CA HIS C 133 20.29 -11.00 -6.51
C HIS C 133 20.50 -10.92 -5.00
N CYS C 134 21.75 -10.80 -4.53
CA CYS C 134 22.03 -10.52 -3.12
C CYS C 134 23.40 -9.94 -2.97
N PHE C 135 23.66 -9.40 -1.80
CA PHE C 135 24.99 -8.85 -1.43
C PHE C 135 25.13 -8.95 0.08
N GLU C 136 26.36 -8.87 0.53
CA GLU C 136 26.66 -8.84 1.98
C GLU C 136 27.90 -8.00 2.20
N TRP C 137 27.90 -7.21 3.27
CA TRP C 137 29.10 -6.46 3.71
C TRP C 137 30.01 -7.39 4.50
N ASN C 138 31.31 -7.24 4.30
CA ASN C 138 32.32 -7.81 5.21
C ASN C 138 32.16 -7.18 6.58
N PRO C 139 31.98 -7.99 7.66
CA PRO C 139 31.81 -7.45 9.00
C PRO C 139 33.09 -6.92 9.66
N ILE C 140 34.27 -7.26 9.13
CA ILE C 140 35.58 -6.95 9.77
C ILE C 140 36.27 -5.83 9.01
N GLU C 141 36.22 -5.82 7.68
CA GLU C 141 37.00 -4.87 6.83
C GLU C 141 36.10 -4.24 5.77
N SER C 142 36.56 -3.15 5.14
CA SER C 142 35.76 -2.44 4.13
C SER C 142 35.78 -3.24 2.81
N SER C 143 34.92 -4.25 2.68
CA SER C 143 34.66 -4.95 1.39
C SER C 143 33.22 -5.47 1.32
N ILE C 144 32.76 -5.83 0.13
CA ILE C 144 31.38 -6.27 -0.13
C ILE C 144 31.42 -7.46 -1.09
N VAL C 145 30.57 -8.45 -0.86
CA VAL C 145 30.39 -9.60 -1.76
C VAL C 145 29.00 -9.53 -2.38
N VAL C 146 28.90 -9.84 -3.67
CA VAL C 146 27.60 -9.92 -4.39
C VAL C 146 27.43 -11.33 -4.93
N GLY C 147 26.20 -11.79 -4.97
CA GLY C 147 25.80 -13.10 -5.54
C GLY C 147 25.08 -12.89 -6.83
N ASN C 148 25.45 -13.65 -7.85
CA ASN C 148 24.89 -13.44 -9.22
C ASN C 148 24.14 -14.67 -9.70
N GLU C 149 23.61 -14.58 -10.91
CA GLU C 149 22.80 -15.66 -11.53
C GLU C 149 23.68 -16.78 -12.07
N ASP C 150 25.00 -16.63 -12.13
CA ASP C 150 25.89 -17.79 -12.38
C ASP C 150 26.08 -18.63 -11.13
N GLY C 151 25.59 -18.21 -9.98
CA GLY C 151 25.82 -18.96 -8.74
C GLY C 151 27.27 -18.82 -8.32
N GLU C 152 27.86 -17.65 -8.53
CA GLU C 152 29.20 -17.34 -8.00
C GLU C 152 29.13 -16.13 -7.07
N LEU C 153 30.01 -16.09 -6.09
CA LEU C 153 30.20 -14.89 -5.22
C LEU C 153 31.32 -14.06 -5.82
N GLN C 154 31.04 -12.79 -6.07
CA GLN C 154 32.06 -11.80 -6.52
C GLN C 154 32.40 -10.87 -5.35
N PHE C 155 33.69 -10.77 -5.04
CA PHE C 155 34.19 -9.92 -3.94
C PHE C 155 34.71 -8.62 -4.48
N PHE C 156 34.27 -7.52 -3.89
CA PHE C 156 34.72 -6.16 -4.22
C PHE C 156 35.38 -5.54 -3.00
N SER C 157 36.49 -4.85 -3.21
CA SER C 157 37.28 -4.18 -2.15
C SER C 157 37.32 -2.68 -2.41
N ILE C 158 37.39 -1.87 -1.37
CA ILE C 158 37.50 -0.39 -1.54
C ILE C 158 38.96 -0.02 -1.81
N ARG C 159 39.13 1.03 -2.59
CA ARG C 159 40.39 1.80 -2.65
C ARG C 159 40.02 3.28 -2.73
N LYS C 160 40.89 4.15 -2.23
CA LYS C 160 40.55 5.59 -2.07
C LYS C 160 41.31 6.41 -3.11
N ASN C 161 40.57 7.27 -3.80
CA ASN C 161 41.07 8.14 -4.90
C ASN C 161 41.71 9.42 -4.34
N SER C 162 42.17 10.29 -5.23
CA SER C 162 42.88 11.55 -4.89
C SER C 162 42.11 12.39 -3.87
N GLU C 163 40.78 12.45 -3.97
CA GLU C 163 39.91 13.21 -3.03
C GLU C 163 39.64 12.39 -1.76
N ASN C 164 40.34 11.27 -1.55
CA ASN C 164 40.11 10.33 -0.42
C ASN C 164 38.68 9.75 -0.48
N THR C 165 38.03 9.81 -1.65
CA THR C 165 36.72 9.14 -1.84
C THR C 165 36.98 7.66 -2.12
N PRO C 166 36.11 6.77 -1.63
CA PRO C 166 36.29 5.34 -1.88
C PRO C 166 35.88 4.95 -3.31
N GLU C 167 36.56 3.95 -3.83
CA GLU C 167 36.21 3.29 -5.11
C GLU C 167 36.22 1.78 -4.85
N PHE C 168 35.17 1.11 -5.28
CA PHE C 168 35.04 -0.36 -5.17
C PHE C 168 35.59 -1.01 -6.43
N TYR C 169 36.49 -1.98 -6.28
CA TYR C 169 37.08 -2.70 -7.43
C TYR C 169 36.88 -4.19 -7.24
N PHE C 170 36.66 -4.91 -8.33
CA PHE C 170 36.48 -6.38 -8.31
C PHE C 170 37.78 -7.06 -7.92
N GLU C 171 37.73 -7.87 -6.86
CA GLU C 171 38.91 -8.55 -6.29
C GLU C 171 38.98 -9.98 -6.83
N SER C 172 37.96 -10.80 -6.60
CA SER C 172 37.98 -12.24 -6.93
C SER C 172 36.56 -12.78 -6.97
N SER C 173 36.41 -14.03 -7.41
CA SER C 173 35.11 -14.72 -7.39
C SER C 173 35.26 -16.20 -7.01
N ILE C 174 34.20 -16.78 -6.49
CA ILE C 174 34.09 -18.22 -6.16
C ILE C 174 32.81 -18.74 -6.79
N ARG C 175 32.91 -19.75 -7.63
CA ARG C 175 31.71 -20.41 -8.16
C ARG C 175 31.22 -21.45 -7.15
N LEU C 176 29.94 -21.40 -6.82
CA LEU C 176 29.30 -22.38 -5.91
C LEU C 176 28.46 -23.36 -6.73
N SER C 177 27.77 -22.88 -7.76
CA SER C 177 26.87 -23.74 -8.57
C SER C 177 27.70 -24.67 -9.46
N ASP C 178 27.08 -25.76 -9.89
CA ASP C 178 27.67 -26.68 -10.90
C ASP C 178 27.88 -25.94 -12.21
N ALA C 179 28.87 -26.40 -12.99
CA ALA C 179 29.17 -25.83 -14.32
C ALA C 179 27.93 -25.97 -15.22
N GLY C 180 27.55 -24.85 -15.86
CA GLY C 180 26.38 -24.78 -16.74
C GLY C 180 25.05 -24.78 -16.00
N SER C 181 25.06 -24.82 -14.67
CA SER C 181 23.81 -24.72 -13.87
C SER C 181 23.20 -23.32 -14.00
N LYS C 182 21.90 -23.21 -13.73
CA LYS C 182 21.16 -21.93 -13.78
C LYS C 182 20.71 -21.48 -12.38
N ASP C 183 21.36 -21.99 -11.33
CA ASP C 183 21.04 -21.61 -9.93
C ASP C 183 21.61 -20.23 -9.61
N TRP C 184 20.78 -19.39 -9.01
CA TRP C 184 21.19 -18.05 -8.55
C TRP C 184 21.63 -18.12 -7.11
N VAL C 185 22.51 -17.22 -6.71
CA VAL C 185 22.77 -16.99 -5.27
C VAL C 185 21.64 -16.13 -4.73
N THR C 186 20.98 -16.60 -3.67
CA THR C 186 19.75 -15.96 -3.14
C THR C 186 19.99 -15.40 -1.74
N HIS C 187 20.86 -16.01 -0.94
CA HIS C 187 21.19 -15.53 0.42
C HIS C 187 22.69 -15.50 0.61
N ILE C 188 23.19 -14.51 1.32
CA ILE C 188 24.59 -14.47 1.81
C ILE C 188 24.58 -13.98 3.25
N VAL C 189 25.31 -14.64 4.11
CA VAL C 189 25.53 -14.19 5.50
C VAL C 189 27.02 -14.26 5.76
N TRP C 190 27.58 -13.17 6.27
CA TRP C 190 29.02 -13.10 6.61
C TRP C 190 29.14 -12.77 8.10
N TYR C 191 29.78 -13.64 8.85
CA TYR C 191 29.90 -13.52 10.31
C TYR C 191 31.33 -13.82 10.68
N GLU C 192 32.02 -12.83 11.24
CA GLU C 192 33.48 -12.92 11.54
C GLU C 192 34.24 -13.33 10.28
N ASP C 193 34.95 -14.46 10.34
CA ASP C 193 35.76 -14.98 9.21
C ASP C 193 34.95 -15.96 8.35
N VAL C 194 33.70 -16.25 8.72
CA VAL C 194 32.93 -17.35 8.07
C VAL C 194 31.85 -16.74 7.19
N LEU C 195 31.83 -17.18 5.94
CA LEU C 195 30.84 -16.73 4.94
C LEU C 195 29.97 -17.91 4.55
N VAL C 196 28.66 -17.70 4.54
CA VAL C 196 27.67 -18.74 4.16
C VAL C 196 26.76 -18.18 3.07
N ALA C 197 26.49 -18.97 2.04
CA ALA C 197 25.64 -18.56 0.90
C ALA C 197 24.70 -19.69 0.54
N ALA C 198 23.51 -19.34 0.09
CA ALA C 198 22.50 -20.33 -0.35
C ALA C 198 22.19 -20.09 -1.82
N LEU C 199 22.01 -21.18 -2.57
CA LEU C 199 21.59 -21.08 -3.99
C LEU C 199 20.07 -21.18 -4.11
N SER C 200 19.55 -20.79 -5.26
CA SER C 200 18.10 -20.87 -5.60
C SER C 200 17.63 -22.33 -5.58
N ASN C 201 18.53 -23.31 -5.65
CA ASN C 201 18.18 -24.74 -5.47
C ASN C 201 18.21 -25.13 -3.99
N ASN C 202 18.43 -24.16 -3.10
CA ASN C 202 18.42 -24.37 -1.64
C ASN C 202 19.56 -25.27 -1.16
N SER C 203 20.61 -25.42 -1.95
CA SER C 203 21.90 -25.89 -1.44
C SER C 203 22.58 -24.73 -0.69
N VAL C 204 23.34 -25.06 0.34
CA VAL C 204 24.03 -24.06 1.19
C VAL C 204 25.51 -24.35 1.24
N PHE C 205 26.32 -23.30 1.14
CA PHE C 205 27.80 -23.42 1.15
C PHE C 205 28.38 -22.57 2.27
N SER C 206 29.48 -23.04 2.85
CA SER C 206 30.30 -22.22 3.78
C SER C 206 31.68 -21.99 3.19
N MET C 207 32.28 -20.86 3.54
CA MET C 207 33.67 -20.53 3.19
C MET C 207 34.32 -19.87 4.40
N THR C 208 35.65 -19.95 4.45
CA THR C 208 36.46 -19.10 5.35
C THR C 208 37.15 -18.03 4.51
N VAL C 209 36.90 -16.77 4.80
CA VAL C 209 37.40 -15.64 3.98
C VAL C 209 38.39 -14.82 4.81
N SER C 210 39.49 -14.43 4.20
CA SER C 210 40.60 -13.76 4.91
C SER C 210 41.40 -12.90 3.93
N ALA C 211 42.23 -12.01 4.45
CA ALA C 211 43.26 -11.28 3.68
C ALA C 211 44.33 -12.28 3.21
N SER C 212 44.50 -13.41 3.92
CA SER C 212 45.54 -14.43 3.62
C SER C 212 45.08 -15.36 2.48
N SER C 213 43.87 -15.21 1.95
CA SER C 213 43.36 -16.10 0.87
C SER C 213 42.68 -15.26 -0.20
N HIS C 214 42.99 -15.54 -1.46
CA HIS C 214 42.45 -14.81 -2.64
C HIS C 214 41.14 -15.46 -3.09
N GLN C 215 41.12 -16.79 -3.15
CA GLN C 215 39.91 -17.57 -3.48
C GLN C 215 39.82 -18.75 -2.53
N PRO C 216 39.04 -18.64 -1.44
CA PRO C 216 38.93 -19.73 -0.48
C PRO C 216 38.09 -20.91 -1.00
N VAL C 217 38.34 -22.07 -0.41
CA VAL C 217 37.58 -23.30 -0.72
C VAL C 217 36.17 -23.17 -0.13
N SER C 218 35.15 -23.41 -0.95
CA SER C 218 33.75 -23.58 -0.47
C SER C 218 33.48 -25.04 -0.15
N ARG C 219 32.60 -25.27 0.82
CA ARG C 219 32.07 -26.61 1.15
C ARG C 219 30.54 -26.54 1.11
N MET C 220 29.91 -27.50 0.46
CA MET C 220 28.44 -27.63 0.51
C MET C 220 28.08 -28.22 1.87
N ILE C 221 27.23 -27.52 2.61
CA ILE C 221 26.86 -27.92 4.00
C ILE C 221 25.42 -28.41 4.03
N GLN C 222 24.60 -28.09 3.06
CA GLN C 222 23.24 -28.67 2.91
C GLN C 222 22.99 -28.95 1.44
N ASN C 223 22.48 -30.14 1.14
CA ASN C 223 22.19 -30.53 -0.27
C ASN C 223 20.98 -29.75 -0.78
N ALA C 224 20.86 -29.66 -2.10
CA ALA C 224 19.71 -29.05 -2.80
C ALA C 224 18.41 -29.76 -2.39
N SER C 225 17.34 -28.99 -2.34
CA SER C 225 16.02 -29.42 -1.85
C SER C 225 14.96 -28.52 -2.45
N ARG C 226 13.73 -29.01 -2.50
CA ARG C 226 12.62 -28.21 -3.02
C ARG C 226 12.22 -27.14 -2.01
N ARG C 227 12.41 -27.40 -0.73
CA ARG C 227 11.95 -26.49 0.35
C ARG C 227 12.72 -25.19 0.34
N LYS C 228 12.09 -24.10 -0.08
CA LYS C 228 12.78 -22.83 -0.29
C LYS C 228 13.26 -22.25 1.05
N ILE C 229 14.52 -21.79 1.08
CA ILE C 229 15.11 -21.18 2.30
C ILE C 229 14.46 -19.82 2.52
N THR C 230 13.92 -19.62 3.71
CA THR C 230 13.21 -18.39 4.08
C THR C 230 14.21 -17.39 4.66
N ASP C 231 14.95 -17.81 5.67
CA ASP C 231 15.91 -16.94 6.35
C ASP C 231 17.15 -17.74 6.71
N LEU C 232 18.28 -17.07 6.77
CA LEU C 232 19.59 -17.68 7.01
C LEU C 232 20.37 -16.79 7.96
N LYS C 233 20.94 -17.37 8.99
CA LYS C 233 21.72 -16.62 10.00
C LYS C 233 22.85 -17.49 10.53
N ILE C 234 23.88 -16.84 11.03
CA ILE C 234 25.01 -17.48 11.73
C ILE C 234 24.98 -17.04 13.19
N VAL C 235 25.11 -17.99 14.10
CA VAL C 235 25.06 -17.75 15.56
C VAL C 235 26.15 -18.62 16.19
N ASP C 236 27.24 -18.05 16.67
CA ASP C 236 28.35 -18.83 17.32
C ASP C 236 28.86 -19.95 16.39
N TYR C 237 29.10 -19.67 15.11
CA TYR C 237 29.51 -20.68 14.11
C TYR C 237 28.50 -21.84 14.06
N LYS C 238 27.22 -21.53 14.20
CA LYS C 238 26.11 -22.45 13.86
C LYS C 238 25.26 -21.73 12.82
N VAL C 239 25.05 -22.37 11.68
CA VAL C 239 24.14 -21.84 10.64
C VAL C 239 22.72 -22.25 11.02
N VAL C 240 21.84 -21.27 11.12
CA VAL C 240 20.39 -21.52 11.37
C VAL C 240 19.67 -21.07 10.11
N LEU C 241 18.82 -21.92 9.58
CA LEU C 241 17.99 -21.55 8.42
C LEU C 241 16.56 -22.04 8.64
N THR C 242 15.62 -21.31 8.08
CA THR C 242 14.19 -21.60 8.16
C THR C 242 13.67 -21.88 6.76
N CYS C 243 12.75 -22.83 6.69
CA CYS C 243 12.03 -23.14 5.45
C CYS C 243 10.63 -23.58 5.87
N PRO C 244 9.68 -23.75 4.92
CA PRO C 244 8.31 -24.10 5.30
C PRO C 244 8.25 -25.35 6.19
N GLY C 245 7.80 -25.14 7.41
CA GLY C 245 7.59 -26.20 8.40
C GLY C 245 8.84 -26.63 9.15
N TYR C 246 10.01 -26.07 8.86
CA TYR C 246 11.25 -26.57 9.53
C TYR C 246 12.18 -25.41 9.86
N VAL C 247 12.94 -25.61 10.93
CA VAL C 247 14.17 -24.85 11.21
C VAL C 247 15.32 -25.85 11.32
N HIS C 248 16.42 -25.57 10.66
CA HIS C 248 17.62 -26.45 10.65
C HIS C 248 18.78 -25.68 11.30
N LYS C 249 19.57 -26.37 12.11
CA LYS C 249 20.85 -25.88 12.63
C LYS C 249 21.98 -26.70 11.99
N ILE C 250 22.94 -26.06 11.34
CA ILE C 250 24.18 -26.72 10.88
C ILE C 250 25.35 -26.22 11.72
N ASP C 251 25.98 -27.14 12.43
CA ASP C 251 27.18 -26.87 13.26
C ASP C 251 28.40 -26.75 12.34
N LEU C 252 29.06 -25.59 12.25
CA LEU C 252 30.20 -25.39 11.31
C LEU C 252 31.52 -25.95 11.88
N LYS C 253 31.52 -26.63 13.01
CA LYS C 253 32.74 -27.34 13.49
C LYS C 253 32.63 -28.82 13.16
N ASN C 254 31.43 -29.38 13.24
CA ASN C 254 31.19 -30.83 13.04
C ASN C 254 30.49 -31.09 11.70
N TYR C 255 29.84 -30.08 11.13
CA TYR C 255 28.97 -30.16 9.93
C TYR C 255 27.81 -31.13 10.16
N SER C 256 27.50 -31.42 11.42
CA SER C 256 26.27 -32.13 11.82
C SER C 256 25.07 -31.24 11.51
N ILE C 257 23.97 -31.86 11.09
CA ILE C 257 22.66 -31.17 10.96
C ILE C 257 21.71 -31.72 12.02
N SER C 258 21.08 -30.81 12.74
CA SER C 258 19.90 -31.06 13.61
C SER C 258 18.75 -30.20 13.11
N SER C 259 17.54 -30.74 13.14
CA SER C 259 16.35 -30.01 12.62
C SER C 259 15.17 -30.18 13.56
N LEU C 260 14.31 -29.19 13.51
CA LEU C 260 13.13 -29.06 14.39
C LEU C 260 11.97 -28.65 13.51
N LYS C 261 10.82 -29.26 13.74
CA LYS C 261 9.63 -29.05 12.89
C LYS C 261 8.74 -28.01 13.54
N THR C 262 8.52 -26.89 12.86
CA THR C 262 7.63 -25.81 13.33
C THR C 262 6.16 -26.23 13.13
N GLY C 263 5.30 -25.80 14.05
CA GLY C 263 3.86 -26.09 13.97
C GLY C 263 3.14 -25.21 12.96
N SER C 264 3.86 -24.57 12.04
CA SER C 264 3.30 -23.52 11.16
C SER C 264 4.07 -23.49 9.85
N LEU C 265 3.41 -23.07 8.78
CA LEU C 265 4.03 -22.90 7.45
C LEU C 265 4.22 -21.42 7.12
N GLU C 266 3.82 -20.50 7.98
CA GLU C 266 4.22 -19.07 7.85
C GLU C 266 5.74 -18.96 7.85
N ASN C 267 6.25 -17.92 7.19
CA ASN C 267 7.69 -17.55 7.26
C ASN C 267 8.06 -17.21 8.70
N PHE C 268 9.12 -17.83 9.20
CA PHE C 268 9.79 -17.46 10.46
C PHE C 268 11.05 -16.67 10.17
N HIS C 269 11.08 -15.46 10.69
CA HIS C 269 12.32 -14.65 10.81
C HIS C 269 13.17 -15.19 11.95
N ILE C 270 14.48 -15.15 11.78
CA ILE C 270 15.44 -15.57 12.83
C ILE C 270 16.03 -14.32 13.49
N ILE C 271 16.01 -14.30 14.81
CA ILE C 271 16.57 -13.17 15.59
C ILE C 271 17.60 -13.76 16.52
N PRO C 272 18.90 -13.64 16.19
CA PRO C 272 19.94 -14.19 17.06
C PRO C 272 20.14 -13.39 18.34
N LEU C 273 20.11 -14.07 19.47
CA LEU C 273 20.33 -13.45 20.80
C LEU C 273 21.82 -13.55 21.12
N ASN C 274 22.58 -12.69 20.46
CA ASN C 274 24.06 -12.71 20.44
C ASN C 274 24.66 -12.51 21.82
N HIS C 275 23.94 -11.93 22.77
CA HIS C 275 24.53 -11.57 24.08
C HIS C 275 24.16 -12.56 25.18
N GLU C 276 23.34 -13.57 24.88
CA GLU C 276 23.15 -14.66 25.86
C GLU C 276 24.41 -15.51 25.97
N LYS C 277 24.60 -16.16 27.12
CA LYS C 277 25.78 -17.04 27.33
C LYS C 277 25.60 -18.31 26.48
N GLU C 278 24.46 -18.97 26.64
CA GLU C 278 24.06 -20.14 25.82
C GLU C 278 23.69 -19.67 24.41
N SER C 279 23.89 -20.50 23.41
CA SER C 279 23.64 -20.13 21.98
C SER C 279 22.15 -20.22 21.69
N THR C 280 21.48 -19.10 21.39
CA THR C 280 20.01 -19.09 21.21
C THR C 280 19.56 -18.11 20.12
N ILE C 281 18.34 -18.29 19.67
CA ILE C 281 17.66 -17.40 18.69
C ILE C 281 16.23 -17.18 19.16
N LEU C 282 15.62 -16.11 18.68
CA LEU C 282 14.16 -16.07 18.58
C LEU C 282 13.75 -16.36 17.14
N LEU C 283 12.72 -17.18 17.01
CA LEU C 283 11.98 -17.37 15.76
C LEU C 283 10.71 -16.56 15.85
N MET C 284 10.41 -15.79 14.84
CA MET C 284 9.21 -14.94 14.87
C MET C 284 8.50 -15.03 13.52
N SER C 285 7.20 -15.27 13.57
CA SER C 285 6.30 -15.22 12.40
C SER C 285 5.16 -14.25 12.70
N ASN C 286 4.31 -14.05 11.71
CA ASN C 286 3.08 -13.25 11.84
C ASN C 286 2.14 -13.87 12.88
N LYS C 287 2.32 -15.15 13.22
CA LYS C 287 1.35 -15.87 14.06
C LYS C 287 1.93 -16.28 15.40
N THR C 288 3.19 -16.67 15.47
CA THR C 288 3.79 -17.16 16.74
C THR C 288 5.24 -16.71 16.82
N SER C 289 5.82 -16.86 18.00
CA SER C 289 7.28 -16.78 18.20
C SER C 289 7.72 -17.80 19.25
N TYR C 290 8.97 -18.20 19.13
CA TYR C 290 9.60 -19.21 20.01
C TYR C 290 11.00 -18.73 20.33
N LYS C 291 11.54 -19.29 21.41
CA LYS C 291 12.95 -19.15 21.76
C LYS C 291 13.57 -20.52 21.58
N VAL C 292 14.55 -20.65 20.68
CA VAL C 292 15.22 -21.96 20.40
C VAL C 292 16.65 -21.93 20.93
N LEU C 293 17.02 -22.95 21.68
CA LEU C 293 18.40 -23.14 22.16
C LEU C 293 19.15 -24.03 21.16
N LEU C 294 20.28 -23.53 20.64
CA LEU C 294 21.06 -24.21 19.58
C LEU C 294 22.01 -25.21 20.23
N GLU C 295 21.47 -26.13 21.04
CA GLU C 295 22.18 -27.30 21.63
C GLU C 295 22.50 -28.35 20.54
N ASP C 296 23.02 -29.51 20.91
CA ASP C 296 23.22 -30.66 19.98
C ASP C 296 21.89 -31.00 19.29
N GLU C 297 20.80 -31.09 20.06
CA GLU C 297 19.43 -31.17 19.52
C GLU C 297 18.69 -29.87 19.85
N LEU C 298 18.11 -29.22 18.85
CA LEU C 298 17.37 -27.93 19.01
C LEU C 298 16.25 -28.09 20.04
N HIS C 299 16.25 -27.25 21.06
CA HIS C 299 15.28 -27.28 22.18
C HIS C 299 14.41 -26.04 22.14
N VAL C 300 13.09 -26.21 22.26
CA VAL C 300 12.12 -25.07 22.15
C VAL C 300 11.66 -24.64 23.53
N THR C 301 11.63 -23.33 23.73
CA THR C 301 11.16 -22.67 24.96
C THR C 301 10.29 -21.47 24.59
N ALA C 302 9.56 -20.94 25.57
CA ALA C 302 8.63 -19.81 25.37
C ALA C 302 9.43 -18.54 25.12
N ASP C 303 9.01 -17.76 24.13
CA ASP C 303 9.48 -16.37 23.92
C ASP C 303 8.86 -15.50 25.02
N ASN C 304 9.62 -15.25 26.08
CA ASN C 304 9.21 -14.32 27.15
C ASN C 304 9.74 -12.90 26.89
N ILE C 305 10.32 -12.66 25.73
CA ILE C 305 11.00 -11.37 25.43
C ILE C 305 10.06 -10.44 24.67
N ILE C 306 9.53 -10.87 23.53
CA ILE C 306 8.81 -9.98 22.60
C ILE C 306 7.33 -10.33 22.51
N ALA C 307 6.97 -11.61 22.51
CA ALA C 307 5.57 -12.06 22.34
C ALA C 307 4.61 -11.33 23.29
N PRO C 308 4.91 -11.17 24.60
CA PRO C 308 3.99 -10.48 25.51
C PRO C 308 3.57 -9.08 25.06
N TYR C 309 4.48 -8.34 24.42
CA TYR C 309 4.21 -6.96 23.98
C TYR C 309 3.31 -6.96 22.75
N LEU C 310 3.62 -7.79 21.77
CA LEU C 310 2.79 -7.89 20.53
C LEU C 310 1.42 -8.47 20.86
N GLU C 311 1.31 -9.41 21.79
CA GLU C 311 0.01 -9.94 22.25
C GLU C 311 -0.83 -8.81 22.84
N LYS C 312 -0.23 -8.03 23.74
CA LYS C 312 -0.95 -6.92 24.43
C LYS C 312 -1.42 -5.91 23.38
N LYS C 313 -0.58 -5.57 22.41
CA LYS C 313 -0.95 -4.62 21.34
C LYS C 313 -2.08 -5.19 20.49
N PHE C 314 -2.01 -6.46 20.15
CA PHE C 314 -3.01 -7.11 19.27
C PHE C 314 -4.36 -7.22 20.00
N LYS C 315 -4.38 -7.44 21.32
CA LYS C 315 -5.63 -7.48 22.10
C LYS C 315 -6.32 -6.11 22.10
N LYS C 316 -5.57 -5.02 22.18
CA LYS C 316 -6.16 -3.66 22.13
C LYS C 316 -6.72 -3.42 20.73
N TRP C 317 -5.95 -3.73 19.70
CA TRP C 317 -6.42 -3.56 18.31
C TRP C 317 -7.66 -4.43 18.08
N SER C 318 -7.67 -5.66 18.55
CA SER C 318 -8.81 -6.59 18.39
C SER C 318 -10.05 -6.01 19.08
N THR C 319 -9.89 -5.30 20.17
CA THR C 319 -11.04 -4.68 20.88
C THR C 319 -11.70 -3.63 19.99
N ILE C 320 -10.95 -2.98 19.12
CA ILE C 320 -11.48 -1.88 18.27
C ILE C 320 -11.98 -2.43 16.94
N TRP C 321 -11.26 -3.38 16.36
CA TRP C 321 -11.47 -3.80 14.94
C TRP C 321 -12.05 -5.21 14.83
N ASN C 322 -11.99 -6.02 15.88
CA ASN C 322 -12.50 -7.40 15.79
C ASN C 322 -13.25 -7.73 17.08
N GLU C 323 -14.22 -6.88 17.42
CA GLU C 323 -15.25 -7.26 18.41
C GLU C 323 -16.00 -8.50 17.90
N PHE C 324 -16.45 -9.34 18.83
CA PHE C 324 -17.32 -10.52 18.57
C PHE C 324 -16.59 -11.59 17.74
N ASN C 325 -15.29 -11.44 17.46
CA ASN C 325 -14.51 -12.40 16.64
C ASN C 325 -15.18 -12.65 15.28
N ASN C 326 -15.87 -11.65 14.73
CA ASN C 326 -16.57 -11.76 13.42
C ASN C 326 -15.57 -11.92 12.27
N TYR C 327 -14.30 -11.56 12.46
CA TYR C 327 -13.27 -11.60 11.40
C TYR C 327 -12.10 -12.49 11.78
N GLU C 328 -11.47 -13.05 10.75
CA GLU C 328 -10.10 -13.64 10.85
C GLU C 328 -9.10 -12.48 10.80
N THR C 329 -8.14 -12.45 11.71
CA THR C 329 -7.24 -11.28 11.84
C THR C 329 -5.80 -11.77 12.01
N THR C 330 -4.88 -10.92 11.61
CA THR C 330 -3.45 -11.30 11.67
C THR C 330 -2.62 -10.08 12.00
N LEU C 331 -1.57 -10.32 12.75
CA LEU C 331 -0.37 -9.46 12.73
C LEU C 331 0.29 -9.62 11.37
N VAL C 332 0.81 -8.54 10.84
CA VAL C 332 1.65 -8.58 9.63
C VAL C 332 2.97 -7.89 9.98
N ILE C 333 4.06 -8.60 9.84
CA ILE C 333 5.41 -8.04 10.03
C ILE C 333 5.98 -7.58 8.69
N HIS C 334 6.42 -6.35 8.61
CA HIS C 334 7.10 -5.83 7.41
C HIS C 334 8.61 -5.74 7.60
N GLY C 335 9.10 -5.98 8.81
CA GLY C 335 10.55 -5.88 9.01
C GLY C 335 10.94 -6.13 10.44
N ILE C 336 12.08 -6.71 10.66
CA ILE C 336 12.66 -6.94 11.99
C ILE C 336 14.14 -6.67 11.84
N SER C 337 14.69 -5.86 12.73
CA SER C 337 16.14 -5.61 12.79
C SER C 337 16.57 -5.60 14.24
N LEU C 338 17.66 -6.28 14.57
CA LEU C 338 18.46 -5.93 15.76
C LEU C 338 19.05 -4.52 15.58
N SER C 339 19.22 -3.83 16.70
CA SER C 339 20.09 -2.64 16.78
C SER C 339 21.51 -3.04 16.43
N PRO C 340 22.36 -2.09 16.01
CA PRO C 340 23.74 -2.40 15.65
C PRO C 340 24.55 -3.05 16.78
N ASP C 341 24.26 -2.69 18.03
CA ASP C 341 24.89 -3.30 19.22
C ASP C 341 24.23 -4.65 19.55
N GLY C 342 23.08 -4.97 18.93
CA GLY C 342 22.37 -6.23 19.19
C GLY C 342 21.59 -6.24 20.49
N TYR C 343 21.42 -5.13 21.16
CA TYR C 343 20.76 -5.11 22.50
C TYR C 343 19.25 -4.87 22.37
N SER C 344 18.82 -4.28 21.28
CA SER C 344 17.41 -3.89 21.07
C SER C 344 16.91 -4.52 19.78
N ILE C 345 15.61 -4.63 19.65
CA ILE C 345 14.95 -5.07 18.40
C ILE C 345 13.93 -4.04 17.96
N ALA C 346 13.88 -3.78 16.67
CA ALA C 346 12.87 -2.93 16.02
C ALA C 346 11.97 -3.81 15.17
N ILE C 347 10.68 -3.73 15.36
CA ILE C 347 9.68 -4.49 14.58
C ILE C 347 8.71 -3.50 13.96
N VAL C 348 8.66 -3.50 12.65
CA VAL C 348 7.68 -2.71 11.87
C VAL C 348 6.54 -3.64 11.50
N TYR C 349 5.33 -3.28 11.90
CA TYR C 349 4.16 -4.17 11.82
C TYR C 349 2.91 -3.35 11.54
N ASP C 350 1.90 -4.07 11.08
CA ASP C 350 0.49 -3.60 11.12
C ASP C 350 -0.39 -4.78 11.46
N MET C 351 -1.66 -4.47 11.69
CA MET C 351 -2.67 -5.47 12.03
C MET C 351 -3.83 -5.35 11.06
N GLU C 352 -4.28 -6.50 10.57
CA GLU C 352 -5.16 -6.58 9.39
C GLU C 352 -6.30 -7.53 9.68
N ARG C 353 -7.46 -7.22 9.13
CA ARG C 353 -8.52 -8.24 8.88
C ARG C 353 -8.23 -8.91 7.55
N VAL C 354 -8.36 -10.23 7.49
CA VAL C 354 -8.43 -10.97 6.20
C VAL C 354 -9.77 -10.65 5.56
N ALA C 355 -9.75 -9.89 4.48
CA ALA C 355 -10.94 -9.33 3.84
C ALA C 355 -10.67 -9.00 2.39
N PHE C 356 -11.71 -8.90 1.58
CA PHE C 356 -11.60 -8.23 0.27
C PHE C 356 -11.18 -6.80 0.59
N LYS C 357 -10.19 -6.32 -0.12
CA LYS C 357 -9.46 -5.10 0.30
C LYS C 357 -8.82 -4.44 -0.91
N TYR C 358 -8.84 -3.12 -0.94
CA TYR C 358 -8.26 -2.32 -2.03
C TYR C 358 -7.75 -1.00 -1.42
N LYS C 359 -6.52 -0.99 -0.91
CA LYS C 359 -5.98 0.21 -0.25
C LYS C 359 -5.35 1.15 -1.30
N ILE C 360 -5.39 2.43 -1.03
CA ILE C 360 -4.51 3.40 -1.73
C ILE C 360 -3.44 3.86 -0.74
N ALA C 361 -2.41 4.52 -1.24
CA ALA C 361 -1.21 4.93 -0.44
C ALA C 361 -1.65 5.79 0.75
N SER C 362 -2.65 6.67 0.56
CA SER C 362 -3.08 7.61 1.62
C SER C 362 -3.76 6.84 2.76
N GLU C 363 -4.14 5.60 2.53
CA GLU C 363 -4.80 4.81 3.59
C GLU C 363 -3.77 3.94 4.35
N GLN C 364 -2.52 3.88 3.91
CA GLN C 364 -1.50 3.00 4.52
C GLN C 364 -1.03 3.58 5.86
N SER C 365 -0.93 2.75 6.88
CA SER C 365 -0.20 3.07 8.13
C SER C 365 0.48 1.82 8.66
N PHE C 366 1.68 1.97 9.20
CA PHE C 366 2.32 0.91 10.01
C PHE C 366 3.02 1.51 11.21
N ASN C 367 3.20 0.65 12.20
CA ASN C 367 3.89 0.98 13.46
C ASN C 367 5.23 0.27 13.47
N ILE C 368 6.24 0.94 14.01
CA ILE C 368 7.51 0.27 14.36
C ILE C 368 7.66 0.28 15.89
N MET C 369 7.80 -0.89 16.47
CA MET C 369 7.99 -1.12 17.92
C MET C 369 9.48 -1.37 18.23
N PHE C 370 9.98 -0.77 19.30
CA PHE C 370 11.34 -0.95 19.82
C PHE C 370 11.26 -1.57 21.19
N ALA C 371 11.97 -2.67 21.41
CA ALA C 371 11.96 -3.39 22.69
C ALA C 371 13.35 -3.84 23.06
N PRO C 372 13.71 -3.80 24.34
CA PRO C 372 14.96 -4.38 24.79
C PRO C 372 14.94 -5.91 24.77
N LEU C 373 16.05 -6.53 24.39
CA LEU C 373 16.16 -8.01 24.40
C LEU C 373 16.77 -8.53 25.71
N TYR C 374 17.36 -7.69 26.56
CA TYR C 374 18.12 -8.17 27.72
C TYR C 374 17.80 -7.29 28.92
N HIS C 375 18.35 -7.64 30.06
CA HIS C 375 18.17 -6.86 31.30
C HIS C 375 19.19 -5.75 31.38
N THR C 376 20.34 -5.91 30.74
CA THR C 376 21.44 -4.93 30.81
C THR C 376 22.10 -4.76 29.45
N TRP C 377 22.79 -3.65 29.26
CA TRP C 377 23.43 -3.32 27.98
C TRP C 377 24.82 -2.74 28.21
N THR C 378 25.61 -2.62 27.15
CA THR C 378 26.95 -2.03 27.19
C THR C 378 27.14 -1.09 26.00
N ILE C 379 28.13 -0.22 26.10
CA ILE C 379 28.46 0.72 25.00
C ILE C 379 29.29 -0.07 23.97
N SER C 380 28.60 -0.62 22.98
CA SER C 380 29.23 -1.43 21.91
C SER C 380 30.03 -0.55 20.95
N GLU C 381 31.17 -1.07 20.50
CA GLU C 381 31.93 -0.47 19.36
C GLU C 381 31.30 -0.82 18.00
N ARG C 382 30.31 -1.71 17.95
CA ARG C 382 29.50 -1.93 16.72
C ARG C 382 28.48 -0.80 16.52
N ALA C 383 28.34 0.11 17.48
CA ALA C 383 27.40 1.24 17.38
C ALA C 383 28.16 2.54 17.61
N VAL C 384 27.58 3.62 17.10
CA VAL C 384 28.15 4.98 17.23
C VAL C 384 27.05 5.96 17.61
N GLY C 385 27.37 6.92 18.47
CA GLY C 385 26.59 8.15 18.66
C GLY C 385 25.16 7.92 19.09
N LEU C 386 24.21 8.35 18.29
CA LEU C 386 22.79 8.26 18.68
C LEU C 386 22.31 6.82 18.71
N ALA C 387 23.06 5.87 18.20
CA ALA C 387 22.77 4.45 18.42
C ALA C 387 22.85 4.14 19.90
N TRP C 388 23.87 4.61 20.62
CA TRP C 388 23.98 4.35 22.09
C TRP C 388 22.81 5.02 22.83
N TYR C 389 22.43 6.21 22.38
CA TYR C 389 21.35 6.97 23.02
C TYR C 389 20.00 6.25 22.82
N GLN C 390 19.76 5.71 21.63
CA GLN C 390 18.56 4.89 21.35
C GLN C 390 18.56 3.70 22.29
N THR C 391 19.68 3.01 22.42
CA THR C 391 19.76 1.83 23.30
C THR C 391 19.61 2.27 24.75
N TYR C 392 19.89 3.52 25.08
CA TYR C 392 19.72 4.04 26.45
C TYR C 392 18.24 4.33 26.72
N GLN C 393 17.50 4.80 25.72
CA GLN C 393 16.07 5.16 25.89
C GLN C 393 15.21 3.90 25.95
N ILE C 394 15.37 3.01 24.99
CA ILE C 394 15.07 1.58 25.23
C ILE C 394 15.94 1.15 26.41
N TYR C 395 15.48 0.26 27.24
CA TYR C 395 16.14 0.02 28.56
C TYR C 395 15.81 1.13 29.55
N ASN C 396 14.89 2.04 29.21
CA ASN C 396 14.27 2.98 30.18
C ASN C 396 15.33 3.79 30.93
N GLN C 397 16.32 4.31 30.21
CA GLN C 397 17.35 5.22 30.74
C GLN C 397 18.15 4.54 31.85
N SER C 398 18.26 3.22 31.84
CA SER C 398 19.23 2.51 32.70
C SER C 398 20.60 2.62 32.06
N LEU C 399 21.60 3.09 32.79
CA LEU C 399 22.97 3.26 32.24
C LEU C 399 23.54 1.89 31.87
N PRO C 400 24.49 1.85 30.92
CA PRO C 400 25.19 0.62 30.60
C PRO C 400 26.11 0.19 31.74
N LYS C 401 26.57 -1.04 31.69
CA LYS C 401 27.69 -1.48 32.57
C LYS C 401 28.96 -0.73 32.14
N LEU C 402 29.69 -0.21 33.12
CA LEU C 402 30.95 0.55 32.88
C LEU C 402 32.10 -0.09 33.64
N PRO C 403 33.35 0.15 33.22
CA PRO C 403 34.52 -0.26 33.99
C PRO C 403 34.48 0.18 35.47
N GLU C 404 35.20 -0.56 36.30
CA GLU C 404 35.21 -0.40 37.77
C GLU C 404 35.62 1.03 38.15
N ASN C 405 34.80 1.69 38.97
CA ASN C 405 35.05 3.04 39.54
C ASN C 405 35.25 4.07 38.43
N PHE C 406 34.69 3.85 37.23
CA PHE C 406 34.85 4.80 36.12
C PHE C 406 34.23 6.16 36.51
N SER C 407 34.90 7.23 36.12
CA SER C 407 34.38 8.62 36.23
C SER C 407 34.90 9.44 35.05
N MET C 408 34.15 10.47 34.67
CA MET C 408 34.50 11.37 33.55
C MET C 408 35.76 12.18 33.87
N ASN C 409 36.32 12.07 35.08
CA ASN C 409 37.68 12.56 35.40
C ASN C 409 38.76 11.68 34.77
N LYS C 410 38.44 10.47 34.33
CA LYS C 410 39.45 9.54 33.79
C LYS C 410 40.06 10.10 32.51
N LYS C 411 41.39 9.97 32.39
CA LYS C 411 42.15 10.44 31.23
C LYS C 411 42.08 9.41 30.11
N LEU C 412 42.07 9.88 28.87
CA LEU C 412 42.08 8.99 27.68
C LEU C 412 43.35 8.15 27.68
N LEU C 413 43.22 6.88 27.28
CA LEU C 413 44.32 5.88 27.26
C LEU C 413 45.00 5.83 28.63
N ASN C 414 44.26 6.15 29.70
CA ASN C 414 44.77 6.19 31.09
C ASN C 414 46.03 7.07 31.18
N GLY C 415 46.15 8.08 30.31
CA GLY C 415 47.30 8.99 30.33
C GLY C 415 48.53 8.43 29.61
N ASN C 416 48.47 7.25 29.02
CA ASN C 416 49.56 6.69 28.19
C ASN C 416 49.42 7.26 26.78
N TYR C 417 49.65 8.56 26.65
CA TYR C 417 49.42 9.27 25.37
C TYR C 417 50.47 8.84 24.35
N PRO C 418 50.07 8.40 23.15
CA PRO C 418 51.01 7.93 22.12
C PRO C 418 51.66 9.07 21.32
N ILE C 419 52.30 9.98 22.05
CA ILE C 419 52.80 11.29 21.52
C ILE C 419 53.72 11.07 20.32
N SER C 420 54.40 9.92 20.22
CA SER C 420 55.33 9.62 19.11
C SER C 420 54.58 9.44 17.78
N LEU C 421 53.27 9.18 17.80
CA LEU C 421 52.50 8.99 16.55
C LEU C 421 52.43 10.30 15.76
N ASP C 422 52.23 10.17 14.45
CA ASP C 422 51.76 11.30 13.62
C ASP C 422 50.37 11.74 14.11
N PHE C 423 50.03 12.99 13.87
CA PHE C 423 48.88 13.65 14.52
C PHE C 423 47.56 12.98 14.12
N GLN C 424 47.44 12.56 12.87
CA GLN C 424 46.22 11.84 12.42
C GLN C 424 46.15 10.44 13.08
N SER C 425 47.28 9.75 13.18
CA SER C 425 47.36 8.47 13.93
C SER C 425 47.07 8.74 15.41
N TYR C 426 47.58 9.85 15.94
CA TYR C 426 47.37 10.21 17.37
C TYR C 426 45.88 10.43 17.64
N LEU C 427 45.23 11.26 16.84
CA LEU C 427 43.78 11.54 16.99
C LEU C 427 42.98 10.24 16.82
N ASN C 428 43.37 9.38 15.88
CA ASN C 428 42.72 8.05 15.72
C ASN C 428 42.88 7.19 16.98
N ALA C 429 44.06 7.20 17.59
CA ALA C 429 44.32 6.43 18.82
C ALA C 429 43.42 6.92 19.96
N LEU C 430 43.20 8.23 20.05
CA LEU C 430 42.31 8.81 21.09
C LEU C 430 40.86 8.42 20.81
N MET C 431 40.41 8.60 19.57
CA MET C 431 38.98 8.36 19.22
C MET C 431 38.63 6.88 19.31
N LYS C 432 39.60 5.98 19.14
CA LYS C 432 39.36 4.52 19.28
C LYS C 432 39.55 4.04 20.72
N SER C 433 39.96 4.91 21.65
CA SER C 433 40.10 4.51 23.07
C SER C 433 38.74 4.13 23.68
N GLU C 434 38.74 3.25 24.67
CA GLU C 434 37.54 2.81 25.40
C GLU C 434 36.97 3.97 26.23
N GLU C 435 37.82 4.76 26.87
CA GLU C 435 37.37 5.90 27.71
C GLU C 435 36.59 6.90 26.84
N MET C 436 37.00 7.08 25.58
CA MET C 436 36.37 8.09 24.70
C MET C 436 34.94 7.66 24.38
N ARG C 437 34.69 6.39 24.09
CA ARG C 437 33.30 5.92 23.83
C ARG C 437 32.44 6.15 25.07
N ILE C 438 32.95 5.87 26.26
CA ILE C 438 32.17 6.03 27.51
C ILE C 438 31.83 7.51 27.73
N ILE C 439 32.82 8.38 27.61
CA ILE C 439 32.63 9.85 27.82
C ILE C 439 31.68 10.40 26.76
N MET C 440 31.81 9.95 25.53
CA MET C 440 30.94 10.45 24.44
C MET C 440 29.49 10.03 24.72
N PHE C 441 29.27 8.84 25.26
CA PHE C 441 27.91 8.42 25.64
C PHE C 441 27.41 9.25 26.82
N LEU C 442 28.22 9.36 27.87
CA LEU C 442 27.79 10.09 29.09
C LEU C 442 27.52 11.58 28.80
N ASN C 443 28.22 12.17 27.84
CA ASN C 443 27.90 13.54 27.36
C ASN C 443 26.45 13.62 26.90
N MET C 444 25.89 12.55 26.35
CA MET C 444 24.47 12.57 25.93
C MET C 444 23.54 12.45 27.15
N THR C 445 24.03 12.03 28.30
CA THR C 445 23.18 11.85 29.51
C THR C 445 23.19 13.09 30.40
N ILE C 446 24.25 13.89 30.36
CA ILE C 446 24.41 15.05 31.27
C ILE C 446 23.89 16.32 30.58
N ASP C 447 23.78 17.39 31.36
CA ASP C 447 23.15 18.65 30.89
C ASP C 447 24.13 19.43 29.99
N LYS C 448 25.42 19.45 30.32
CA LYS C 448 26.45 20.20 29.53
C LYS C 448 27.58 19.25 29.18
N PRO C 449 27.64 18.73 27.93
CA PRO C 449 28.79 17.96 27.47
C PRO C 449 30.15 18.63 27.70
N SER C 450 31.17 17.81 27.92
CA SER C 450 32.53 18.22 28.31
C SER C 450 33.54 17.37 27.55
N ILE C 451 34.68 17.96 27.21
CA ILE C 451 35.75 17.22 26.49
C ILE C 451 37.10 17.48 27.19
N LEU C 452 37.09 17.73 28.48
CA LEU C 452 38.32 18.09 29.22
C LEU C 452 39.36 16.98 29.09
N SER C 453 38.94 15.72 29.13
CA SER C 453 39.84 14.56 29.00
C SER C 453 40.46 14.53 27.60
N PHE C 454 39.73 14.99 26.59
CA PHE C 454 40.23 15.04 25.19
C PHE C 454 41.16 16.23 25.01
N LEU C 455 40.81 17.38 25.60
CA LEU C 455 41.63 18.60 25.54
C LEU C 455 42.97 18.37 26.24
N GLU C 456 43.03 17.60 27.32
CA GLU C 456 44.33 17.21 27.92
C GLU C 456 45.15 16.39 26.91
N ALA C 457 44.54 15.41 26.25
CA ALA C 457 45.26 14.57 25.27
C ALA C 457 45.79 15.41 24.11
N LEU C 458 45.07 16.47 23.71
CA LEU C 458 45.56 17.45 22.69
C LEU C 458 46.69 18.29 23.28
N TYR C 459 46.52 18.83 24.49
CA TYR C 459 47.55 19.68 25.15
C TYR C 459 48.88 18.93 25.25
N GLU C 460 48.87 17.63 25.57
CA GLU C 460 50.13 16.84 25.67
C GLU C 460 50.80 16.68 24.30
N TYR C 461 50.04 16.71 23.21
CA TYR C 461 50.60 16.72 21.84
C TYR C 461 51.02 18.15 21.43
N ALA C 462 50.77 19.17 22.25
CA ALA C 462 51.05 20.60 21.94
C ALA C 462 52.21 21.14 22.79
N ILE C 463 52.43 20.62 24.00
CA ILE C 463 53.65 20.95 24.80
C ILE C 463 54.82 20.06 24.35
N ASN C 464 54.57 18.86 23.85
CA ASN C 464 55.48 18.23 22.87
C ASN C 464 55.24 18.90 21.51
N LYS C 465 56.28 19.01 20.70
CA LYS C 465 56.26 19.80 19.43
C LYS C 465 55.94 21.27 19.75
N LYS C 466 56.27 21.74 20.96
CA LYS C 466 56.03 23.16 21.38
C LYS C 466 56.81 24.10 20.45
N SER C 467 57.92 23.65 19.90
CA SER C 467 58.73 24.44 18.93
C SER C 467 58.02 24.55 17.57
N GLU C 468 57.02 23.72 17.28
CA GLU C 468 56.37 23.69 15.94
C GLU C 468 55.05 24.45 15.96
N LEU C 469 54.64 25.05 17.08
CA LEU C 469 53.45 25.96 17.11
C LEU C 469 53.88 27.35 16.63
N THR C 470 54.34 27.46 15.39
CA THR C 470 54.75 28.74 14.76
C THR C 470 53.49 29.50 14.29
N ASN C 471 52.44 28.78 13.93
CA ASN C 471 51.24 29.33 13.22
C ASN C 471 50.29 30.03 14.20
N SER C 472 49.71 31.16 13.80
CA SER C 472 48.87 32.04 14.67
C SER C 472 47.53 31.39 15.02
N PHE C 473 46.89 30.66 14.11
CA PHE C 473 45.64 29.90 14.40
C PHE C 473 45.95 28.79 15.39
N ASP C 474 47.03 28.03 15.16
CA ASP C 474 47.48 26.93 16.05
C ASP C 474 47.80 27.50 17.45
N LEU C 475 48.47 28.64 17.55
CA LEU C 475 48.75 29.27 18.86
C LEU C 475 47.45 29.66 19.55
N ALA C 476 46.53 30.33 18.87
CA ALA C 476 45.26 30.80 19.46
C ALA C 476 44.45 29.59 19.96
N CYS C 477 44.49 28.48 19.23
CA CYS C 477 43.86 27.19 19.64
C CYS C 477 44.51 26.64 20.92
N VAL C 478 45.82 26.39 20.91
CA VAL C 478 46.54 25.81 22.08
C VAL C 478 46.46 26.75 23.30
N LEU C 479 46.52 28.07 23.10
CA LEU C 479 46.36 29.08 24.17
C LEU C 479 44.94 28.98 24.77
N SER C 480 43.91 28.73 23.95
CA SER C 480 42.52 28.55 24.42
C SER C 480 42.43 27.26 25.24
N ILE C 481 43.04 26.17 24.76
CA ILE C 481 43.04 24.84 25.46
C ILE C 481 43.77 24.96 26.81
N ALA C 482 44.94 25.60 26.83
CA ALA C 482 45.72 25.92 28.05
C ALA C 482 44.86 26.72 29.04
N ALA C 483 44.08 27.69 28.57
CA ALA C 483 43.20 28.52 29.43
C ALA C 483 42.06 27.67 30.01
N ILE C 484 41.48 26.74 29.24
CA ILE C 484 40.41 25.82 29.73
C ILE C 484 41.00 24.84 30.76
N LEU C 485 42.17 24.26 30.49
CA LEU C 485 42.82 23.28 31.40
C LEU C 485 43.49 23.98 32.60
N LYS C 486 43.64 25.31 32.56
CA LYS C 486 44.35 26.15 33.58
C LYS C 486 45.82 25.70 33.69
N ARG C 487 46.57 25.89 32.60
CA ARG C 487 47.99 25.49 32.46
C ARG C 487 48.82 26.57 31.76
N GLU C 488 50.14 26.37 31.74
CA GLU C 488 51.11 27.17 30.94
C GLU C 488 50.73 27.12 29.45
N ALA C 489 50.92 28.24 28.75
CA ALA C 489 50.66 28.40 27.30
C ALA C 489 51.95 28.82 26.58
N PRO C 490 52.14 28.46 25.28
CA PRO C 490 53.39 28.70 24.57
C PRO C 490 53.82 30.18 24.47
N ILE C 491 52.91 31.07 24.04
CA ILE C 491 53.08 32.56 24.09
C ILE C 491 51.73 33.21 24.43
N TYR C 492 51.76 34.39 25.04
CA TYR C 492 50.56 35.14 25.50
C TYR C 492 50.33 36.35 24.58
N ASN C 493 51.38 37.13 24.30
CA ASN C 493 51.32 38.38 23.51
C ASN C 493 51.46 38.10 21.99
N GLY C 494 50.78 38.91 21.17
CA GLY C 494 50.71 38.79 19.70
C GLY C 494 49.29 39.02 19.18
N THR C 495 49.05 38.79 17.89
CA THR C 495 47.68 38.91 17.31
C THR C 495 47.33 37.75 16.36
N LEU C 496 46.04 37.42 16.32
CA LEU C 496 45.43 36.57 15.27
C LEU C 496 44.58 37.47 14.39
N LEU C 497 44.79 37.40 13.07
CA LEU C 497 43.86 37.99 12.08
C LEU C 497 43.00 36.89 11.48
N MET C 498 41.69 37.01 11.59
CA MET C 498 40.75 36.02 11.03
C MET C 498 39.75 36.73 10.13
N LYS C 499 39.40 36.08 9.02
CA LYS C 499 38.69 36.73 7.91
C LYS C 499 37.42 35.96 7.56
N ASN C 500 36.44 36.68 7.04
CA ASN C 500 35.40 36.13 6.14
C ASN C 500 35.38 36.99 4.88
N SER C 501 34.44 36.70 3.97
CA SER C 501 34.36 37.38 2.67
C SER C 501 33.96 38.85 2.80
N PHE C 502 33.43 39.32 3.94
CA PHE C 502 32.94 40.73 4.09
C PHE C 502 33.73 41.52 5.14
N LEU C 503 34.38 40.83 6.07
CA LEU C 503 34.74 41.38 7.38
C LEU C 503 36.01 40.68 7.89
N GLU C 504 37.03 41.46 8.21
CA GLU C 504 38.33 40.99 8.72
C GLU C 504 38.47 41.42 10.19
N GLU C 505 38.56 40.46 11.11
CA GLU C 505 38.60 40.71 12.57
C GLU C 505 39.96 40.36 13.14
N THR C 506 40.60 41.32 13.79
CA THR C 506 41.92 41.12 14.44
C THR C 506 41.70 40.89 15.93
N PHE C 507 42.26 39.82 16.47
CA PHE C 507 42.16 39.50 17.92
C PHE C 507 43.54 39.61 18.55
N ASN C 508 43.67 40.28 19.69
CA ASN C 508 44.89 40.16 20.53
C ASN C 508 44.95 38.71 21.02
N LEU C 509 46.10 38.01 20.93
CA LEU C 509 46.18 36.60 21.39
C LEU C 509 45.80 36.52 22.88
N GLU C 510 46.12 37.56 23.65
CA GLU C 510 45.78 37.68 25.11
C GLU C 510 44.27 37.46 25.33
N SER C 511 43.42 37.92 24.41
CA SER C 511 41.94 37.84 24.55
C SER C 511 41.43 36.38 24.51
N PHE C 512 42.18 35.45 23.92
CA PHE C 512 41.80 34.01 23.89
C PHE C 512 41.83 33.37 25.28
N THR C 513 42.32 34.04 26.31
CA THR C 513 42.35 33.50 27.70
C THR C 513 41.12 33.95 28.50
N ALA C 514 40.31 34.88 28.01
CA ALA C 514 39.35 35.66 28.84
C ALA C 514 38.07 34.87 29.16
N ASP C 515 37.41 34.27 28.15
CA ASP C 515 36.05 33.69 28.30
C ASP C 515 35.96 32.36 27.56
N PRO C 516 35.28 31.33 28.12
CA PRO C 516 35.22 30.00 27.48
C PRO C 516 34.20 29.82 26.34
N GLU C 517 33.20 30.69 26.20
CA GLU C 517 32.16 30.57 25.13
C GLU C 517 32.43 31.55 24.00
N THR C 518 33.09 32.67 24.29
CA THR C 518 33.18 33.83 23.37
C THR C 518 34.60 34.37 23.31
N VAL C 519 34.86 35.19 22.31
CA VAL C 519 36.11 35.99 22.22
C VAL C 519 35.80 37.32 21.53
N THR C 520 36.43 38.39 21.99
CA THR C 520 36.10 39.77 21.60
C THR C 520 37.26 40.32 20.76
N SER C 521 36.97 40.79 19.54
CA SER C 521 38.00 41.32 18.63
C SER C 521 38.41 42.73 19.06
N THR C 522 39.44 43.30 18.42
CA THR C 522 39.95 44.66 18.72
C THR C 522 38.89 45.74 18.47
N THR C 523 37.84 45.42 17.71
CA THR C 523 36.67 46.30 17.41
C THR C 523 35.57 46.18 18.49
N ASN C 524 35.77 45.38 19.54
CA ASN C 524 34.75 45.10 20.59
C ASN C 524 33.54 44.32 20.04
N ASN C 525 33.58 43.82 18.80
CA ASN C 525 32.62 42.78 18.34
C ASN C 525 32.89 41.49 19.11
N THR C 526 31.87 40.82 19.61
CA THR C 526 32.04 39.56 20.38
C THR C 526 31.47 38.38 19.60
N TRP C 527 32.27 37.31 19.49
CA TRP C 527 32.04 36.17 18.60
C TRP C 527 32.02 34.87 19.39
N LYS C 528 31.18 33.92 19.01
CA LYS C 528 31.15 32.58 19.62
C LYS C 528 32.40 31.80 19.19
N ARG C 529 32.86 30.84 20.00
CA ARG C 529 34.03 29.99 19.69
C ARG C 529 33.64 28.70 18.98
N CYS C 530 34.55 28.14 18.19
CA CYS C 530 34.40 26.80 17.59
C CYS C 530 34.51 25.76 18.70
N GLY C 531 33.69 24.74 18.65
CA GLY C 531 33.64 23.66 19.65
C GLY C 531 34.91 22.83 19.69
N VAL C 532 35.53 22.59 18.54
CA VAL C 532 36.71 21.68 18.42
C VAL C 532 37.98 22.49 18.67
N THR C 533 38.17 23.61 17.97
CA THR C 533 39.45 24.38 17.98
C THR C 533 39.41 25.66 18.84
N LEU C 534 38.24 26.07 19.34
CA LEU C 534 38.07 27.26 20.23
C LEU C 534 38.40 28.60 19.52
N LEU C 535 38.68 28.60 18.20
CA LEU C 535 38.81 29.81 17.34
C LEU C 535 37.45 30.48 17.15
N PRO C 536 37.35 31.81 16.90
CA PRO C 536 36.05 32.45 16.71
C PRO C 536 35.33 32.01 15.43
N ILE C 537 34.04 31.74 15.54
CA ILE C 537 33.18 31.48 14.37
C ILE C 537 32.77 32.83 13.79
N LEU C 538 33.38 33.22 12.68
CA LEU C 538 32.99 34.45 11.94
C LEU C 538 32.12 34.09 10.73
N THR C 539 31.45 32.95 10.72
CA THR C 539 30.81 32.45 9.48
C THR C 539 29.60 31.57 9.78
N THR C 540 28.72 31.46 8.79
CA THR C 540 27.60 30.49 8.72
C THR C 540 28.07 29.16 8.12
N HIS C 541 29.25 29.11 7.51
CA HIS C 541 29.82 27.85 6.94
C HIS C 541 30.35 26.98 8.08
N VAL C 542 29.43 26.33 8.79
CA VAL C 542 29.75 25.53 10.00
C VAL C 542 28.91 24.26 10.01
N LYS C 543 29.34 23.31 10.82
CA LYS C 543 28.58 22.08 11.08
C LYS C 543 28.22 22.07 12.55
N ILE C 544 27.02 21.59 12.86
CA ILE C 544 26.42 21.71 14.22
C ILE C 544 26.38 20.33 14.85
N CYS C 545 26.86 20.20 16.07
CA CYS C 545 26.69 18.95 16.84
C CYS C 545 25.23 18.82 17.28
N PRO C 546 24.49 17.76 16.90
CA PRO C 546 23.08 17.63 17.26
C PRO C 546 22.80 17.48 18.77
N VAL C 547 23.78 17.11 19.60
CA VAL C 547 23.56 16.94 21.05
C VAL C 547 24.00 18.20 21.80
N SER C 548 25.27 18.56 21.70
CA SER C 548 25.84 19.70 22.45
C SER C 548 25.47 21.06 21.84
N LYS C 549 25.01 21.09 20.58
CA LYS C 549 24.69 22.32 19.79
C LYS C 549 25.93 23.21 19.60
N GLN C 550 27.13 22.70 19.87
CA GLN C 550 28.40 23.35 19.53
C GLN C 550 28.53 23.44 18.00
N ARG C 551 29.08 24.53 17.51
CA ARG C 551 29.36 24.73 16.06
C ARG C 551 30.83 24.42 15.80
N VAL C 552 31.11 23.74 14.70
CA VAL C 552 32.50 23.40 14.27
C VAL C 552 32.78 24.16 12.97
N ILE C 553 33.90 24.86 12.88
CA ILE C 553 34.35 25.49 11.60
C ILE C 553 34.44 24.39 10.54
N ASP C 554 33.83 24.63 9.39
CA ASP C 554 33.84 23.67 8.26
C ASP C 554 35.09 23.96 7.40
N ILE C 555 36.16 23.21 7.66
CA ILE C 555 37.48 23.41 6.98
C ILE C 555 37.31 23.31 5.46
N LYS C 556 36.29 22.60 4.99
CA LYS C 556 36.04 22.41 3.54
C LYS C 556 35.34 23.62 2.90
N ARG C 557 34.94 24.64 3.67
CA ARG C 557 34.32 25.86 3.08
C ARG C 557 35.04 27.11 3.59
N ASP C 558 36.31 26.99 3.96
CA ASP C 558 37.12 28.16 4.38
C ASP C 558 38.46 28.08 3.67
N ASP C 559 38.60 28.81 2.57
CA ASP C 559 39.88 28.93 1.81
C ASP C 559 40.71 30.12 2.32
N LEU C 560 40.12 31.01 3.11
CA LEU C 560 40.71 32.35 3.41
C LEU C 560 41.71 32.28 4.56
N ASN C 561 41.47 31.43 5.56
CA ASN C 561 42.27 31.41 6.80
C ASN C 561 43.37 30.34 6.69
N ASP C 562 44.60 30.74 7.04
CA ASP C 562 45.81 29.92 6.87
C ASP C 562 45.98 29.01 8.09
N TYR C 563 45.04 28.09 8.29
CA TYR C 563 45.07 27.16 9.42
C TYR C 563 46.35 26.32 9.34
N GLY C 564 47.08 26.25 10.46
CA GLY C 564 48.30 25.44 10.55
C GLY C 564 48.03 23.96 10.68
N TRP C 565 49.10 23.18 10.81
CA TRP C 565 49.06 21.69 10.85
C TRP C 565 48.17 21.22 11.99
N PHE C 566 48.13 21.93 13.12
CA PHE C 566 47.36 21.48 14.31
C PHE C 566 45.87 21.77 14.09
N THR C 567 45.50 23.04 13.93
CA THR C 567 44.07 23.43 13.77
C THR C 567 43.50 22.81 12.49
N ARG C 568 44.25 22.75 11.40
CA ARG C 568 43.74 22.06 10.17
C ARG C 568 43.57 20.56 10.45
N GLY C 569 44.53 19.94 11.15
CA GLY C 569 44.46 18.51 11.48
C GLY C 569 43.21 18.18 12.29
N LEU C 570 42.90 19.01 13.30
CA LEU C 570 41.67 18.87 14.11
C LEU C 570 40.44 19.06 13.20
N LEU C 571 40.37 20.16 12.44
CA LEU C 571 39.17 20.49 11.64
C LEU C 571 39.02 19.53 10.45
N GLU C 572 40.09 18.94 9.95
CA GLU C 572 39.97 17.86 8.94
C GLU C 572 39.45 16.59 9.62
N ARG C 573 40.02 16.22 10.76
CA ARG C 573 39.68 14.93 11.44
C ARG C 573 38.25 14.97 11.98
N PHE C 574 37.76 16.14 12.41
CA PHE C 574 36.43 16.28 13.05
C PHE C 574 35.47 17.07 12.14
N ASN C 575 35.58 16.89 10.83
CA ASN C 575 34.67 17.53 9.86
C ASN C 575 33.31 16.82 9.83
N GLU C 576 33.23 15.54 10.19
CA GLU C 576 31.97 14.77 9.99
C GLU C 576 31.42 14.24 11.31
N ILE C 577 32.29 13.99 12.31
CA ILE C 577 31.89 13.36 13.59
C ILE C 577 32.18 14.31 14.75
N SER C 578 31.18 14.46 15.62
CA SER C 578 31.23 15.27 16.86
C SER C 578 32.24 14.69 17.85
N VAL C 579 33.18 15.51 18.32
CA VAL C 579 34.15 15.11 19.37
C VAL C 579 33.41 14.93 20.70
N TYR C 580 32.28 15.60 20.89
CA TYR C 580 31.49 15.57 22.15
C TYR C 580 30.75 14.25 22.29
N CYS C 581 30.10 13.76 21.24
CA CYS C 581 29.14 12.64 21.37
C CYS C 581 29.33 11.56 20.31
N GLY C 582 30.24 11.73 19.36
CA GLY C 582 30.41 10.76 18.25
C GLY C 582 29.28 10.82 17.25
N THR C 583 28.32 11.74 17.38
CA THR C 583 27.20 11.85 16.41
C THR C 583 27.71 12.48 15.11
N THR C 584 27.10 12.16 13.99
CA THR C 584 27.32 12.84 12.69
C THR C 584 26.90 14.31 12.83
N LEU C 585 27.74 15.25 12.40
CA LEU C 585 27.40 16.69 12.47
C LEU C 585 26.34 17.06 11.42
N GLU C 586 25.39 17.91 11.80
CA GLU C 586 24.41 18.53 10.87
C GLU C 586 25.10 19.64 10.07
N VAL C 587 24.66 19.88 8.84
CA VAL C 587 25.32 20.86 7.93
C VAL C 587 24.45 22.12 7.80
N MET C 588 25.06 23.28 8.03
CA MET C 588 24.46 24.60 7.70
C MET C 588 24.93 25.00 6.31
#